data_6WK0
#
_entry.id   6WK0
#
_cell.length_a   52.020
_cell.length_b   89.350
_cell.length_c   144.700
_cell.angle_alpha   90.00
_cell.angle_beta   98.61
_cell.angle_gamma   90.00
#
_symmetry.space_group_name_H-M   'P 1 21 1'
#
loop_
_entity.id
_entity.type
_entity.pdbx_description
1 polymer Ribokinase
2 non-polymer 'PHOSPHOMETHYLPHOSPHONIC ACID ADENYLATE ESTER'
3 non-polymer 'SODIUM ION'
4 non-polymer alpha-D-ribofuranose
5 water water
#
_entity_poly.entity_id   1
_entity_poly.type   'polypeptide(L)'
_entity_poly.pdbx_seq_one_letter_code
;EVAAVVVVGSCMTDLVSLTSRLPKTGETIHGHKFFIGFGGKGANQCVQAARLGAMTSMVCKVGKDSFGNDYIENLKQNDI
STEFTYQTKDAATGTASIIVNNEGQNIIVIVAGANLLLNTEDLRAAANVISRAKVMVCQLEITPATSLEALTMARRSGVK
TLFNPAPAIADLDPQFYTLSDVFCCNESEAEILTGLTVGSAADAGEAALVLLKRGCQVVIITLGAEGCVVLSQTEPEPKH
IPTEKVKAVDTTGAGDSFVGALAFYLAYYPNLSLEDMLNRSNFIAAVSVQAAGTQSSYPYKKDLPLTLFLEHHHHHH
;
_entity_poly.pdbx_strand_id   A,B,C,D
#
loop_
_chem_comp.id
_chem_comp.type
_chem_comp.name
_chem_comp.formula
ACP non-polymer 'PHOSPHOMETHYLPHOSPHONIC ACID ADENYLATE ESTER' 'C11 H18 N5 O12 P3'
NA non-polymer 'SODIUM ION' 'Na 1'
RIB D-saccharide, alpha linking alpha-D-ribofuranose 'C5 H10 O5'
#
# COMPACT_ATOMS: atom_id res chain seq x y z
N GLU A 1 -10.43 -14.26 -17.39
CA GLU A 1 -11.56 -13.68 -18.19
C GLU A 1 -12.31 -12.67 -17.27
N VAL A 2 -12.61 -13.00 -16.00
CA VAL A 2 -13.59 -12.25 -15.13
C VAL A 2 -12.91 -11.03 -14.48
N ALA A 3 -13.50 -9.85 -14.61
CA ALA A 3 -13.04 -8.60 -13.95
C ALA A 3 -13.33 -8.73 -12.45
N ALA A 4 -12.32 -8.46 -11.62
CA ALA A 4 -12.44 -8.40 -10.14
C ALA A 4 -12.89 -7.01 -9.67
N VAL A 5 -12.61 -5.97 -10.42
CA VAL A 5 -12.98 -4.56 -10.07
C VAL A 5 -13.87 -4.02 -11.19
N VAL A 6 -15.11 -3.70 -10.86
N VAL A 6 -15.11 -3.70 -10.86
CA VAL A 6 -16.05 -3.08 -11.82
CA VAL A 6 -16.05 -3.09 -11.81
C VAL A 6 -16.29 -1.66 -11.33
C VAL A 6 -16.29 -1.66 -11.33
N VAL A 7 -16.09 -0.70 -12.22
CA VAL A 7 -16.42 0.72 -11.94
C VAL A 7 -17.62 1.10 -12.76
N VAL A 8 -18.68 1.55 -12.10
CA VAL A 8 -19.86 2.13 -12.77
C VAL A 8 -19.80 3.61 -12.51
N GLY A 9 -19.45 4.38 -13.53
CA GLY A 9 -19.31 5.84 -13.33
C GLY A 9 -18.90 6.53 -14.62
N SER A 10 -18.12 7.60 -14.46
CA SER A 10 -18.03 8.72 -15.41
C SER A 10 -16.71 8.66 -16.19
N CYS A 11 -16.82 8.99 -17.47
CA CYS A 11 -15.67 9.37 -18.37
C CYS A 11 -15.96 10.79 -18.87
N MET A 12 -14.94 11.65 -18.77
CA MET A 12 -15.00 13.06 -19.15
C MET A 12 -13.70 13.41 -19.86
N THR A 13 -13.83 14.16 -20.95
CA THR A 13 -12.68 14.77 -21.63
C THR A 13 -12.34 16.05 -20.88
N ASP A 14 -11.10 16.18 -20.41
CA ASP A 14 -10.60 17.42 -19.75
C ASP A 14 -10.09 18.35 -20.84
N LEU A 15 -10.66 19.55 -20.93
CA LEU A 15 -10.32 20.60 -21.90
C LEU A 15 -9.73 21.75 -21.06
N VAL A 16 -8.41 21.85 -21.00
CA VAL A 16 -7.70 22.70 -20.01
C VAL A 16 -7.03 23.87 -20.69
N SER A 17 -7.35 25.09 -20.29
CA SER A 17 -6.76 26.34 -20.78
C SER A 17 -6.02 27.01 -19.62
N LEU A 18 -4.73 27.30 -19.76
CA LEU A 18 -3.91 28.08 -18.79
C LEU A 18 -3.92 29.54 -19.22
N THR A 19 -4.23 30.47 -18.31
CA THR A 19 -4.29 31.95 -18.55
C THR A 19 -3.55 32.70 -17.44
N SER A 20 -3.28 33.98 -17.62
CA SER A 20 -2.67 34.81 -16.55
C SER A 20 -3.76 35.26 -15.57
N ARG A 21 -4.98 35.55 -16.06
CA ARG A 21 -6.14 35.78 -15.16
C ARG A 21 -7.37 35.01 -15.66
N LEU A 22 -8.31 34.80 -14.75
CA LEU A 22 -9.63 34.22 -15.05
C LEU A 22 -10.50 35.32 -15.66
N PRO A 23 -11.39 34.98 -16.62
CA PRO A 23 -12.21 36.00 -17.28
C PRO A 23 -13.45 36.40 -16.48
N LYS A 24 -13.89 37.66 -16.61
CA LYS A 24 -15.20 38.18 -16.10
C LYS A 24 -16.29 37.99 -17.17
N THR A 25 -17.59 37.95 -16.79
CA THR A 25 -18.77 37.97 -17.71
C THR A 25 -18.47 38.91 -18.87
N GLY A 26 -18.73 38.46 -20.11
CA GLY A 26 -18.63 39.24 -21.35
C GLY A 26 -17.22 39.37 -21.89
N GLU A 27 -16.21 38.83 -21.20
CA GLU A 27 -14.78 38.96 -21.56
C GLU A 27 -14.32 37.81 -22.47
N THR A 28 -13.53 38.17 -23.50
CA THR A 28 -12.66 37.28 -24.30
C THR A 28 -11.24 37.49 -23.81
N ILE A 29 -10.55 36.45 -23.37
CA ILE A 29 -9.14 36.57 -22.92
C ILE A 29 -8.29 35.55 -23.70
N HIS A 30 -7.01 35.87 -23.84
CA HIS A 30 -5.99 34.97 -24.44
C HIS A 30 -5.35 34.11 -23.35
N GLY A 31 -5.41 32.80 -23.45
CA GLY A 31 -4.58 31.89 -22.64
C GLY A 31 -3.27 31.60 -23.32
N HIS A 32 -2.35 30.89 -22.68
CA HIS A 32 -1.01 30.63 -23.24
C HIS A 32 -0.82 29.13 -23.42
N LYS A 33 -1.76 28.29 -22.96
CA LYS A 33 -1.66 26.84 -23.24
C LYS A 33 -3.04 26.19 -23.20
N PHE A 34 -3.24 25.21 -24.07
CA PHE A 34 -4.47 24.39 -24.11
C PHE A 34 -4.07 22.93 -24.25
N PHE A 35 -4.71 22.03 -23.51
CA PHE A 35 -4.47 20.57 -23.67
C PHE A 35 -5.72 19.76 -23.23
N ILE A 36 -5.80 18.60 -23.88
CA ILE A 36 -6.92 17.61 -23.79
C ILE A 36 -6.42 16.44 -22.93
N GLY A 37 -7.11 16.09 -21.86
CA GLY A 37 -6.74 14.98 -20.99
C GLY A 37 -7.93 14.06 -20.75
N PHE A 38 -7.67 12.82 -20.36
CA PHE A 38 -8.71 11.82 -20.05
C PHE A 38 -9.02 11.92 -18.54
N GLY A 39 -10.26 12.24 -18.19
CA GLY A 39 -10.69 12.41 -16.79
C GLY A 39 -12.03 11.72 -16.57
N GLY A 40 -12.79 12.23 -15.62
CA GLY A 40 -13.92 11.53 -14.99
C GLY A 40 -13.43 10.67 -13.82
N LYS A 41 -14.05 10.83 -12.66
CA LYS A 41 -13.70 10.13 -11.43
C LYS A 41 -13.76 8.61 -11.66
N GLY A 42 -14.79 8.12 -12.33
CA GLY A 42 -14.96 6.69 -12.59
C GLY A 42 -13.78 6.15 -13.36
N ALA A 43 -13.47 6.73 -14.51
CA ALA A 43 -12.35 6.26 -15.34
C ALA A 43 -11.02 6.42 -14.57
N ASN A 44 -10.83 7.50 -13.83
CA ASN A 44 -9.55 7.75 -13.13
C ASN A 44 -9.34 6.58 -12.12
N GLN A 45 -10.36 6.24 -11.33
CA GLN A 45 -10.34 5.19 -10.31
C GLN A 45 -10.04 3.85 -11.00
N CYS A 46 -10.69 3.59 -12.14
CA CYS A 46 -10.56 2.34 -12.90
C CYS A 46 -9.13 2.23 -13.40
N VAL A 47 -8.58 3.32 -13.92
CA VAL A 47 -7.21 3.36 -14.46
C VAL A 47 -6.21 3.05 -13.33
N GLN A 48 -6.33 3.69 -12.17
CA GLN A 48 -5.32 3.43 -11.11
C GLN A 48 -5.38 1.94 -10.74
N ALA A 49 -6.60 1.37 -10.55
CA ALA A 49 -6.75 -0.06 -10.20
C ALA A 49 -6.07 -0.93 -11.27
N ALA A 50 -6.35 -0.66 -12.55
CA ALA A 50 -5.79 -1.42 -13.68
C ALA A 50 -4.26 -1.32 -13.64
N ARG A 51 -3.70 -0.14 -13.40
CA ARG A 51 -2.23 0.01 -13.43
C ARG A 51 -1.52 -0.77 -12.32
N LEU A 52 -2.21 -1.05 -11.21
CA LEU A 52 -1.64 -1.82 -10.08
C LEU A 52 -1.66 -3.32 -10.41
N GLY A 53 -2.43 -3.73 -11.44
CA GLY A 53 -2.55 -5.12 -11.89
C GLY A 53 -3.99 -5.64 -11.83
N ALA A 54 -4.99 -4.86 -11.46
CA ALA A 54 -6.38 -5.35 -11.39
C ALA A 54 -6.91 -5.65 -12.81
N MET A 55 -7.70 -6.71 -12.93
N MET A 55 -7.71 -6.71 -12.93
CA MET A 55 -8.62 -7.00 -14.07
CA MET A 55 -8.58 -6.96 -14.10
C MET A 55 -9.88 -6.18 -13.82
C MET A 55 -9.89 -6.18 -13.83
N THR A 56 -10.13 -5.16 -14.64
CA THR A 56 -11.17 -4.12 -14.43
C THR A 56 -12.11 -4.06 -15.61
N SER A 57 -13.30 -3.54 -15.35
CA SER A 57 -14.32 -3.34 -16.37
C SER A 57 -14.96 -1.99 -16.08
N MET A 58 -15.06 -1.15 -17.11
CA MET A 58 -15.57 0.23 -17.00
C MET A 58 -16.97 0.24 -17.62
N VAL A 59 -17.99 0.37 -16.78
CA VAL A 59 -19.41 0.48 -17.16
C VAL A 59 -19.70 1.97 -17.16
N CYS A 60 -19.90 2.52 -18.35
CA CYS A 60 -20.12 3.95 -18.56
C CYS A 60 -20.75 4.16 -19.94
N LYS A 61 -21.05 5.43 -20.22
CA LYS A 61 -21.59 5.88 -21.51
C LYS A 61 -20.82 7.12 -21.96
N VAL A 62 -20.30 7.07 -23.18
CA VAL A 62 -19.69 8.21 -23.91
C VAL A 62 -20.51 8.47 -25.19
N GLY A 63 -20.11 9.50 -25.94
CA GLY A 63 -20.77 9.88 -27.18
C GLY A 63 -20.27 9.07 -28.35
N LYS A 64 -21.05 9.08 -29.43
CA LYS A 64 -20.64 8.62 -30.78
C LYS A 64 -19.93 9.78 -31.47
N ASP A 65 -18.86 10.25 -30.86
CA ASP A 65 -18.08 11.42 -31.32
C ASP A 65 -16.61 11.03 -31.18
N SER A 66 -15.73 11.86 -31.69
CA SER A 66 -14.27 11.65 -31.68
C SER A 66 -13.79 11.55 -30.25
N PHE A 67 -14.24 12.42 -29.37
CA PHE A 67 -13.83 12.39 -27.92
C PHE A 67 -14.22 11.04 -27.28
N GLY A 68 -15.40 10.50 -27.59
CA GLY A 68 -15.85 9.17 -27.14
C GLY A 68 -14.99 8.05 -27.70
N ASN A 69 -14.69 8.06 -29.01
CA ASN A 69 -13.80 7.07 -29.63
C ASN A 69 -12.45 7.13 -28.96
N ASP A 70 -11.91 8.32 -28.72
CA ASP A 70 -10.59 8.47 -28.08
C ASP A 70 -10.68 7.91 -26.65
N TYR A 71 -11.80 8.13 -25.94
CA TYR A 71 -11.93 7.64 -24.54
C TYR A 71 -11.88 6.09 -24.51
N ILE A 72 -12.62 5.43 -25.39
CA ILE A 72 -12.63 3.93 -25.47
C ILE A 72 -11.18 3.46 -25.70
N GLU A 73 -10.43 4.12 -26.59
CA GLU A 73 -9.04 3.69 -26.88
C GLU A 73 -8.17 3.90 -25.63
N ASN A 74 -8.35 5.00 -24.91
CA ASN A 74 -7.66 5.28 -23.62
C ASN A 74 -7.92 4.11 -22.65
N LEU A 75 -9.17 3.67 -22.49
CA LEU A 75 -9.47 2.57 -21.54
C LEU A 75 -8.78 1.28 -22.03
N LYS A 76 -8.85 0.94 -23.32
CA LYS A 76 -8.18 -0.28 -23.86
C LYS A 76 -6.67 -0.16 -23.69
N GLN A 77 -6.08 1.03 -23.86
CA GLN A 77 -4.62 1.22 -23.64
C GLN A 77 -4.23 0.96 -22.17
N ASN A 78 -5.14 1.14 -21.21
CA ASN A 78 -4.88 0.82 -19.79
C ASN A 78 -5.34 -0.60 -19.44
N ASP A 79 -5.62 -1.43 -20.46
CA ASP A 79 -6.07 -2.84 -20.33
C ASP A 79 -7.38 -2.95 -19.53
N ILE A 80 -8.25 -1.94 -19.63
CA ILE A 80 -9.62 -1.92 -19.04
C ILE A 80 -10.62 -2.52 -20.04
N SER A 81 -11.46 -3.45 -19.61
CA SER A 81 -12.54 -4.00 -20.47
C SER A 81 -13.54 -2.89 -20.79
N THR A 82 -13.91 -2.75 -22.04
CA THR A 82 -14.93 -1.78 -22.52
C THR A 82 -16.21 -2.52 -23.00
N GLU A 83 -16.44 -3.75 -22.57
CA GLU A 83 -17.63 -4.57 -22.94
C GLU A 83 -18.92 -3.75 -22.74
N PHE A 84 -19.04 -3.03 -21.63
CA PHE A 84 -20.22 -2.25 -21.22
C PHE A 84 -19.82 -0.78 -21.05
N THR A 85 -18.88 -0.33 -21.89
CA THR A 85 -18.68 1.08 -22.27
C THR A 85 -19.59 1.33 -23.46
N TYR A 86 -20.69 2.03 -23.23
CA TYR A 86 -21.72 2.28 -24.28
C TYR A 86 -21.39 3.60 -24.97
N GLN A 87 -21.79 3.68 -26.26
CA GLN A 87 -21.70 4.93 -27.02
C GLN A 87 -23.12 5.31 -27.45
N THR A 88 -23.50 6.56 -27.31
CA THR A 88 -24.87 7.02 -27.67
C THR A 88 -24.73 8.21 -28.63
N LYS A 89 -25.57 8.30 -29.65
CA LYS A 89 -25.73 9.45 -30.56
C LYS A 89 -26.53 10.55 -29.84
N ASP A 90 -27.11 10.30 -28.66
CA ASP A 90 -28.10 11.23 -28.04
C ASP A 90 -27.43 12.33 -27.18
N ALA A 91 -26.14 12.21 -26.91
CA ALA A 91 -25.42 13.34 -26.28
C ALA A 91 -23.91 13.15 -26.58
N ALA A 92 -23.20 14.27 -26.42
CA ALA A 92 -21.73 14.31 -26.52
C ALA A 92 -21.12 13.58 -25.31
N THR A 93 -19.89 13.09 -25.53
CA THR A 93 -19.03 12.59 -24.42
C THR A 93 -18.97 13.69 -23.35
N GLY A 94 -19.00 13.34 -22.08
CA GLY A 94 -18.89 14.30 -20.97
C GLY A 94 -17.61 15.14 -21.09
N THR A 95 -17.70 16.41 -20.71
CA THR A 95 -16.62 17.39 -20.73
C THR A 95 -16.44 17.99 -19.33
N ALA A 96 -15.19 18.29 -18.99
CA ALA A 96 -14.79 19.21 -17.91
C ALA A 96 -13.92 20.31 -18.54
N SER A 97 -14.47 21.49 -18.76
CA SER A 97 -13.72 22.64 -19.30
C SER A 97 -13.12 23.36 -18.11
N ILE A 98 -11.81 23.46 -18.07
CA ILE A 98 -11.04 23.96 -16.90
C ILE A 98 -10.18 25.14 -17.38
N ILE A 99 -10.42 26.32 -16.82
CA ILE A 99 -9.55 27.52 -17.01
C ILE A 99 -8.78 27.74 -15.70
N VAL A 100 -7.45 27.75 -15.79
CA VAL A 100 -6.53 27.81 -14.62
C VAL A 100 -5.64 29.04 -14.76
N ASN A 101 -5.55 29.91 -13.76
CA ASN A 101 -4.71 31.12 -13.84
C ASN A 101 -3.29 30.77 -13.31
N ASN A 102 -2.38 31.76 -13.31
CA ASN A 102 -0.95 31.58 -12.93
C ASN A 102 -0.84 31.07 -11.48
N GLU A 103 -1.72 31.55 -10.60
CA GLU A 103 -1.73 31.22 -9.16
C GLU A 103 -2.40 29.86 -8.89
N GLY A 104 -2.92 29.16 -9.92
CA GLY A 104 -3.60 27.87 -9.75
C GLY A 104 -5.09 27.98 -9.38
N GLN A 105 -5.69 29.18 -9.29
CA GLN A 105 -7.17 29.33 -9.11
C GLN A 105 -7.89 29.00 -10.43
N ASN A 106 -9.07 28.42 -10.38
CA ASN A 106 -9.69 27.89 -11.61
C ASN A 106 -11.20 28.18 -11.63
N ILE A 107 -11.78 28.13 -12.82
CA ILE A 107 -13.23 27.88 -13.04
C ILE A 107 -13.40 26.60 -13.85
N ILE A 108 -14.42 25.83 -13.50
CA ILE A 108 -14.70 24.50 -14.10
C ILE A 108 -16.17 24.47 -14.51
N VAL A 109 -16.39 24.11 -15.76
CA VAL A 109 -17.74 23.87 -16.32
C VAL A 109 -17.76 22.43 -16.79
N ILE A 110 -18.57 21.63 -16.10
CA ILE A 110 -18.76 20.19 -16.38
C ILE A 110 -20.06 20.08 -17.15
N VAL A 111 -20.03 19.38 -18.30
CA VAL A 111 -21.28 18.96 -19.00
C VAL A 111 -21.24 17.46 -18.99
N ALA A 112 -22.03 16.81 -18.14
CA ALA A 112 -21.97 15.35 -17.91
C ALA A 112 -22.36 14.63 -19.20
N GLY A 113 -23.27 15.24 -20.00
CA GLY A 113 -23.59 14.72 -21.34
C GLY A 113 -23.98 13.22 -21.31
N ALA A 114 -23.29 12.40 -22.09
CA ALA A 114 -23.61 10.93 -22.23
C ALA A 114 -23.55 10.21 -20.88
N ASN A 115 -22.73 10.69 -19.95
CA ASN A 115 -22.65 10.09 -18.58
C ASN A 115 -24.06 9.96 -17.98
N LEU A 116 -24.91 10.96 -18.18
CA LEU A 116 -26.22 11.04 -17.53
C LEU A 116 -27.19 10.08 -18.19
N LEU A 117 -26.85 9.53 -19.36
CA LEU A 117 -27.78 8.65 -20.14
C LEU A 117 -27.48 7.18 -19.81
N LEU A 118 -26.47 6.87 -18.98
CA LEU A 118 -26.27 5.49 -18.48
C LEU A 118 -27.43 5.14 -17.54
N ASN A 119 -28.23 4.15 -17.88
CA ASN A 119 -29.56 3.90 -17.26
C ASN A 119 -29.60 2.47 -16.69
N THR A 120 -30.72 2.10 -16.06
CA THR A 120 -30.86 0.79 -15.37
C THR A 120 -30.90 -0.35 -16.42
N GLU A 121 -31.42 -0.13 -17.63
CA GLU A 121 -31.34 -1.14 -18.73
C GLU A 121 -29.86 -1.45 -19.07
N ASP A 122 -29.01 -0.42 -19.11
CA ASP A 122 -27.58 -0.57 -19.42
C ASP A 122 -26.92 -1.42 -18.32
N LEU A 123 -27.34 -1.26 -17.06
CA LEU A 123 -26.75 -2.01 -15.94
C LEU A 123 -27.23 -3.47 -16.00
N ARG A 124 -28.49 -3.72 -16.34
CA ARG A 124 -29.04 -5.09 -16.45
C ARG A 124 -28.22 -5.87 -17.49
N ALA A 125 -27.90 -5.28 -18.63
CA ALA A 125 -27.09 -5.97 -19.67
C ALA A 125 -25.67 -6.23 -19.10
N ALA A 126 -25.17 -5.40 -18.21
CA ALA A 126 -23.83 -5.55 -17.60
C ALA A 126 -23.89 -6.47 -16.35
N ALA A 127 -25.05 -7.05 -16.05
CA ALA A 127 -25.31 -7.72 -14.74
C ALA A 127 -24.32 -8.88 -14.54
N ASN A 128 -23.88 -9.55 -15.60
CA ASN A 128 -22.96 -10.72 -15.45
C ASN A 128 -21.62 -10.24 -14.95
N VAL A 129 -21.11 -9.13 -15.46
CA VAL A 129 -19.83 -8.56 -15.01
C VAL A 129 -19.97 -8.06 -13.56
N ILE A 130 -21.05 -7.34 -13.25
CA ILE A 130 -21.23 -6.66 -11.92
C ILE A 130 -21.33 -7.74 -10.85
N SER A 131 -22.08 -8.80 -11.10
CA SER A 131 -22.44 -9.79 -10.07
C SER A 131 -21.24 -10.69 -9.76
N ARG A 132 -20.25 -10.75 -10.64
CA ARG A 132 -19.11 -11.71 -10.55
C ARG A 132 -17.82 -10.98 -10.15
N ALA A 133 -17.90 -9.67 -9.88
CA ALA A 133 -16.72 -8.88 -9.46
C ALA A 133 -16.43 -9.11 -7.97
N LYS A 134 -15.29 -8.64 -7.48
CA LYS A 134 -15.01 -8.61 -6.02
C LYS A 134 -15.45 -7.27 -5.46
N VAL A 135 -15.30 -6.19 -6.26
CA VAL A 135 -15.53 -4.80 -5.80
C VAL A 135 -16.24 -4.02 -6.91
N MET A 136 -17.27 -3.29 -6.51
N MET A 136 -17.28 -3.29 -6.51
CA MET A 136 -18.00 -2.32 -7.35
CA MET A 136 -18.01 -2.32 -7.36
C MET A 136 -17.70 -0.92 -6.82
C MET A 136 -17.70 -0.92 -6.82
N VAL A 137 -17.22 -0.04 -7.68
CA VAL A 137 -16.92 1.37 -7.34
C VAL A 137 -17.89 2.32 -8.06
N CYS A 138 -18.40 3.30 -7.32
N CYS A 138 -18.42 3.29 -7.33
CA CYS A 138 -19.31 4.34 -7.85
CA CYS A 138 -19.29 4.35 -7.90
C CYS A 138 -18.95 5.70 -7.25
C CYS A 138 -18.96 5.70 -7.25
N GLN A 139 -19.36 6.77 -7.94
CA GLN A 139 -19.20 8.17 -7.51
C GLN A 139 -20.53 8.89 -7.76
N LEU A 140 -20.52 10.23 -7.76
CA LEU A 140 -21.75 11.02 -8.00
C LEU A 140 -21.58 11.86 -9.26
N GLU A 141 -20.99 11.31 -10.31
CA GLU A 141 -20.83 12.02 -11.61
C GLU A 141 -21.77 11.44 -12.66
N ILE A 142 -22.54 10.38 -12.40
CA ILE A 142 -23.61 9.91 -13.35
C ILE A 142 -24.95 10.16 -12.68
N THR A 143 -26.06 9.63 -13.22
CA THR A 143 -27.38 9.78 -12.58
C THR A 143 -27.33 9.13 -11.21
N PRO A 144 -27.72 9.83 -10.12
CA PRO A 144 -27.80 9.21 -8.80
C PRO A 144 -28.57 7.86 -8.84
N ALA A 145 -29.74 7.82 -9.47
CA ALA A 145 -30.56 6.57 -9.51
C ALA A 145 -29.75 5.40 -10.12
N THR A 146 -28.89 5.67 -11.08
CA THR A 146 -28.08 4.62 -11.73
C THR A 146 -26.99 4.11 -10.77
N SER A 147 -26.29 4.99 -10.08
CA SER A 147 -25.32 4.59 -9.05
C SER A 147 -26.05 3.78 -7.98
N LEU A 148 -27.20 4.21 -7.49
CA LEU A 148 -27.98 3.44 -6.47
C LEU A 148 -28.31 2.05 -7.00
N GLU A 149 -28.73 1.90 -8.25
CA GLU A 149 -29.07 0.57 -8.82
C GLU A 149 -27.78 -0.27 -8.91
N ALA A 150 -26.62 0.30 -9.24
CA ALA A 150 -25.34 -0.43 -9.31
C ALA A 150 -25.00 -0.95 -7.92
N LEU A 151 -25.17 -0.11 -6.90
CA LEU A 151 -24.91 -0.48 -5.48
C LEU A 151 -25.87 -1.60 -5.04
N THR A 152 -27.15 -1.49 -5.37
CA THR A 152 -28.20 -2.50 -5.07
C THR A 152 -27.76 -3.83 -5.72
N MET A 153 -27.39 -3.82 -7.00
CA MET A 153 -27.04 -5.08 -7.71
C MET A 153 -25.83 -5.72 -7.04
N ALA A 154 -24.81 -4.93 -6.76
CA ALA A 154 -23.58 -5.40 -6.13
C ALA A 154 -23.94 -5.97 -4.75
N ARG A 155 -24.69 -5.24 -3.93
CA ARG A 155 -25.06 -5.76 -2.59
C ARG A 155 -25.76 -7.12 -2.72
N ARG A 156 -26.75 -7.27 -3.61
CA ARG A 156 -27.51 -8.54 -3.61
C ARG A 156 -26.62 -9.70 -4.15
N SER A 157 -25.51 -9.42 -4.83
CA SER A 157 -24.57 -10.40 -5.40
C SER A 157 -23.42 -10.70 -4.44
N GLY A 158 -23.40 -10.09 -3.25
CA GLY A 158 -22.30 -10.17 -2.29
C GLY A 158 -21.01 -9.53 -2.81
N VAL A 159 -21.13 -8.58 -3.72
CA VAL A 159 -19.94 -7.81 -4.21
C VAL A 159 -19.72 -6.65 -3.24
N LYS A 160 -18.48 -6.42 -2.87
CA LYS A 160 -18.14 -5.29 -1.98
C LYS A 160 -18.43 -3.94 -2.67
N THR A 161 -19.09 -3.03 -1.96
CA THR A 161 -19.42 -1.68 -2.47
C THR A 161 -18.46 -0.64 -1.91
N LEU A 162 -17.76 0.03 -2.82
CA LEU A 162 -16.90 1.21 -2.52
C LEU A 162 -17.53 2.45 -3.18
N PHE A 163 -18.05 3.35 -2.39
CA PHE A 163 -18.78 4.55 -2.83
C PHE A 163 -17.99 5.80 -2.44
N ASN A 164 -17.81 6.67 -3.42
CA ASN A 164 -17.07 7.95 -3.35
C ASN A 164 -18.08 9.07 -3.62
N PRO A 165 -18.66 9.73 -2.60
CA PRO A 165 -19.74 10.70 -2.79
C PRO A 165 -19.17 12.02 -3.31
N ALA A 166 -18.73 12.01 -4.58
CA ALA A 166 -17.92 13.10 -5.19
C ALA A 166 -18.46 13.38 -6.58
N PRO A 167 -18.77 14.65 -6.91
CA PRO A 167 -18.82 15.74 -5.93
C PRO A 167 -19.96 15.53 -4.92
N ALA A 168 -19.86 16.10 -3.72
CA ALA A 168 -20.87 15.87 -2.65
C ALA A 168 -22.02 16.85 -2.84
N ILE A 169 -23.23 16.44 -2.46
CA ILE A 169 -24.47 17.27 -2.34
C ILE A 169 -25.02 17.04 -0.93
N ALA A 170 -25.57 18.06 -0.29
CA ALA A 170 -25.84 18.08 1.16
C ALA A 170 -26.89 17.02 1.54
N ASP A 171 -27.98 16.84 0.81
CA ASP A 171 -29.10 15.98 1.29
C ASP A 171 -29.10 14.72 0.42
N LEU A 172 -27.95 14.07 0.31
CA LEU A 172 -27.75 12.77 -0.36
C LEU A 172 -28.84 11.77 0.05
N ASP A 173 -29.40 11.03 -0.92
CA ASP A 173 -30.38 9.95 -0.65
C ASP A 173 -29.80 9.00 0.41
N PRO A 174 -30.52 8.75 1.54
CA PRO A 174 -29.99 7.95 2.65
C PRO A 174 -29.50 6.54 2.25
N GLN A 175 -29.97 6.00 1.12
CA GLN A 175 -29.58 4.65 0.65
C GLN A 175 -28.12 4.61 0.24
N PHE A 176 -27.53 5.75 -0.11
CA PHE A 176 -26.08 5.77 -0.44
C PHE A 176 -25.26 5.36 0.79
N TYR A 177 -25.75 5.64 1.98
CA TYR A 177 -25.04 5.25 3.23
C TYR A 177 -25.25 3.75 3.48
N THR A 178 -26.51 3.30 3.48
CA THR A 178 -26.89 1.93 3.89
C THR A 178 -26.41 0.89 2.85
N LEU A 179 -26.19 1.28 1.58
CA LEU A 179 -25.66 0.35 0.55
C LEU A 179 -24.12 0.41 0.46
N SER A 180 -23.45 1.29 1.21
CA SER A 180 -21.97 1.46 1.19
C SER A 180 -21.28 0.52 2.20
N ASP A 181 -20.48 -0.45 1.73
CA ASP A 181 -19.55 -1.25 2.57
C ASP A 181 -18.40 -0.31 2.97
N VAL A 182 -17.93 0.47 2.04
CA VAL A 182 -16.81 1.45 2.25
C VAL A 182 -17.26 2.75 1.61
N PHE A 183 -17.33 3.78 2.41
CA PHE A 183 -17.74 5.15 2.06
C PHE A 183 -16.51 6.04 2.22
N CYS A 184 -15.98 6.54 1.12
CA CYS A 184 -14.69 7.27 1.09
C CYS A 184 -14.87 8.66 0.43
N CYS A 185 -14.59 9.72 1.19
CA CYS A 185 -14.71 11.13 0.72
C CYS A 185 -13.56 11.96 1.27
N ASN A 186 -13.42 13.18 0.77
CA ASN A 186 -12.34 14.11 1.22
C ASN A 186 -12.94 15.07 2.27
N GLU A 187 -12.09 15.96 2.79
CA GLU A 187 -12.46 16.88 3.90
C GLU A 187 -13.62 17.78 3.45
N SER A 188 -13.55 18.38 2.28
CA SER A 188 -14.58 19.38 1.87
C SER A 188 -15.92 18.64 1.62
N GLU A 189 -15.89 17.42 1.08
CA GLU A 189 -17.10 16.60 0.84
C GLU A 189 -17.68 16.23 2.20
N ALA A 190 -16.84 15.84 3.18
CA ALA A 190 -17.30 15.59 4.55
C ALA A 190 -17.99 16.83 5.14
N GLU A 191 -17.45 18.01 4.91
CA GLU A 191 -18.10 19.27 5.39
C GLU A 191 -19.48 19.40 4.76
N ILE A 192 -19.60 19.20 3.44
CA ILE A 192 -20.91 19.38 2.74
C ILE A 192 -21.91 18.37 3.30
N LEU A 193 -21.49 17.12 3.56
CA LEU A 193 -22.41 16.05 3.96
C LEU A 193 -22.87 16.20 5.43
N THR A 194 -22.07 16.82 6.30
CA THR A 194 -22.31 16.86 7.78
C THR A 194 -22.49 18.28 8.29
N GLY A 195 -22.06 19.28 7.54
CA GLY A 195 -22.08 20.70 7.96
C GLY A 195 -21.03 20.99 9.02
N LEU A 196 -20.17 20.03 9.33
CA LEU A 196 -19.10 20.15 10.35
C LEU A 196 -17.82 20.58 9.62
N THR A 197 -16.95 21.25 10.36
CA THR A 197 -15.62 21.72 9.95
C THR A 197 -14.63 20.56 10.08
N VAL A 198 -13.77 20.35 9.08
CA VAL A 198 -12.69 19.33 9.17
C VAL A 198 -11.34 20.06 9.08
N GLY A 199 -10.79 20.47 10.23
CA GLY A 199 -9.47 21.10 10.29
C GLY A 199 -8.42 20.30 11.09
N SER A 200 -8.59 18.99 11.25
CA SER A 200 -7.68 18.11 12.02
C SER A 200 -8.17 16.66 11.88
N ALA A 201 -7.29 15.72 12.22
CA ALA A 201 -7.63 14.29 12.29
C ALA A 201 -8.78 14.12 13.28
N ALA A 202 -8.75 14.76 14.44
CA ALA A 202 -9.85 14.68 15.43
C ALA A 202 -11.16 15.17 14.80
N ASP A 203 -11.14 16.27 14.06
CA ASP A 203 -12.37 16.78 13.40
C ASP A 203 -12.85 15.77 12.37
N ALA A 204 -11.94 15.16 11.62
CA ALA A 204 -12.28 14.14 10.60
C ALA A 204 -12.95 12.94 11.30
N GLY A 205 -12.43 12.56 12.48
CA GLY A 205 -13.06 11.49 13.27
C GLY A 205 -14.51 11.80 13.60
N GLU A 206 -14.80 13.04 14.00
CA GLU A 206 -16.16 13.47 14.39
C GLU A 206 -17.06 13.44 13.17
N ALA A 207 -16.60 13.93 12.03
CA ALA A 207 -17.40 13.92 10.78
C ALA A 207 -17.65 12.46 10.36
N ALA A 208 -16.64 11.60 10.44
CA ALA A 208 -16.75 10.19 10.02
C ALA A 208 -17.80 9.48 10.88
N LEU A 209 -17.84 9.77 12.18
CA LEU A 209 -18.81 9.14 13.08
C LEU A 209 -20.23 9.55 12.67
N VAL A 210 -20.46 10.80 12.26
CA VAL A 210 -21.81 11.21 11.74
C VAL A 210 -22.18 10.33 10.55
N LEU A 211 -21.24 10.15 9.60
CA LEU A 211 -21.44 9.34 8.38
C LEU A 211 -21.66 7.86 8.77
N LEU A 212 -20.93 7.33 9.74
CA LEU A 212 -21.06 5.91 10.17
C LEU A 212 -22.50 5.64 10.66
N LYS A 213 -23.02 6.55 11.48
CA LYS A 213 -24.36 6.44 12.09
C LYS A 213 -25.48 6.57 11.05
N ARG A 214 -25.23 7.13 9.86
CA ARG A 214 -26.24 7.14 8.78
C ARG A 214 -26.28 5.78 8.10
N GLY A 215 -25.40 4.85 8.46
CA GLY A 215 -25.51 3.43 8.08
C GLY A 215 -24.35 2.88 7.26
N CYS A 216 -23.24 3.59 7.10
CA CYS A 216 -22.05 3.07 6.40
C CYS A 216 -21.41 1.95 7.23
N GLN A 217 -20.75 1.00 6.59
CA GLN A 217 -20.01 -0.04 7.32
C GLN A 217 -18.63 0.49 7.69
N VAL A 218 -17.95 1.13 6.76
CA VAL A 218 -16.60 1.73 6.91
C VAL A 218 -16.68 3.16 6.38
N VAL A 219 -16.10 4.11 7.09
CA VAL A 219 -15.97 5.51 6.62
C VAL A 219 -14.50 5.90 6.63
N ILE A 220 -14.02 6.41 5.52
CA ILE A 220 -12.64 6.95 5.29
C ILE A 220 -12.80 8.40 4.85
N ILE A 221 -12.17 9.32 5.57
CA ILE A 221 -12.00 10.71 5.13
C ILE A 221 -10.54 10.92 4.77
N THR A 222 -10.27 11.22 3.49
CA THR A 222 -8.91 11.61 3.01
C THR A 222 -8.63 13.05 3.42
N LEU A 223 -7.39 13.33 3.77
CA LEU A 223 -6.93 14.58 4.40
C LEU A 223 -5.71 15.16 3.67
N GLY A 224 -5.61 14.96 2.35
CA GLY A 224 -4.46 15.42 1.58
C GLY A 224 -3.15 14.95 2.22
N ALA A 225 -2.26 15.89 2.54
CA ALA A 225 -0.92 15.63 3.10
C ALA A 225 -1.03 15.02 4.50
N GLU A 226 -2.20 15.06 5.15
CA GLU A 226 -2.39 14.51 6.52
C GLU A 226 -2.79 13.03 6.43
N GLY A 227 -2.91 12.48 5.23
CA GLY A 227 -3.20 11.06 5.01
C GLY A 227 -4.68 10.78 5.00
N CYS A 228 -5.18 9.99 5.95
CA CYS A 228 -6.63 9.70 6.04
C CYS A 228 -7.02 9.30 7.47
N VAL A 229 -8.30 9.30 7.73
CA VAL A 229 -8.90 8.89 9.01
C VAL A 229 -9.95 7.85 8.64
N VAL A 230 -10.01 6.78 9.43
CA VAL A 230 -10.92 5.65 9.14
C VAL A 230 -11.62 5.26 10.43
N LEU A 231 -12.87 4.81 10.30
CA LEU A 231 -13.54 4.02 11.38
C LEU A 231 -14.53 3.07 10.71
N SER A 232 -15.15 2.19 11.51
CA SER A 232 -16.07 1.14 11.03
C SER A 232 -17.08 0.79 12.12
N GLN A 233 -18.11 0.06 11.73
CA GLN A 233 -19.13 -0.45 12.66
C GLN A 233 -18.41 -1.34 13.70
N THR A 234 -17.48 -2.22 13.28
CA THR A 234 -16.77 -3.15 14.20
C THR A 234 -15.72 -2.38 15.02
N GLU A 235 -15.11 -1.34 14.50
CA GLU A 235 -14.10 -0.54 15.26
C GLU A 235 -14.44 0.95 15.13
N PRO A 236 -15.43 1.46 15.90
CA PRO A 236 -15.95 2.81 15.70
C PRO A 236 -15.05 3.95 16.19
N GLU A 237 -13.93 3.64 16.87
CA GLU A 237 -13.00 4.71 17.33
C GLU A 237 -12.10 5.07 16.15
N PRO A 238 -12.10 6.33 15.68
CA PRO A 238 -11.34 6.66 14.47
C PRO A 238 -9.83 6.54 14.68
N LYS A 239 -9.15 6.06 13.64
N LYS A 239 -9.15 6.06 13.64
CA LYS A 239 -7.67 5.98 13.49
CA LYS A 239 -7.68 5.99 13.50
C LYS A 239 -7.17 6.96 12.42
C LYS A 239 -7.17 6.96 12.42
N HIS A 240 -6.08 7.67 12.72
CA HIS A 240 -5.37 8.57 11.80
C HIS A 240 -4.19 7.80 11.19
N ILE A 241 -4.18 7.70 9.88
CA ILE A 241 -3.13 7.05 9.08
C ILE A 241 -2.35 8.14 8.38
N PRO A 242 -1.25 8.61 8.98
CA PRO A 242 -0.44 9.67 8.36
C PRO A 242 0.40 9.14 7.20
N THR A 243 0.99 10.08 6.45
CA THR A 243 1.74 9.82 5.22
C THR A 243 2.93 10.79 5.25
N GLU A 244 4.09 10.31 4.85
CA GLU A 244 5.37 11.08 4.93
C GLU A 244 5.26 12.33 4.04
N LYS A 245 5.84 13.43 4.47
CA LYS A 245 6.08 14.64 3.63
C LYS A 245 6.68 14.23 2.26
N VAL A 246 6.05 14.61 1.16
CA VAL A 246 6.68 14.59 -0.20
C VAL A 246 6.53 15.98 -0.86
N LYS A 247 7.21 16.17 -2.00
CA LYS A 247 7.12 17.44 -2.77
C LYS A 247 6.00 17.23 -3.78
N ALA A 248 4.81 17.77 -3.51
CA ALA A 248 3.65 17.78 -4.42
C ALA A 248 3.94 18.70 -5.62
N VAL A 249 3.77 18.17 -6.83
CA VAL A 249 3.82 18.92 -8.11
C VAL A 249 2.39 19.22 -8.56
N ASP A 250 1.48 18.25 -8.48
CA ASP A 250 0.08 18.43 -8.96
C ASP A 250 -0.79 17.38 -8.30
N THR A 251 -1.67 17.79 -7.40
CA THR A 251 -2.52 16.85 -6.60
C THR A 251 -3.80 16.47 -7.35
N THR A 252 -4.03 16.99 -8.57
CA THR A 252 -5.31 16.76 -9.29
C THR A 252 -5.52 15.24 -9.42
N GLY A 253 -6.68 14.74 -9.01
CA GLY A 253 -7.03 13.32 -9.15
C GLY A 253 -6.33 12.45 -8.10
N ALA A 254 -5.77 13.03 -7.04
CA ALA A 254 -5.11 12.27 -5.96
C ALA A 254 -6.15 11.36 -5.32
N GLY A 255 -7.32 11.90 -5.03
CA GLY A 255 -8.39 11.11 -4.40
C GLY A 255 -8.79 9.93 -5.26
N ASP A 256 -8.81 10.13 -6.59
CA ASP A 256 -9.20 9.03 -7.51
C ASP A 256 -8.11 7.94 -7.46
N SER A 257 -6.84 8.32 -7.40
CA SER A 257 -5.71 7.37 -7.26
C SER A 257 -5.90 6.56 -5.96
N PHE A 258 -6.24 7.23 -4.88
CA PHE A 258 -6.41 6.62 -3.55
C PHE A 258 -7.54 5.58 -3.65
N VAL A 259 -8.66 5.97 -4.22
CA VAL A 259 -9.85 5.07 -4.29
C VAL A 259 -9.55 3.88 -5.20
N GLY A 260 -8.89 4.12 -6.35
CA GLY A 260 -8.55 3.00 -7.25
C GLY A 260 -7.58 2.04 -6.59
N ALA A 261 -6.58 2.55 -5.88
CA ALA A 261 -5.67 1.70 -5.08
C ALA A 261 -6.48 0.90 -4.05
N LEU A 262 -7.41 1.55 -3.34
CA LEU A 262 -8.20 0.87 -2.29
C LEU A 262 -9.03 -0.23 -2.96
N ALA A 263 -9.59 0.01 -4.15
CA ALA A 263 -10.38 -1.01 -4.86
C ALA A 263 -9.50 -2.22 -5.17
N PHE A 264 -8.29 -1.94 -5.62
CA PHE A 264 -7.30 -2.98 -5.97
C PHE A 264 -7.04 -3.82 -4.72
N TYR A 265 -6.78 -3.20 -3.56
CA TYR A 265 -6.48 -3.96 -2.30
C TYR A 265 -7.71 -4.77 -1.84
N LEU A 266 -8.92 -4.20 -1.86
CA LEU A 266 -10.14 -4.92 -1.45
C LEU A 266 -10.34 -6.14 -2.32
N ALA A 267 -9.99 -6.06 -3.61
CA ALA A 267 -10.29 -7.11 -4.60
C ALA A 267 -9.22 -8.21 -4.54
N TYR A 268 -7.95 -7.85 -4.36
CA TYR A 268 -6.81 -8.79 -4.55
C TYR A 268 -6.07 -9.08 -3.24
N TYR A 269 -6.20 -8.26 -2.19
CA TYR A 269 -5.54 -8.49 -0.89
C TYR A 269 -6.56 -8.44 0.22
N PRO A 270 -7.65 -9.24 0.15
CA PRO A 270 -8.78 -9.07 1.04
C PRO A 270 -8.42 -9.33 2.52
N ASN A 271 -7.38 -10.11 2.81
CA ASN A 271 -7.00 -10.49 4.21
C ASN A 271 -6.10 -9.44 4.88
N LEU A 272 -5.62 -8.42 4.16
CA LEU A 272 -4.84 -7.31 4.83
C LEU A 272 -5.76 -6.57 5.79
N SER A 273 -5.23 -6.05 6.88
CA SER A 273 -5.99 -5.10 7.72
C SER A 273 -6.43 -3.91 6.84
N LEU A 274 -7.51 -3.27 7.23
CA LEU A 274 -7.96 -2.05 6.53
C LEU A 274 -6.87 -0.96 6.63
N GLU A 275 -6.21 -0.84 7.79
CA GLU A 275 -5.23 0.25 8.00
C GLU A 275 -4.04 0.02 7.06
N ASP A 276 -3.64 -1.24 6.87
CA ASP A 276 -2.54 -1.61 5.93
C ASP A 276 -2.97 -1.20 4.52
N MET A 277 -4.16 -1.58 4.09
CA MET A 277 -4.68 -1.19 2.76
C MET A 277 -4.61 0.34 2.59
N LEU A 278 -5.04 1.10 3.61
CA LEU A 278 -5.10 2.58 3.48
C LEU A 278 -3.67 3.16 3.49
N ASN A 279 -2.75 2.55 4.23
CA ASN A 279 -1.33 2.96 4.29
C ASN A 279 -0.73 2.79 2.89
N ARG A 280 -1.08 1.71 2.19
CA ARG A 280 -0.59 1.42 0.82
C ARG A 280 -1.24 2.41 -0.13
N SER A 281 -2.54 2.61 0.02
CA SER A 281 -3.33 3.56 -0.81
C SER A 281 -2.78 4.99 -0.70
N ASN A 282 -2.44 5.44 0.49
CA ASN A 282 -1.77 6.74 0.75
C ASN A 282 -0.47 6.81 -0.08
N PHE A 283 0.41 5.79 0.02
CA PHE A 283 1.71 5.81 -0.67
C PHE A 283 1.47 5.95 -2.18
N ILE A 284 0.54 5.20 -2.75
CA ILE A 284 0.29 5.20 -4.21
C ILE A 284 -0.29 6.59 -4.62
N ALA A 285 -1.25 7.14 -3.86
CA ALA A 285 -1.84 8.48 -4.18
C ALA A 285 -0.72 9.51 -4.05
N ALA A 286 0.20 9.34 -3.08
CA ALA A 286 1.30 10.33 -2.86
C ALA A 286 2.27 10.24 -4.05
N VAL A 287 2.39 9.10 -4.72
CA VAL A 287 3.22 9.04 -5.98
C VAL A 287 2.52 9.90 -7.03
N SER A 288 1.19 9.83 -7.11
CA SER A 288 0.41 10.60 -8.12
C SER A 288 0.63 12.13 -7.94
N VAL A 289 0.69 12.63 -6.70
CA VAL A 289 0.83 14.09 -6.42
C VAL A 289 2.23 14.57 -6.82
N GLN A 290 3.18 13.67 -7.03
CA GLN A 290 4.58 14.07 -7.39
C GLN A 290 4.72 14.24 -8.89
N ALA A 291 3.67 14.14 -9.70
CA ALA A 291 3.80 14.44 -11.16
C ALA A 291 2.53 15.13 -11.72
N ALA A 292 2.66 15.81 -12.84
CA ALA A 292 1.52 16.47 -13.52
C ALA A 292 0.62 15.42 -14.18
N GLY A 293 -0.67 15.74 -14.35
CA GLY A 293 -1.47 15.29 -15.52
C GLY A 293 -2.51 14.21 -15.22
N THR A 294 -2.90 14.10 -13.96
CA THR A 294 -4.03 13.24 -13.51
C THR A 294 -3.76 11.75 -13.84
N GLN A 295 -4.44 11.17 -14.85
CA GLN A 295 -4.22 9.76 -15.22
C GLN A 295 -2.72 9.56 -15.58
N SER A 296 -2.06 10.54 -16.19
CA SER A 296 -0.62 10.46 -16.59
C SER A 296 0.25 10.27 -15.39
N SER A 297 -0.17 10.72 -14.20
CA SER A 297 0.63 10.67 -12.96
C SER A 297 0.41 9.35 -12.21
N TYR A 298 -0.56 8.50 -12.62
CA TYR A 298 -0.92 7.30 -11.81
C TYR A 298 0.11 6.21 -12.05
N PRO A 299 0.82 5.73 -11.02
CA PRO A 299 1.96 4.81 -11.21
C PRO A 299 1.44 3.43 -11.58
N TYR A 300 2.28 2.68 -12.28
CA TYR A 300 2.14 1.24 -12.56
C TYR A 300 2.94 0.49 -11.51
N LYS A 301 2.67 -0.80 -11.39
CA LYS A 301 3.43 -1.68 -10.48
C LYS A 301 4.94 -1.50 -10.69
N LYS A 302 5.41 -1.49 -11.92
CA LYS A 302 6.87 -1.43 -12.23
C LYS A 302 7.52 -0.17 -11.59
N ASP A 303 6.75 0.86 -11.31
CA ASP A 303 7.25 2.19 -10.86
C ASP A 303 7.15 2.26 -9.30
N LEU A 304 6.70 1.22 -8.64
CA LEU A 304 6.39 1.22 -7.20
C LEU A 304 7.25 0.20 -6.47
N PRO A 305 7.53 0.41 -5.17
CA PRO A 305 8.26 -0.57 -4.37
C PRO A 305 7.44 -1.89 -4.27
N LEU A 306 8.15 -3.02 -4.27
CA LEU A 306 7.48 -4.35 -4.29
C LEU A 306 6.79 -4.66 -2.95
N THR A 307 7.12 -3.94 -1.87
CA THR A 307 6.49 -4.11 -0.55
C THR A 307 5.03 -3.74 -0.63
N LEU A 308 4.61 -2.93 -1.64
CA LEU A 308 3.16 -2.62 -1.75
C LEU A 308 2.35 -3.84 -2.20
N PHE A 309 3.01 -4.92 -2.65
CA PHE A 309 2.33 -6.09 -3.28
C PHE A 309 2.57 -7.35 -2.45
N LEU A 310 3.04 -7.20 -1.22
CA LEU A 310 3.25 -8.35 -0.29
C LEU A 310 1.91 -8.80 0.29
N GLU A 311 1.74 -10.09 0.42
CA GLU A 311 0.50 -10.81 0.82
C GLU A 311 0.33 -10.65 2.35
N HIS A 312 1.40 -10.35 3.07
CA HIS A 312 1.35 -10.12 4.54
C HIS A 312 1.49 -8.63 4.87
N HIS A 313 1.25 -8.26 6.11
CA HIS A 313 1.44 -6.87 6.63
C HIS A 313 2.87 -6.38 6.32
N HIS A 314 2.96 -5.15 5.83
CA HIS A 314 4.26 -4.44 5.70
C HIS A 314 4.03 -2.93 5.83
N HIS A 315 4.78 -2.23 6.70
CA HIS A 315 4.45 -0.85 7.12
C HIS A 315 5.16 0.16 6.21
N HIS A 316 6.48 0.12 6.11
CA HIS A 316 7.26 1.24 5.51
C HIS A 316 7.59 0.88 4.06
N HIS A 317 7.02 1.66 3.11
CA HIS A 317 7.18 1.43 1.65
C HIS A 317 8.26 2.35 1.07
N GLU B 1 -12.67 33.91 -62.20
CA GLU B 1 -12.21 33.07 -61.03
C GLU B 1 -11.33 33.90 -60.07
N VAL B 2 -11.44 35.25 -60.02
CA VAL B 2 -10.66 36.12 -59.07
C VAL B 2 -11.37 36.18 -57.72
N ALA B 3 -10.67 36.00 -56.61
CA ALA B 3 -11.24 36.22 -55.25
C ALA B 3 -11.42 37.74 -55.05
N ALA B 4 -12.65 38.17 -54.75
CA ALA B 4 -12.99 39.57 -54.47
C ALA B 4 -12.82 39.90 -52.97
N VAL B 5 -12.89 38.92 -52.09
CA VAL B 5 -12.81 39.14 -50.62
C VAL B 5 -11.65 38.26 -50.10
N VAL B 6 -10.62 38.88 -49.54
CA VAL B 6 -9.47 38.16 -48.96
C VAL B 6 -9.50 38.43 -47.48
N VAL B 7 -9.49 37.37 -46.68
CA VAL B 7 -9.54 37.47 -45.20
C VAL B 7 -8.21 36.97 -44.71
N VAL B 8 -7.46 37.84 -44.04
CA VAL B 8 -6.19 37.46 -43.40
C VAL B 8 -6.45 37.40 -41.90
N GLY B 9 -6.52 36.20 -41.33
CA GLY B 9 -6.95 36.07 -39.94
C GLY B 9 -7.07 34.65 -39.48
N SER B 10 -7.98 34.43 -38.55
CA SER B 10 -7.92 33.30 -37.59
C SER B 10 -8.91 32.18 -37.95
N CYS B 11 -8.50 30.95 -37.72
CA CYS B 11 -9.37 29.75 -37.55
C CYS B 11 -9.20 29.23 -36.13
N MET B 12 -10.30 28.86 -35.48
CA MET B 12 -10.32 28.22 -34.13
C MET B 12 -11.33 27.08 -34.15
N THR B 13 -11.07 26.04 -33.39
CA THR B 13 -12.10 25.05 -32.97
C THR B 13 -12.83 25.63 -31.75
N ASP B 14 -14.14 25.82 -31.87
CA ASP B 14 -15.01 26.31 -30.79
C ASP B 14 -15.44 25.10 -29.96
N LEU B 15 -15.14 25.15 -28.66
CA LEU B 15 -15.52 24.13 -27.65
C LEU B 15 -16.49 24.84 -26.73
N VAL B 16 -17.78 24.57 -26.91
CA VAL B 16 -18.88 25.42 -26.36
C VAL B 16 -19.63 24.64 -25.31
N SER B 17 -19.74 25.22 -24.11
CA SER B 17 -20.56 24.70 -23.00
C SER B 17 -21.70 25.68 -22.74
N LEU B 18 -22.95 25.18 -22.80
CA LEU B 18 -24.16 25.96 -22.44
C LEU B 18 -24.48 25.67 -20.98
N THR B 19 -24.71 26.71 -20.18
CA THR B 19 -24.98 26.62 -18.72
C THR B 19 -26.11 27.57 -18.35
N SER B 20 -26.67 27.45 -17.15
CA SER B 20 -27.71 28.39 -16.67
C SER B 20 -27.04 29.63 -16.09
N ARG B 21 -25.84 29.54 -15.48
CA ARG B 21 -25.07 30.73 -15.05
C ARG B 21 -23.58 30.58 -15.37
N LEU B 22 -22.86 31.70 -15.36
CA LEU B 22 -21.39 31.68 -15.55
C LEU B 22 -20.77 31.42 -14.19
N PRO B 23 -19.65 30.68 -14.11
CA PRO B 23 -19.00 30.42 -12.83
C PRO B 23 -18.12 31.59 -12.35
N LYS B 24 -18.03 31.74 -11.03
CA LYS B 24 -17.09 32.64 -10.29
C LYS B 24 -15.77 31.88 -10.03
N THR B 25 -14.69 32.59 -9.69
CA THR B 25 -13.39 32.02 -9.23
C THR B 25 -13.70 30.90 -8.24
N GLY B 26 -13.03 29.75 -8.38
CA GLY B 26 -13.10 28.63 -7.40
C GLY B 26 -14.28 27.70 -7.64
N GLU B 27 -15.20 28.06 -8.53
CA GLU B 27 -16.50 27.38 -8.69
C GLU B 27 -16.42 26.35 -9.83
N THR B 28 -17.08 25.23 -9.61
CA THR B 28 -17.46 24.19 -10.58
C THR B 28 -18.97 24.35 -10.80
N ILE B 29 -19.40 24.55 -12.03
CA ILE B 29 -20.85 24.51 -12.34
C ILE B 29 -21.10 23.44 -13.41
N HIS B 30 -22.31 22.93 -13.42
CA HIS B 30 -22.79 21.90 -14.37
C HIS B 30 -23.60 22.59 -15.45
N GLY B 31 -23.16 22.52 -16.70
CA GLY B 31 -23.94 22.97 -17.85
C GLY B 31 -24.80 21.85 -18.41
N HIS B 32 -25.56 22.12 -19.46
CA HIS B 32 -26.59 21.17 -19.96
C HIS B 32 -26.22 20.73 -21.37
N LYS B 33 -25.24 21.36 -22.03
CA LYS B 33 -24.90 20.93 -23.40
C LYS B 33 -23.48 21.36 -23.76
N PHE B 34 -22.80 20.50 -24.51
CA PHE B 34 -21.44 20.72 -25.04
C PHE B 34 -21.46 20.44 -26.53
N PHE B 35 -20.83 21.28 -27.34
CA PHE B 35 -20.70 21.04 -28.80
C PHE B 35 -19.42 21.73 -29.35
N ILE B 36 -18.94 21.13 -30.44
CA ILE B 36 -17.77 21.54 -31.24
C ILE B 36 -18.26 22.32 -32.45
N GLY B 37 -17.57 23.35 -32.79
CA GLY B 37 -17.92 24.13 -33.99
C GLY B 37 -16.67 24.67 -34.62
N PHE B 38 -16.73 24.93 -35.94
CA PHE B 38 -15.67 25.69 -36.65
C PHE B 38 -15.87 27.19 -36.37
N GLY B 39 -14.86 27.84 -35.81
CA GLY B 39 -14.91 29.22 -35.34
C GLY B 39 -13.66 29.97 -35.76
N GLY B 40 -13.32 30.98 -34.99
CA GLY B 40 -12.29 31.97 -35.37
C GLY B 40 -12.99 33.10 -36.13
N LYS B 41 -12.71 34.32 -35.74
CA LYS B 41 -13.38 35.52 -36.31
C LYS B 41 -13.10 35.57 -37.82
N GLY B 42 -11.86 35.33 -38.23
CA GLY B 42 -11.48 35.41 -39.65
C GLY B 42 -12.27 34.43 -40.50
N ALA B 43 -12.24 33.17 -40.12
CA ALA B 43 -12.94 32.12 -40.88
C ALA B 43 -14.46 32.39 -40.82
N ASN B 44 -14.99 32.85 -39.66
CA ASN B 44 -16.45 33.07 -39.55
C ASN B 44 -16.86 34.14 -40.59
N GLN B 45 -16.13 35.25 -40.65
CA GLN B 45 -16.35 36.39 -41.56
C GLN B 45 -16.26 35.86 -42.99
N CYS B 46 -15.22 35.08 -43.29
CA CYS B 46 -14.96 34.54 -44.65
C CYS B 46 -16.14 33.64 -45.05
N VAL B 47 -16.62 32.81 -44.14
CA VAL B 47 -17.75 31.86 -44.39
C VAL B 47 -19.03 32.66 -44.68
N GLN B 48 -19.33 33.67 -43.89
CA GLN B 48 -20.60 34.41 -44.16
C GLN B 48 -20.53 35.01 -45.55
N ALA B 49 -19.41 35.68 -45.89
CA ALA B 49 -19.22 36.32 -47.23
C ALA B 49 -19.37 35.25 -48.32
N ALA B 50 -18.74 34.09 -48.17
CA ALA B 50 -18.79 32.99 -49.16
C ALA B 50 -20.25 32.56 -49.34
N ARG B 51 -21.02 32.42 -48.26
CA ARG B 51 -22.40 31.89 -48.38
C ARG B 51 -23.33 32.89 -49.09
N LEU B 52 -22.97 34.18 -49.10
CA LEU B 52 -23.79 35.21 -49.76
C LEU B 52 -23.47 35.21 -51.25
N GLY B 53 -22.40 34.52 -51.67
CA GLY B 53 -21.96 34.37 -53.06
C GLY B 53 -20.61 35.02 -53.33
N ALA B 54 -19.87 35.49 -52.34
CA ALA B 54 -18.53 36.05 -52.58
C ALA B 54 -17.57 34.92 -52.98
N MET B 55 -16.67 35.23 -53.94
CA MET B 55 -15.43 34.46 -54.18
C MET B 55 -14.40 34.96 -53.18
N THR B 56 -13.99 34.07 -52.26
CA THR B 56 -13.17 34.40 -51.08
C THR B 56 -11.89 33.58 -51.06
N SER B 57 -10.86 34.14 -50.42
CA SER B 57 -9.59 33.44 -50.10
C SER B 57 -9.29 33.66 -48.63
N MET B 58 -9.01 32.58 -47.92
CA MET B 58 -8.70 32.57 -46.48
C MET B 58 -7.19 32.36 -46.33
N VAL B 59 -6.50 33.41 -45.90
CA VAL B 59 -5.06 33.43 -45.56
C VAL B 59 -5.01 33.20 -44.05
N CYS B 60 -4.51 32.05 -43.64
CA CYS B 60 -4.51 31.62 -42.24
C CYS B 60 -3.51 30.46 -42.04
N LYS B 61 -3.27 30.15 -40.78
CA LYS B 61 -2.48 28.97 -40.39
C LYS B 61 -3.25 28.15 -39.34
N VAL B 62 -3.32 26.83 -39.59
CA VAL B 62 -3.86 25.83 -38.64
C VAL B 62 -2.77 24.81 -38.33
N GLY B 63 -3.08 23.89 -37.42
CA GLY B 63 -2.13 22.82 -37.05
C GLY B 63 -2.18 21.67 -38.05
N LYS B 64 -1.14 20.84 -38.06
CA LYS B 64 -1.09 19.50 -38.67
C LYS B 64 -1.61 18.54 -37.61
N ASP B 65 -2.82 18.78 -37.19
CA ASP B 65 -3.55 18.01 -36.16
C ASP B 65 -4.91 17.72 -36.81
N SER B 66 -5.67 16.82 -36.18
N SER B 66 -5.67 16.82 -36.18
CA SER B 66 -7.01 16.39 -36.65
CA SER B 66 -7.01 16.38 -36.67
C SER B 66 -7.91 17.62 -36.84
C SER B 66 -7.91 17.62 -36.84
N PHE B 67 -7.91 18.51 -35.85
CA PHE B 67 -8.72 19.75 -35.87
C PHE B 67 -8.36 20.61 -37.08
N GLY B 68 -7.07 20.74 -37.40
CA GLY B 68 -6.61 21.52 -38.58
C GLY B 68 -7.01 20.85 -39.88
N ASN B 69 -6.90 19.53 -40.01
CA ASN B 69 -7.30 18.79 -41.21
C ASN B 69 -8.81 19.05 -41.40
N ASP B 70 -9.58 18.97 -40.31
CA ASP B 70 -11.04 19.14 -40.32
C ASP B 70 -11.32 20.59 -40.76
N TYR B 71 -10.52 21.55 -40.30
CA TYR B 71 -10.73 22.99 -40.62
C TYR B 71 -10.56 23.20 -42.14
N ILE B 72 -9.52 22.67 -42.73
CA ILE B 72 -9.27 22.82 -44.19
C ILE B 72 -10.46 22.24 -44.94
N GLU B 73 -10.99 21.10 -44.53
CA GLU B 73 -12.18 20.48 -45.21
C GLU B 73 -13.38 21.43 -45.07
N ASN B 74 -13.57 22.02 -43.89
CA ASN B 74 -14.64 23.01 -43.62
C ASN B 74 -14.53 24.16 -44.62
N LEU B 75 -13.33 24.72 -44.82
CA LEU B 75 -13.15 25.87 -45.74
C LEU B 75 -13.50 25.44 -47.18
N LYS B 76 -13.03 24.27 -47.62
CA LYS B 76 -13.35 23.75 -48.98
C LYS B 76 -14.86 23.48 -49.11
N GLN B 77 -15.53 23.01 -48.07
CA GLN B 77 -17.00 22.77 -48.09
C GLN B 77 -17.76 24.08 -48.26
N ASN B 78 -17.19 25.22 -47.83
CA ASN B 78 -17.85 26.55 -47.96
C ASN B 78 -17.33 27.24 -49.23
N ASP B 79 -16.63 26.49 -50.10
CA ASP B 79 -16.13 26.97 -51.43
C ASP B 79 -15.19 28.16 -51.23
N ILE B 80 -14.45 28.17 -50.11
CA ILE B 80 -13.41 29.19 -49.79
C ILE B 80 -12.08 28.68 -50.37
N SER B 81 -11.34 29.53 -51.07
CA SER B 81 -9.97 29.17 -51.54
C SER B 81 -9.09 28.94 -50.32
N THR B 82 -8.36 27.83 -50.33
CA THR B 82 -7.36 27.47 -49.29
C THR B 82 -5.94 27.54 -49.85
N GLU B 83 -5.73 28.27 -50.95
CA GLU B 83 -4.39 28.48 -51.57
C GLU B 83 -3.38 28.92 -50.50
N PHE B 84 -3.78 29.79 -49.59
CA PHE B 84 -2.90 30.40 -48.56
C PHE B 84 -3.41 30.04 -47.15
N THR B 85 -4.07 28.90 -47.02
CA THR B 85 -4.38 28.22 -45.73
C THR B 85 -3.23 27.26 -45.42
N TYR B 86 -2.36 27.60 -44.47
CA TYR B 86 -1.12 26.85 -44.19
C TYR B 86 -1.33 25.91 -42.98
N GLN B 87 -0.53 24.85 -42.88
CA GLN B 87 -0.54 23.90 -41.74
C GLN B 87 0.86 23.84 -41.13
N THR B 88 0.96 23.82 -39.81
CA THR B 88 2.28 23.82 -39.10
C THR B 88 2.28 22.66 -38.09
N LYS B 89 3.37 21.91 -38.00
CA LYS B 89 3.48 20.89 -36.92
C LYS B 89 3.98 21.56 -35.64
N ASP B 90 4.30 22.86 -35.66
CA ASP B 90 4.96 23.49 -34.47
C ASP B 90 3.92 24.14 -33.53
N ALA B 91 2.66 24.05 -33.84
CA ALA B 91 1.59 24.60 -32.98
C ALA B 91 0.20 23.99 -33.38
N ALA B 92 -0.66 23.85 -32.38
CA ALA B 92 -1.96 23.15 -32.56
C ALA B 92 -2.85 24.21 -33.21
N THR B 93 -3.86 23.77 -33.97
CA THR B 93 -5.01 24.59 -34.39
C THR B 93 -5.53 25.36 -33.17
N GLY B 94 -5.84 26.64 -33.37
CA GLY B 94 -6.43 27.53 -32.34
C GLY B 94 -7.66 26.91 -31.70
N THR B 95 -7.85 27.24 -30.44
CA THR B 95 -8.98 26.77 -29.59
C THR B 95 -9.65 28.00 -28.98
N ALA B 96 -10.96 28.01 -28.97
CA ALA B 96 -11.81 28.98 -28.24
C ALA B 96 -12.71 28.16 -27.31
N SER B 97 -12.47 28.21 -26.00
CA SER B 97 -13.40 27.62 -25.00
C SER B 97 -14.45 28.70 -24.70
N ILE B 98 -15.73 28.39 -24.98
CA ILE B 98 -16.85 29.35 -24.92
C ILE B 98 -17.87 28.82 -23.91
N ILE B 99 -18.14 29.60 -22.86
CA ILE B 99 -19.18 29.27 -21.85
C ILE B 99 -20.32 30.29 -22.08
N VAL B 100 -21.53 29.81 -22.37
CA VAL B 100 -22.70 30.69 -22.69
C VAL B 100 -23.80 30.41 -21.70
N ASN B 101 -24.33 31.43 -21.00
CA ASN B 101 -25.45 31.23 -20.06
C ASN B 101 -26.81 31.32 -20.79
N ASN B 102 -27.90 31.11 -20.07
CA ASN B 102 -29.25 31.00 -20.65
C ASN B 102 -29.76 32.40 -20.96
N GLU B 103 -29.10 33.49 -20.56
CA GLU B 103 -29.45 34.88 -20.99
C GLU B 103 -28.62 35.25 -22.23
N GLY B 104 -27.76 34.37 -22.76
CA GLY B 104 -26.88 34.64 -23.91
C GLY B 104 -25.56 35.34 -23.57
N GLN B 105 -25.25 35.65 -22.32
CA GLN B 105 -23.92 36.24 -21.97
C GLN B 105 -22.84 35.14 -21.98
N ASN B 106 -21.60 35.47 -22.31
CA ASN B 106 -20.56 34.45 -22.45
C ASN B 106 -19.26 34.88 -21.73
N ILE B 107 -18.38 33.92 -21.49
CA ILE B 107 -16.91 34.12 -21.38
C ILE B 107 -16.24 33.28 -22.45
N ILE B 108 -15.13 33.80 -23.01
CA ILE B 108 -14.34 33.14 -24.07
C ILE B 108 -12.85 33.17 -23.66
N VAL B 109 -12.23 32.00 -23.68
CA VAL B 109 -10.77 31.84 -23.53
C VAL B 109 -10.23 31.25 -24.83
N ILE B 110 -9.44 32.05 -25.52
CA ILE B 110 -8.77 31.71 -26.80
C ILE B 110 -7.33 31.28 -26.50
N VAL B 111 -6.92 30.14 -27.03
CA VAL B 111 -5.47 29.80 -27.13
C VAL B 111 -5.14 29.75 -28.64
N ALA B 112 -4.46 30.79 -29.13
CA ALA B 112 -4.49 31.14 -30.57
C ALA B 112 -3.69 30.08 -31.34
N GLY B 113 -2.72 29.43 -30.68
CA GLY B 113 -1.86 28.39 -31.28
C GLY B 113 -1.34 28.78 -32.68
N ALA B 114 -1.67 28.02 -33.72
CA ALA B 114 -1.05 28.15 -35.08
C ALA B 114 -1.39 29.52 -35.66
N ASN B 115 -2.50 30.12 -35.25
CA ASN B 115 -2.86 31.51 -35.68
C ASN B 115 -1.64 32.44 -35.51
N LEU B 116 -0.89 32.32 -34.42
CA LEU B 116 0.19 33.27 -34.08
C LEU B 116 1.44 32.96 -34.91
N LEU B 117 1.47 31.84 -35.65
CA LEU B 117 2.62 31.50 -36.54
C LEU B 117 2.41 32.04 -37.97
N LEU B 118 1.25 32.61 -38.29
CA LEU B 118 1.02 33.24 -39.64
C LEU B 118 1.85 34.50 -39.69
N ASN B 119 2.85 34.54 -40.59
CA ASN B 119 3.89 35.61 -40.57
C ASN B 119 3.90 36.36 -41.91
N THR B 120 4.80 37.34 -42.05
CA THR B 120 4.82 38.25 -43.23
C THR B 120 5.31 37.47 -44.46
N GLU B 121 6.18 36.50 -44.32
CA GLU B 121 6.55 35.59 -45.44
C GLU B 121 5.33 34.85 -46.00
N ASP B 122 4.45 34.38 -45.12
CA ASP B 122 3.20 33.69 -45.52
C ASP B 122 2.32 34.66 -46.32
N LEU B 123 2.30 35.95 -45.95
CA LEU B 123 1.52 36.99 -46.67
C LEU B 123 2.12 37.25 -48.05
N ARG B 124 3.44 37.30 -48.19
CA ARG B 124 4.13 37.66 -49.46
C ARG B 124 3.61 36.79 -50.62
N ALA B 125 3.44 35.49 -50.37
CA ALA B 125 2.94 34.55 -51.40
C ALA B 125 1.55 34.97 -51.87
N ALA B 126 0.75 35.59 -50.99
CA ALA B 126 -0.64 36.00 -51.31
C ALA B 126 -0.68 37.37 -52.00
N ALA B 127 0.47 37.98 -52.34
CA ALA B 127 0.55 39.39 -52.78
C ALA B 127 -0.34 39.64 -54.03
N ASN B 128 -0.32 38.70 -54.98
CA ASN B 128 -1.03 38.84 -56.26
C ASN B 128 -2.54 38.83 -55.99
N VAL B 129 -2.98 37.86 -55.21
CA VAL B 129 -4.42 37.66 -54.86
C VAL B 129 -4.93 38.90 -54.08
N ILE B 130 -4.13 39.45 -53.16
CA ILE B 130 -4.50 40.66 -52.35
C ILE B 130 -4.64 41.85 -53.30
N SER B 131 -3.76 41.97 -54.29
CA SER B 131 -3.72 43.13 -55.20
C SER B 131 -4.90 43.11 -56.17
N ARG B 132 -5.54 41.95 -56.36
CA ARG B 132 -6.67 41.78 -57.32
C ARG B 132 -8.01 41.70 -56.59
N ALA B 133 -8.03 41.77 -55.25
CA ALA B 133 -9.25 41.67 -54.43
C ALA B 133 -9.96 43.03 -54.38
N LYS B 134 -11.21 43.03 -53.95
CA LYS B 134 -11.98 44.27 -53.72
C LYS B 134 -11.88 44.65 -52.25
N VAL B 135 -11.84 43.67 -51.34
N VAL B 135 -11.86 43.68 -51.34
CA VAL B 135 -11.87 43.90 -49.86
CA VAL B 135 -11.86 43.93 -49.87
C VAL B 135 -10.86 42.98 -49.16
C VAL B 135 -10.87 42.97 -49.16
N MET B 136 -10.13 43.55 -48.22
CA MET B 136 -9.20 42.85 -47.30
C MET B 136 -9.82 42.96 -45.90
N VAL B 137 -9.99 41.83 -45.22
CA VAL B 137 -10.59 41.79 -43.86
C VAL B 137 -9.59 41.24 -42.88
N CYS B 138 -9.45 41.90 -41.73
CA CYS B 138 -8.53 41.49 -40.65
C CYS B 138 -9.20 41.69 -39.29
N GLN B 139 -8.70 40.96 -38.28
CA GLN B 139 -9.16 41.03 -36.87
C GLN B 139 -7.91 41.01 -35.99
N LEU B 140 -8.05 40.73 -34.69
CA LEU B 140 -6.89 40.72 -33.76
C LEU B 140 -6.75 39.33 -33.14
N GLU B 141 -6.92 38.27 -33.93
CA GLU B 141 -6.69 36.89 -33.46
C GLU B 141 -5.37 36.33 -34.05
N ILE B 142 -4.67 37.03 -34.93
CA ILE B 142 -3.30 36.64 -35.38
C ILE B 142 -2.32 37.65 -34.79
N THR B 143 -1.03 37.55 -35.11
CA THR B 143 -0.01 38.54 -34.71
C THR B 143 -0.45 39.90 -35.27
N PRO B 144 -0.57 40.96 -34.43
CA PRO B 144 -0.95 42.28 -34.92
C PRO B 144 -0.11 42.74 -36.11
N ALA B 145 1.22 42.57 -36.05
CA ALA B 145 2.12 43.00 -37.15
C ALA B 145 1.70 42.33 -38.49
N THR B 146 1.16 41.12 -38.48
CA THR B 146 0.76 40.42 -39.72
C THR B 146 -0.52 41.08 -40.29
N SER B 147 -1.50 41.39 -39.45
CA SER B 147 -2.72 42.15 -39.85
C SER B 147 -2.27 43.51 -40.39
N LEU B 148 -1.36 44.24 -39.71
CA LEU B 148 -0.90 45.57 -40.17
C LEU B 148 -0.30 45.43 -41.57
N GLU B 149 0.53 44.39 -41.81
CA GLU B 149 1.14 44.21 -43.15
C GLU B 149 0.04 43.89 -44.17
N ALA B 150 -0.98 43.12 -43.84
CA ALA B 150 -2.08 42.78 -44.79
C ALA B 150 -2.83 44.06 -45.19
N LEU B 151 -3.08 44.93 -44.21
CA LEU B 151 -3.75 46.26 -44.45
C LEU B 151 -2.83 47.13 -45.32
N THR B 152 -1.54 47.17 -45.05
CA THR B 152 -0.55 47.94 -45.83
C THR B 152 -0.57 47.45 -47.29
N MET B 153 -0.51 46.13 -47.50
CA MET B 153 -0.51 45.55 -48.88
C MET B 153 -1.81 45.96 -49.59
N ALA B 154 -2.95 45.82 -48.92
CA ALA B 154 -4.26 46.18 -49.48
C ALA B 154 -4.26 47.68 -49.85
N ARG B 155 -3.83 48.55 -48.93
CA ARG B 155 -3.81 50.01 -49.21
C ARG B 155 -2.95 50.29 -50.44
N ARG B 156 -1.79 49.67 -50.62
CA ARG B 156 -0.92 49.87 -51.81
C ARG B 156 -1.65 49.57 -53.14
N SER B 157 -2.60 48.64 -53.18
CA SER B 157 -3.32 48.26 -54.43
C SER B 157 -4.67 48.95 -54.53
N GLY B 158 -4.99 49.86 -53.62
CA GLY B 158 -6.30 50.54 -53.56
C GLY B 158 -7.41 49.59 -53.17
N VAL B 159 -7.09 48.50 -52.45
CA VAL B 159 -8.10 47.51 -51.99
C VAL B 159 -8.72 48.03 -50.70
N LYS B 160 -10.03 47.92 -50.62
CA LYS B 160 -10.77 48.42 -49.44
C LYS B 160 -10.37 47.61 -48.19
N THR B 161 -10.10 48.31 -47.09
CA THR B 161 -9.70 47.69 -45.80
C THR B 161 -10.89 47.72 -44.84
N LEU B 162 -11.25 46.53 -44.37
CA LEU B 162 -12.28 46.31 -43.34
C LEU B 162 -11.61 45.69 -42.13
N PHE B 163 -11.49 46.46 -41.04
CA PHE B 163 -10.75 45.98 -39.84
C PHE B 163 -11.72 45.87 -38.66
N ASN B 164 -11.66 44.74 -37.99
CA ASN B 164 -12.49 44.34 -36.83
C ASN B 164 -11.56 44.18 -35.63
N PRO B 165 -11.43 45.17 -34.72
CA PRO B 165 -10.46 45.09 -33.62
C PRO B 165 -10.96 44.19 -32.50
N ALA B 166 -10.94 42.88 -32.77
CA ALA B 166 -11.63 41.87 -31.92
C ALA B 166 -10.72 40.66 -31.81
N PRO B 167 -10.47 40.17 -30.57
CA PRO B 167 -10.81 40.88 -29.35
C PRO B 167 -9.97 42.15 -29.21
N ALA B 168 -10.48 43.13 -28.47
CA ALA B 168 -9.89 44.49 -28.42
C ALA B 168 -8.75 44.53 -27.42
N ILE B 169 -7.77 45.38 -27.70
CA ILE B 169 -6.55 45.70 -26.89
C ILE B 169 -6.63 47.18 -26.51
N ALA B 170 -6.46 47.55 -25.25
CA ALA B 170 -6.58 48.98 -24.85
C ALA B 170 -5.52 49.83 -25.57
N ASP B 171 -4.36 49.27 -25.88
CA ASP B 171 -3.22 50.04 -26.43
C ASP B 171 -3.05 49.81 -27.94
N LEU B 172 -4.11 49.67 -28.71
CA LEU B 172 -4.04 49.27 -30.15
C LEU B 172 -3.07 50.21 -30.91
N ASP B 173 -2.21 49.65 -31.76
CA ASP B 173 -1.25 50.44 -32.57
C ASP B 173 -2.03 51.46 -33.39
N PRO B 174 -1.68 52.76 -33.33
CA PRO B 174 -2.40 53.83 -34.04
C PRO B 174 -2.59 53.59 -35.55
N GLN B 175 -1.72 52.76 -36.15
CA GLN B 175 -1.78 52.49 -37.61
C GLN B 175 -3.02 51.69 -37.95
N PHE B 176 -3.60 50.95 -37.01
CA PHE B 176 -4.86 50.22 -37.30
C PHE B 176 -5.97 51.23 -37.62
N TYR B 177 -5.90 52.43 -37.08
CA TYR B 177 -6.96 53.45 -37.39
C TYR B 177 -6.71 54.01 -38.79
N THR B 178 -5.48 54.45 -39.06
CA THR B 178 -5.13 55.20 -40.29
C THR B 178 -5.12 54.24 -41.50
N LEU B 179 -4.95 52.94 -41.30
CA LEU B 179 -5.03 51.92 -42.40
C LEU B 179 -6.45 51.39 -42.61
N SER B 180 -7.42 51.73 -41.78
CA SER B 180 -8.83 51.24 -41.86
C SER B 180 -9.72 52.14 -42.69
N ASP B 181 -10.24 51.64 -43.82
CA ASP B 181 -11.32 52.32 -44.58
C ASP B 181 -12.62 52.19 -43.80
N VAL B 182 -12.87 51.01 -43.24
CA VAL B 182 -14.07 50.71 -42.41
C VAL B 182 -13.56 49.98 -41.17
N PHE B 183 -13.89 50.53 -40.01
CA PHE B 183 -13.43 50.08 -38.69
C PHE B 183 -14.70 49.68 -37.96
N CYS B 184 -14.88 48.40 -37.69
CA CYS B 184 -16.16 47.84 -37.18
C CYS B 184 -15.88 47.07 -35.90
N CYS B 185 -16.53 47.49 -34.81
CA CYS B 185 -16.40 46.73 -33.53
C CYS B 185 -17.74 46.76 -32.78
N ASN B 186 -17.83 46.03 -31.68
CA ASN B 186 -19.06 45.99 -30.86
C ASN B 186 -18.90 46.94 -29.67
N GLU B 187 -19.94 47.02 -28.85
CA GLU B 187 -20.03 47.97 -27.72
C GLU B 187 -18.86 47.74 -26.74
N SER B 188 -18.63 46.48 -26.34
CA SER B 188 -17.62 46.21 -25.29
C SER B 188 -16.20 46.46 -25.86
N GLU B 189 -15.98 46.19 -27.13
CA GLU B 189 -14.68 46.48 -27.81
C GLU B 189 -14.46 47.99 -27.86
N ALA B 190 -15.51 48.75 -28.20
CA ALA B 190 -15.47 50.23 -28.18
C ALA B 190 -15.12 50.73 -26.78
N GLU B 191 -15.66 50.15 -25.72
CA GLU B 191 -15.28 50.56 -24.33
C GLU B 191 -13.79 50.35 -24.13
N ILE B 192 -13.26 49.18 -24.50
CA ILE B 192 -11.84 48.84 -24.25
C ILE B 192 -10.95 49.81 -25.05
N LEU B 193 -11.35 50.15 -26.28
CA LEU B 193 -10.50 51.00 -27.18
C LEU B 193 -10.51 52.46 -26.74
N THR B 194 -11.57 52.95 -26.09
CA THR B 194 -11.78 54.41 -25.79
C THR B 194 -11.76 54.71 -24.30
N GLY B 195 -11.99 53.69 -23.45
CA GLY B 195 -12.10 53.83 -21.99
C GLY B 195 -13.38 54.55 -21.60
N LEU B 196 -14.32 54.70 -22.55
CA LEU B 196 -15.67 55.25 -22.32
C LEU B 196 -16.63 54.12 -21.96
N THR B 197 -17.75 54.43 -21.32
CA THR B 197 -18.91 53.52 -21.11
C THR B 197 -19.79 53.54 -22.34
N VAL B 198 -20.25 52.39 -22.81
CA VAL B 198 -21.19 52.31 -23.97
C VAL B 198 -22.45 51.57 -23.50
N GLY B 199 -23.43 52.34 -22.99
CA GLY B 199 -24.71 51.79 -22.51
C GLY B 199 -25.93 52.25 -23.29
N SER B 200 -25.77 52.73 -24.52
CA SER B 200 -26.86 53.30 -25.36
C SER B 200 -26.31 53.64 -26.75
N ALA B 201 -27.20 53.82 -27.70
CA ALA B 201 -26.84 54.19 -29.08
C ALA B 201 -26.11 55.54 -29.02
N ALA B 202 -26.59 56.50 -28.22
CA ALA B 202 -25.94 57.80 -27.99
C ALA B 202 -24.50 57.58 -27.48
N ASP B 203 -24.30 56.71 -26.50
CA ASP B 203 -22.93 56.46 -25.96
C ASP B 203 -22.06 55.88 -27.07
N ALA B 204 -22.61 54.98 -27.88
CA ALA B 204 -21.86 54.38 -29.01
C ALA B 204 -21.48 55.46 -30.02
N GLY B 205 -22.35 56.43 -30.25
CA GLY B 205 -22.05 57.57 -31.12
C GLY B 205 -20.81 58.31 -30.61
N GLU B 206 -20.74 58.55 -29.30
CA GLU B 206 -19.61 59.30 -28.69
C GLU B 206 -18.34 58.47 -28.82
N ALA B 207 -18.40 57.15 -28.59
CA ALA B 207 -17.20 56.29 -28.72
C ALA B 207 -16.76 56.28 -30.20
N ALA B 208 -17.70 56.18 -31.15
CA ALA B 208 -17.39 56.14 -32.59
C ALA B 208 -16.66 57.44 -33.00
N LEU B 209 -17.11 58.59 -32.48
CA LEU B 209 -16.45 59.89 -32.81
C LEU B 209 -15.00 59.87 -32.30
N VAL B 210 -14.70 59.32 -31.13
CA VAL B 210 -13.29 59.23 -30.63
C VAL B 210 -12.48 58.39 -31.64
N LEU B 211 -13.04 57.27 -32.10
CA LEU B 211 -12.39 56.37 -33.07
C LEU B 211 -12.21 57.06 -34.42
N LEU B 212 -13.18 57.85 -34.88
CA LEU B 212 -13.10 58.59 -36.15
C LEU B 212 -11.92 59.55 -36.13
N LYS B 213 -11.76 60.28 -35.03
CA LYS B 213 -10.67 61.27 -34.83
C LYS B 213 -9.30 60.61 -34.76
N ARG B 214 -9.19 59.31 -34.46
CA ARG B 214 -7.87 58.61 -34.48
C ARG B 214 -7.51 58.27 -35.93
N GLY B 215 -8.40 58.51 -36.89
CA GLY B 215 -8.06 58.50 -38.33
C GLY B 215 -8.79 57.44 -39.15
N CYS B 216 -9.83 56.79 -38.62
CA CYS B 216 -10.68 55.87 -39.41
C CYS B 216 -11.43 56.67 -40.48
N GLN B 217 -11.74 56.08 -41.62
CA GLN B 217 -12.56 56.74 -42.65
C GLN B 217 -14.02 56.57 -42.25
N VAL B 218 -14.40 55.34 -41.90
CA VAL B 218 -15.77 54.96 -41.47
C VAL B 218 -15.67 54.18 -40.16
N VAL B 219 -16.50 54.50 -39.18
CA VAL B 219 -16.61 53.71 -37.91
C VAL B 219 -18.03 53.17 -37.79
N ILE B 220 -18.16 51.88 -37.50
CA ILE B 220 -19.44 51.17 -37.25
C ILE B 220 -19.30 50.54 -35.87
N ILE B 221 -20.21 50.86 -34.95
CA ILE B 221 -20.32 50.12 -33.67
C ILE B 221 -21.61 49.30 -33.70
N THR B 222 -21.48 47.97 -33.63
CA THR B 222 -22.60 47.02 -33.50
C THR B 222 -23.13 47.04 -32.08
N LEU B 223 -24.45 46.92 -31.94
CA LEU B 223 -25.22 47.14 -30.70
C LEU B 223 -26.17 45.96 -30.42
N GLY B 224 -25.78 44.74 -30.79
CA GLY B 224 -26.62 43.54 -30.56
C GLY B 224 -28.03 43.76 -31.13
N ALA B 225 -29.05 43.61 -30.30
CA ALA B 225 -30.47 43.75 -30.68
C ALA B 225 -30.80 45.17 -31.17
N GLU B 226 -29.98 46.18 -30.86
CA GLU B 226 -30.23 47.59 -31.28
C GLU B 226 -29.63 47.86 -32.66
N GLY B 227 -29.01 46.87 -33.30
CA GLY B 227 -28.49 47.03 -34.68
C GLY B 227 -27.09 47.62 -34.69
N CYS B 228 -26.87 48.81 -35.23
CA CYS B 228 -25.53 49.44 -35.30
C CYS B 228 -25.63 50.95 -35.43
N VAL B 229 -24.51 51.64 -35.20
N VAL B 229 -24.51 51.64 -35.19
CA VAL B 229 -24.40 53.10 -35.41
CA VAL B 229 -24.41 53.10 -35.43
C VAL B 229 -23.20 53.27 -36.33
C VAL B 229 -23.20 53.26 -36.34
N VAL B 230 -23.30 54.20 -37.27
CA VAL B 230 -22.22 54.45 -38.25
C VAL B 230 -21.97 55.95 -38.33
N LEU B 231 -20.70 56.30 -38.47
CA LEU B 231 -20.33 57.67 -38.92
C LEU B 231 -19.07 57.59 -39.76
N SER B 232 -18.69 58.72 -40.37
CA SER B 232 -17.64 58.76 -41.41
C SER B 232 -17.03 60.17 -41.41
N GLN B 233 -15.88 60.30 -42.04
CA GLN B 233 -15.18 61.60 -42.16
C GLN B 233 -16.10 62.58 -42.89
N THR B 234 -16.80 62.15 -43.95
CA THR B 234 -17.71 63.00 -44.77
C THR B 234 -18.99 63.30 -43.97
N GLU B 235 -19.49 62.35 -43.20
CA GLU B 235 -20.75 62.52 -42.43
C GLU B 235 -20.52 62.08 -40.99
N PRO B 236 -19.89 62.92 -40.15
CA PRO B 236 -19.52 62.50 -38.80
C PRO B 236 -20.69 62.46 -37.80
N GLU B 237 -21.91 62.83 -38.21
CA GLU B 237 -23.13 62.71 -37.36
C GLU B 237 -23.51 61.23 -37.27
N PRO B 238 -23.58 60.65 -36.07
CA PRO B 238 -23.88 59.21 -35.96
C PRO B 238 -25.30 58.91 -36.43
N LYS B 239 -25.46 57.81 -37.17
CA LYS B 239 -26.77 57.32 -37.68
C LYS B 239 -27.00 55.94 -37.04
N HIS B 240 -28.17 55.74 -36.44
CA HIS B 240 -28.62 54.49 -35.82
C HIS B 240 -29.43 53.69 -36.85
N ILE B 241 -28.95 52.50 -37.17
CA ILE B 241 -29.55 51.60 -38.17
C ILE B 241 -30.06 50.45 -37.34
N PRO B 242 -31.37 50.38 -37.11
CA PRO B 242 -31.94 49.23 -36.39
C PRO B 242 -31.83 47.92 -37.17
N THR B 243 -31.99 46.80 -36.45
CA THR B 243 -31.90 45.46 -37.06
C THR B 243 -33.29 44.80 -37.02
N GLU B 244 -33.38 43.62 -37.58
CA GLU B 244 -34.64 42.85 -37.65
C GLU B 244 -34.98 42.40 -36.23
N LYS B 245 -36.24 42.43 -35.83
CA LYS B 245 -36.69 42.02 -34.47
C LYS B 245 -36.90 40.52 -34.50
N VAL B 246 -36.05 39.74 -33.82
CA VAL B 246 -36.09 38.25 -33.92
C VAL B 246 -35.92 37.63 -32.52
N LYS B 247 -36.13 36.32 -32.40
CA LYS B 247 -35.91 35.56 -31.15
C LYS B 247 -34.47 35.05 -31.19
N ALA B 248 -33.63 35.50 -30.27
CA ALA B 248 -32.19 35.11 -30.28
C ALA B 248 -32.05 33.78 -29.55
N VAL B 249 -31.48 32.77 -30.22
CA VAL B 249 -31.13 31.45 -29.63
C VAL B 249 -29.63 31.44 -29.28
N ASP B 250 -28.77 31.93 -30.17
CA ASP B 250 -27.30 31.89 -29.93
C ASP B 250 -26.69 33.02 -30.73
N THR B 251 -26.24 34.06 -30.03
CA THR B 251 -25.71 35.27 -30.71
C THR B 251 -24.20 35.13 -30.97
N THR B 252 -23.57 34.00 -30.61
CA THR B 252 -22.11 33.83 -30.82
C THR B 252 -21.81 34.05 -32.30
N GLY B 253 -20.83 34.92 -32.61
CA GLY B 253 -20.39 35.15 -34.00
C GLY B 253 -21.38 36.00 -34.78
N ALA B 254 -22.31 36.68 -34.12
CA ALA B 254 -23.29 37.58 -34.80
C ALA B 254 -22.50 38.69 -35.47
N GLY B 255 -21.57 39.28 -34.76
CA GLY B 255 -20.70 40.33 -35.32
C GLY B 255 -19.91 39.81 -36.50
N ASP B 256 -19.47 38.54 -36.49
CA ASP B 256 -18.72 37.97 -37.63
C ASP B 256 -19.64 37.86 -38.85
N SER B 257 -20.89 37.48 -38.65
CA SER B 257 -21.91 37.43 -39.74
C SER B 257 -22.06 38.85 -40.31
N PHE B 258 -22.17 39.82 -39.42
CA PHE B 258 -22.36 41.23 -39.81
C PHE B 258 -21.17 41.68 -40.68
N VAL B 259 -19.96 41.39 -40.22
CA VAL B 259 -18.72 41.85 -40.92
C VAL B 259 -18.54 41.12 -42.26
N GLY B 260 -18.88 39.84 -42.32
CA GLY B 260 -18.80 39.07 -43.58
C GLY B 260 -19.81 39.61 -44.56
N ALA B 261 -21.04 39.91 -44.11
CA ALA B 261 -22.03 40.57 -44.97
C ALA B 261 -21.48 41.92 -45.46
N LEU B 262 -20.92 42.73 -44.56
CA LEU B 262 -20.32 44.04 -44.92
C LEU B 262 -19.25 43.84 -46.01
N ALA B 263 -18.38 42.83 -45.87
CA ALA B 263 -17.30 42.56 -46.83
C ALA B 263 -17.94 42.22 -48.19
N PHE B 264 -18.98 41.40 -48.16
CA PHE B 264 -19.71 40.99 -49.38
C PHE B 264 -20.26 42.24 -50.05
N TYR B 265 -20.90 43.16 -49.32
CA TYR B 265 -21.52 44.35 -49.96
C TYR B 265 -20.44 45.33 -50.44
N LEU B 266 -19.35 45.53 -49.71
CA LEU B 266 -18.26 46.44 -50.16
C LEU B 266 -17.68 45.91 -51.46
N ALA B 267 -17.59 44.58 -51.59
CA ALA B 267 -16.88 43.93 -52.73
C ALA B 267 -17.80 43.90 -53.95
N TYR B 268 -19.09 43.57 -53.75
CA TYR B 268 -20.01 43.27 -54.88
C TYR B 268 -21.08 44.36 -55.06
N TYR B 269 -21.37 45.19 -54.08
CA TYR B 269 -22.39 46.29 -54.25
C TYR B 269 -21.79 47.62 -53.81
N PRO B 270 -20.63 48.03 -54.40
CA PRO B 270 -19.85 49.14 -53.86
C PRO B 270 -20.64 50.48 -53.90
N ASN B 271 -21.63 50.62 -54.78
CA ASN B 271 -22.35 51.90 -54.98
C ASN B 271 -23.54 52.06 -54.02
N LEU B 272 -23.88 51.06 -53.20
CA LEU B 272 -24.96 51.22 -52.17
C LEU B 272 -24.48 52.26 -51.13
N SER B 273 -25.38 53.05 -50.59
CA SER B 273 -25.09 53.90 -49.41
C SER B 273 -24.64 52.99 -48.27
N LEU B 274 -23.92 53.55 -47.32
CA LEU B 274 -23.55 52.85 -46.06
C LEU B 274 -24.84 52.43 -45.32
N GLU B 275 -25.88 53.29 -45.27
CA GLU B 275 -27.12 52.98 -44.52
C GLU B 275 -27.77 51.73 -45.13
N ASP B 276 -27.81 51.66 -46.47
CA ASP B 276 -28.40 50.52 -47.22
C ASP B 276 -27.60 49.26 -46.86
N MET B 277 -26.27 49.33 -46.99
CA MET B 277 -25.41 48.16 -46.71
C MET B 277 -25.65 47.66 -45.28
N LEU B 278 -25.75 48.56 -44.32
CA LEU B 278 -25.87 48.15 -42.89
C LEU B 278 -27.27 47.63 -42.64
N ASN B 279 -28.29 48.17 -43.31
CA ASN B 279 -29.68 47.64 -43.28
C ASN B 279 -29.58 46.15 -43.62
N ARG B 280 -28.91 45.82 -44.72
CA ARG B 280 -28.82 44.45 -45.26
C ARG B 280 -27.98 43.59 -44.32
N SER B 281 -26.85 44.12 -43.87
CA SER B 281 -25.90 43.40 -43.01
C SER B 281 -26.56 43.07 -41.66
N ASN B 282 -27.32 44.00 -41.09
CA ASN B 282 -28.12 43.77 -39.86
C ASN B 282 -29.08 42.59 -40.11
N PHE B 283 -29.83 42.59 -41.22
CA PHE B 283 -30.83 41.53 -41.50
C PHE B 283 -30.13 40.17 -41.49
N ILE B 284 -28.98 40.07 -42.15
CA ILE B 284 -28.25 38.79 -42.28
C ILE B 284 -27.77 38.37 -40.89
N ALA B 285 -27.16 39.26 -40.12
CA ALA B 285 -26.64 38.93 -38.77
C ALA B 285 -27.83 38.48 -37.90
N ALA B 286 -28.99 39.12 -38.07
CA ALA B 286 -30.19 38.81 -37.25
C ALA B 286 -30.67 37.40 -37.61
N VAL B 287 -30.46 36.95 -38.83
CA VAL B 287 -30.79 35.52 -39.16
C VAL B 287 -29.86 34.59 -38.36
N SER B 288 -28.61 34.93 -38.25
CA SER B 288 -27.58 34.07 -37.56
C SER B 288 -27.94 33.86 -36.07
N VAL B 289 -28.51 34.87 -35.38
CA VAL B 289 -28.74 34.76 -33.92
C VAL B 289 -29.91 33.79 -33.66
N GLN B 290 -30.68 33.42 -34.71
CA GLN B 290 -31.86 32.53 -34.53
C GLN B 290 -31.48 31.06 -34.47
N ALA B 291 -30.21 30.71 -34.66
CA ALA B 291 -29.79 29.29 -34.59
C ALA B 291 -28.44 29.11 -33.89
N ALA B 292 -28.15 27.86 -33.51
CA ALA B 292 -27.01 27.43 -32.69
C ALA B 292 -25.70 27.61 -33.46
N GLY B 293 -24.63 27.99 -32.76
CA GLY B 293 -23.27 28.08 -33.28
C GLY B 293 -22.95 29.33 -34.11
N THR B 294 -21.72 29.44 -34.53
CA THR B 294 -21.29 30.48 -35.47
C THR B 294 -21.69 29.97 -36.85
N GLN B 295 -20.74 29.40 -37.55
CA GLN B 295 -20.86 29.13 -39.02
C GLN B 295 -22.13 28.33 -39.33
N SER B 296 -22.51 27.38 -38.46
CA SER B 296 -23.71 26.51 -38.63
C SER B 296 -24.96 27.36 -38.73
N SER B 297 -24.97 28.57 -38.18
CA SER B 297 -26.14 29.48 -38.17
C SER B 297 -26.13 30.47 -39.35
N TYR B 298 -25.06 30.58 -40.13
CA TYR B 298 -24.89 31.65 -41.15
C TYR B 298 -25.73 31.30 -42.37
N PRO B 299 -26.65 32.20 -42.81
CA PRO B 299 -27.54 31.88 -43.92
C PRO B 299 -26.84 31.93 -45.27
N TYR B 300 -27.30 31.12 -46.21
CA TYR B 300 -26.91 31.20 -47.65
C TYR B 300 -27.85 32.12 -48.40
N LYS B 301 -27.34 32.63 -49.51
CA LYS B 301 -28.10 33.51 -50.43
C LYS B 301 -29.47 32.92 -50.72
N LYS B 302 -29.54 31.64 -51.05
CA LYS B 302 -30.80 31.01 -51.53
C LYS B 302 -31.88 31.11 -50.46
N ASP B 303 -31.49 31.24 -49.18
CA ASP B 303 -32.45 31.19 -48.04
C ASP B 303 -32.86 32.60 -47.61
N LEU B 304 -32.37 33.63 -48.27
CA LEU B 304 -32.57 35.03 -47.83
C LEU B 304 -33.47 35.76 -48.83
N PRO B 305 -34.17 36.84 -48.41
CA PRO B 305 -35.02 37.60 -49.32
C PRO B 305 -34.24 38.11 -50.53
N LEU B 306 -34.84 38.08 -51.70
CA LEU B 306 -34.25 38.46 -53.02
C LEU B 306 -33.72 39.89 -52.99
N THR B 307 -34.43 40.73 -52.24
CA THR B 307 -34.22 42.19 -52.19
C THR B 307 -32.85 42.48 -51.57
N LEU B 308 -32.28 41.54 -50.82
CA LEU B 308 -30.91 41.74 -50.26
C LEU B 308 -29.85 41.75 -51.37
N PHE B 309 -30.18 41.32 -52.58
CA PHE B 309 -29.21 41.12 -53.69
C PHE B 309 -29.58 42.01 -54.87
N LEU B 310 -30.47 42.97 -54.69
CA LEU B 310 -30.92 43.86 -55.82
C LEU B 310 -30.16 45.17 -55.67
N GLU B 311 -30.01 45.95 -56.75
CA GLU B 311 -29.55 47.36 -56.66
C GLU B 311 -30.14 48.19 -57.80
N GLU C 1 16.59 15.00 11.63
CA GLU C 1 17.81 14.16 11.81
C GLU C 1 17.81 13.55 13.24
N VAL C 2 17.43 14.29 14.30
CA VAL C 2 17.87 14.05 15.72
C VAL C 2 16.99 12.99 16.40
N ALA C 3 17.59 11.96 16.99
CA ALA C 3 16.88 10.99 17.83
C ALA C 3 16.44 11.66 19.14
N ALA C 4 15.14 11.60 19.43
CA ALA C 4 14.53 12.06 20.70
C ALA C 4 14.56 10.92 21.74
N VAL C 5 14.56 9.67 21.31
CA VAL C 5 14.58 8.51 22.24
C VAL C 5 15.83 7.69 21.93
N VAL C 6 16.73 7.57 22.90
CA VAL C 6 17.90 6.68 22.77
C VAL C 6 17.69 5.48 23.70
N VAL C 7 17.80 4.28 23.14
CA VAL C 7 17.72 3.04 23.97
C VAL C 7 19.13 2.42 24.00
N VAL C 8 19.67 2.27 25.20
CA VAL C 8 20.93 1.52 25.42
C VAL C 8 20.56 0.17 26.03
N GLY C 9 20.67 -0.90 25.25
CA GLY C 9 20.26 -2.21 25.76
C GLY C 9 20.37 -3.33 24.76
N SER C 10 19.42 -4.27 24.84
CA SER C 10 19.57 -5.66 24.37
C SER C 10 18.79 -5.94 23.08
N CYS C 11 19.35 -6.74 22.21
CA CYS C 11 18.72 -7.47 21.08
C CYS C 11 18.89 -8.98 21.32
N MET C 12 17.79 -9.72 21.18
CA MET C 12 17.74 -11.19 21.29
C MET C 12 16.94 -11.74 20.13
N THR C 13 17.32 -12.90 19.62
CA THR C 13 16.45 -13.72 18.73
C THR C 13 15.52 -14.54 19.62
N ASP C 14 14.22 -14.34 19.46
CA ASP C 14 13.17 -15.06 20.22
C ASP C 14 12.88 -16.37 19.48
N LEU C 15 13.06 -17.50 20.17
CA LEU C 15 12.81 -18.88 19.67
C LEU C 15 11.62 -19.38 20.50
N VAL C 16 10.43 -19.35 19.93
CA VAL C 16 9.15 -19.40 20.66
C VAL C 16 8.42 -20.71 20.34
N SER C 17 8.04 -21.46 21.38
CA SER C 17 7.18 -22.66 21.27
C SER C 17 5.83 -22.35 21.94
N LEU C 18 4.72 -22.52 21.22
CA LEU C 18 3.34 -22.37 21.72
C LEU C 18 2.84 -23.73 22.19
N THR C 19 2.29 -23.79 23.40
CA THR C 19 1.75 -25.01 24.06
C THR C 19 0.39 -24.71 24.69
N SER C 20 -0.33 -25.75 25.13
CA SER C 20 -1.63 -25.55 25.83
C SER C 20 -1.36 -25.21 27.29
N ARG C 21 -0.33 -25.81 27.91
CA ARG C 21 0.13 -25.42 29.27
C ARG C 21 1.66 -25.31 29.30
N LEU C 22 2.17 -24.61 30.31
CA LEU C 22 3.62 -24.51 30.57
C LEU C 22 4.08 -25.81 31.22
N PRO C 23 5.29 -26.31 30.91
CA PRO C 23 5.77 -27.56 31.51
C PRO C 23 6.39 -27.32 32.89
N LYS C 24 6.31 -28.31 33.80
CA LYS C 24 7.01 -28.34 35.12
C LYS C 24 8.39 -29.03 34.95
N THR C 25 9.32 -28.83 35.92
CA THR C 25 10.61 -29.57 36.06
C THR C 25 10.37 -31.03 35.69
N GLY C 26 11.23 -31.61 34.83
CA GLY C 26 11.21 -33.06 34.51
C GLY C 26 10.23 -33.43 33.40
N GLU C 27 9.40 -32.49 32.95
CA GLU C 27 8.33 -32.73 31.95
C GLU C 27 8.84 -32.50 30.52
N THR C 28 8.48 -33.39 29.59
CA THR C 28 8.55 -33.20 28.12
C THR C 28 7.11 -32.99 27.65
N ILE C 29 6.78 -31.88 27.00
CA ILE C 29 5.42 -31.67 26.43
C ILE C 29 5.56 -31.32 24.95
N HIS C 30 4.52 -31.63 24.18
CA HIS C 30 4.42 -31.32 22.74
C HIS C 30 3.71 -29.98 22.54
N GLY C 31 4.38 -29.07 21.85
CA GLY C 31 3.76 -27.78 21.48
C GLY C 31 3.03 -27.89 20.16
N HIS C 32 2.28 -26.85 19.75
CA HIS C 32 1.54 -26.90 18.46
C HIS C 32 2.17 -25.92 17.45
N LYS C 33 3.12 -25.10 17.89
CA LYS C 33 3.78 -24.19 16.92
C LYS C 33 5.15 -23.74 17.45
N PHE C 34 6.06 -23.47 16.51
CA PHE C 34 7.38 -22.87 16.75
C PHE C 34 7.55 -21.72 15.77
N PHE C 35 8.12 -20.59 16.25
CA PHE C 35 8.50 -19.45 15.35
C PHE C 35 9.69 -18.63 15.98
N ILE C 36 10.41 -17.99 15.06
CA ILE C 36 11.58 -17.08 15.30
C ILE C 36 11.08 -15.62 15.23
N GLY C 37 11.29 -14.82 16.26
CA GLY C 37 10.99 -13.39 16.21
C GLY C 37 12.18 -12.56 16.67
N PHE C 38 12.10 -11.27 16.42
CA PHE C 38 13.07 -10.26 16.92
C PHE C 38 12.62 -9.83 18.32
N GLY C 39 13.47 -10.00 19.33
CA GLY C 39 13.15 -9.70 20.72
C GLY C 39 14.28 -8.95 21.39
N GLY C 40 14.40 -9.13 22.70
CA GLY C 40 15.29 -8.32 23.54
C GLY C 40 14.54 -7.14 24.06
N LYS C 41 14.59 -6.89 25.37
CA LYS C 41 13.82 -5.83 26.01
C LYS C 41 14.19 -4.47 25.38
N GLY C 42 15.48 -4.21 25.18
CA GLY C 42 15.91 -2.91 24.65
C GLY C 42 15.34 -2.67 23.26
N ALA C 43 15.54 -3.61 22.35
CA ALA C 43 15.05 -3.45 20.97
C ALA C 43 13.52 -3.42 21.01
N ASN C 44 12.85 -4.21 21.86
CA ASN C 44 11.36 -4.23 21.89
C ASN C 44 10.84 -2.83 22.23
N GLN C 45 11.41 -2.21 23.28
CA GLN C 45 11.06 -0.87 23.78
C GLN C 45 11.33 0.13 22.65
N CYS C 46 12.50 0.03 21.99
CA CYS C 46 12.90 0.97 20.93
C CYS C 46 11.92 0.87 19.76
N VAL C 47 11.53 -0.35 19.40
CA VAL C 47 10.61 -0.61 18.27
C VAL C 47 9.23 -0.04 18.60
N GLN C 48 8.70 -0.26 19.77
CA GLN C 48 7.35 0.28 20.09
C GLN C 48 7.40 1.80 19.96
N ALA C 49 8.41 2.47 20.54
CA ALA C 49 8.55 3.95 20.50
C ALA C 49 8.61 4.38 19.04
N ALA C 50 9.44 3.73 18.22
CA ALA C 50 9.61 4.08 16.79
C ALA C 50 8.24 3.95 16.09
N ARG C 51 7.49 2.89 16.36
CA ARG C 51 6.22 2.64 15.63
C ARG C 51 5.16 3.69 15.96
N LEU C 52 5.25 4.34 17.12
CA LEU C 52 4.29 5.40 17.52
C LEU C 52 4.66 6.71 16.84
N GLY C 53 5.85 6.81 16.26
CA GLY C 53 6.35 8.00 15.55
C GLY C 53 7.64 8.56 16.14
N ALA C 54 8.21 7.99 17.18
CA ALA C 54 9.47 8.52 17.76
C ALA C 54 10.65 8.35 16.77
N MET C 55 11.54 9.34 16.72
CA MET C 55 12.87 9.26 16.08
C MET C 55 13.82 8.63 17.11
N THR C 56 14.29 7.41 16.86
CA THR C 56 15.00 6.57 17.87
C THR C 56 16.38 6.14 17.40
N SER C 57 17.25 5.82 18.34
CA SER C 57 18.62 5.31 18.13
C SER C 57 18.84 4.15 19.08
N MET C 58 19.32 3.03 18.56
CA MET C 58 19.50 1.77 19.33
C MET C 58 21.00 1.55 19.51
N VAL C 59 21.48 1.71 20.76
CA VAL C 59 22.88 1.45 21.18
C VAL C 59 22.88 0.04 21.73
N CYS C 60 23.54 -0.88 21.02
CA CYS C 60 23.51 -2.31 21.34
C CYS C 60 24.64 -3.06 20.66
N LYS C 61 24.81 -4.32 21.02
CA LYS C 61 25.78 -5.24 20.35
C LYS C 61 25.12 -6.58 20.02
N VAL C 62 25.27 -7.01 18.77
CA VAL C 62 24.84 -8.36 18.27
C VAL C 62 26.08 -9.10 17.74
N GLY C 63 25.89 -10.35 17.30
CA GLY C 63 26.99 -11.15 16.74
C GLY C 63 27.23 -10.81 15.27
N LYS C 64 28.40 -11.18 14.77
CA LYS C 64 28.72 -11.25 13.32
C LYS C 64 28.27 -12.62 12.85
N ASP C 65 27.00 -12.90 12.99
CA ASP C 65 26.32 -14.17 12.63
C ASP C 65 25.05 -13.77 11.85
N SER C 66 24.38 -14.72 11.24
CA SER C 66 23.19 -14.44 10.39
C SER C 66 22.09 -13.80 11.25
N PHE C 67 21.90 -14.29 12.47
CA PHE C 67 20.90 -13.73 13.44
C PHE C 67 21.20 -12.23 13.69
N GLY C 68 22.48 -11.87 13.85
CA GLY C 68 22.90 -10.48 14.05
C GLY C 68 22.71 -9.63 12.82
N ASN C 69 23.07 -10.13 11.64
CA ASN C 69 22.84 -9.40 10.36
C ASN C 69 21.33 -9.14 10.23
N ASP C 70 20.51 -10.14 10.55
CA ASP C 70 19.05 -10.06 10.43
C ASP C 70 18.56 -9.01 11.41
N TYR C 71 19.16 -8.97 12.62
CA TYR C 71 18.73 -7.99 13.65
C TYR C 71 18.96 -6.56 13.15
N ILE C 72 20.14 -6.28 12.59
CA ILE C 72 20.48 -4.90 12.11
C ILE C 72 19.43 -4.52 11.05
N GLU C 73 19.08 -5.45 10.14
CA GLU C 73 18.09 -5.13 9.08
C GLU C 73 16.71 -4.86 9.71
N ASN C 74 16.33 -5.65 10.71
CA ASN C 74 15.09 -5.45 11.51
C ASN C 74 15.05 -4.02 12.06
N LEU C 75 16.15 -3.55 12.66
CA LEU C 75 16.17 -2.18 13.27
C LEU C 75 15.99 -1.14 12.15
N LYS C 76 16.73 -1.28 11.04
CA LYS C 76 16.61 -0.34 9.91
C LYS C 76 15.18 -0.35 9.33
N GLN C 77 14.54 -1.51 9.27
CA GLN C 77 13.14 -1.62 8.74
C GLN C 77 12.15 -0.90 9.65
N ASN C 78 12.43 -0.75 10.95
CA ASN C 78 11.58 -0.01 11.91
C ASN C 78 12.03 1.46 11.97
N ASP C 79 12.89 1.91 11.04
CA ASP C 79 13.39 3.30 10.95
C ASP C 79 14.13 3.69 12.23
N ILE C 80 14.79 2.72 12.86
CA ILE C 80 15.64 2.96 14.07
C ILE C 80 17.08 3.21 13.57
N SER C 81 17.73 4.26 14.05
CA SER C 81 19.15 4.53 13.74
C SER C 81 20.01 3.40 14.30
N THR C 82 20.91 2.84 13.48
CA THR C 82 21.87 1.78 13.85
C THR C 82 23.31 2.32 13.89
N GLU C 83 23.46 3.64 14.03
CA GLU C 83 24.76 4.33 14.13
C GLU C 83 25.64 3.63 15.19
N PHE C 84 25.06 3.25 16.32
CA PHE C 84 25.77 2.67 17.49
C PHE C 84 25.21 1.27 17.79
N THR C 85 24.77 0.58 16.75
CA THR C 85 24.48 -0.88 16.78
C THR C 85 25.77 -1.60 16.35
N TYR C 86 26.43 -2.29 17.28
CA TYR C 86 27.74 -2.91 17.03
C TYR C 86 27.55 -4.40 16.71
N GLN C 87 28.51 -4.98 15.98
CA GLN C 87 28.60 -6.43 15.75
C GLN C 87 29.96 -6.92 16.26
N THR C 88 30.01 -8.08 16.91
CA THR C 88 31.28 -8.64 17.45
C THR C 88 31.42 -10.08 16.95
N LYS C 89 32.66 -10.48 16.60
CA LYS C 89 33.04 -11.88 16.27
C LYS C 89 33.05 -12.74 17.55
N ASP C 90 33.11 -12.10 18.74
CA ASP C 90 33.56 -12.74 20.01
C ASP C 90 32.39 -13.35 20.79
N ALA C 91 31.15 -13.15 20.36
CA ALA C 91 29.96 -13.85 20.93
C ALA C 91 28.74 -13.77 19.98
N ALA C 92 27.88 -14.78 20.11
CA ALA C 92 26.69 -14.96 19.17
C ALA C 92 25.67 -13.89 19.60
N THR C 93 24.81 -13.48 18.66
CA THR C 93 23.62 -12.67 18.96
C THR C 93 22.86 -13.34 20.13
N GLY C 94 22.41 -12.53 21.10
CA GLY C 94 21.59 -13.00 22.24
C GLY C 94 20.41 -13.87 21.78
N THR C 95 20.04 -14.83 22.61
CA THR C 95 18.99 -15.84 22.39
C THR C 95 17.99 -15.77 23.56
N ALA C 96 16.71 -15.88 23.29
CA ALA C 96 15.64 -16.05 24.29
C ALA C 96 14.83 -17.29 23.88
N SER C 97 14.89 -18.34 24.66
CA SER C 97 14.05 -19.54 24.47
C SER C 97 12.74 -19.32 25.22
N ILE C 98 11.60 -19.29 24.53
CA ILE C 98 10.30 -18.80 25.08
C ILE C 98 9.23 -19.89 24.92
N ILE C 99 8.53 -20.22 25.99
CA ILE C 99 7.33 -21.12 25.97
C ILE C 99 6.11 -20.25 26.31
N VAL C 100 5.10 -20.23 25.44
CA VAL C 100 3.85 -19.43 25.62
C VAL C 100 2.64 -20.36 25.64
N ASN C 101 1.81 -20.29 26.68
CA ASN C 101 0.61 -21.16 26.78
C ASN C 101 -0.59 -20.47 26.11
N ASN C 102 -1.74 -21.12 26.09
CA ASN C 102 -2.95 -20.65 25.37
C ASN C 102 -3.42 -19.32 25.97
N GLU C 103 -3.26 -19.14 27.29
CA GLU C 103 -3.73 -17.96 28.05
C GLU C 103 -2.70 -16.82 27.95
N GLY C 104 -1.62 -16.98 27.20
CA GLY C 104 -0.60 -15.93 26.98
C GLY C 104 0.51 -15.89 28.02
N GLN C 105 0.49 -16.73 29.07
CA GLN C 105 1.54 -16.76 30.13
C GLN C 105 2.80 -17.44 29.58
N ASN C 106 3.98 -17.04 30.05
CA ASN C 106 5.23 -17.52 29.41
C ASN C 106 6.29 -17.92 30.45
N ILE C 107 7.27 -18.70 30.01
CA ILE C 107 8.63 -18.87 30.59
C ILE C 107 9.64 -18.39 29.54
N ILE C 108 10.71 -17.74 29.97
CA ILE C 108 11.76 -17.17 29.08
C ILE C 108 13.10 -17.49 29.72
N VAL C 109 14.00 -18.06 28.92
CA VAL C 109 15.43 -18.23 29.31
C VAL C 109 16.26 -17.47 28.28
N ILE C 110 16.95 -16.43 28.77
CA ILE C 110 17.83 -15.59 27.92
C ILE C 110 19.26 -16.10 28.08
N VAL C 111 19.97 -16.22 26.97
CA VAL C 111 21.46 -16.28 26.95
C VAL C 111 21.92 -15.01 26.25
N ALA C 112 22.44 -14.04 27.00
CA ALA C 112 22.58 -12.63 26.59
C ALA C 112 23.64 -12.55 25.50
N GLY C 113 24.61 -13.43 25.48
CA GLY C 113 25.62 -13.45 24.39
C GLY C 113 26.29 -12.09 24.14
N ALA C 114 26.23 -11.59 22.90
CA ALA C 114 26.93 -10.32 22.45
C ALA C 114 26.42 -9.13 23.27
N ASN C 115 25.21 -9.20 23.80
CA ASN C 115 24.65 -8.13 24.67
C ASN C 115 25.65 -7.81 25.79
N LEU C 116 26.32 -8.83 26.35
CA LEU C 116 27.21 -8.65 27.51
C LEU C 116 28.53 -8.03 27.08
N LEU C 117 28.81 -7.93 25.78
CA LEU C 117 30.09 -7.36 25.27
C LEU C 117 29.93 -5.88 24.95
N LEU C 118 28.72 -5.30 25.06
CA LEU C 118 28.56 -3.81 24.89
C LEU C 118 29.23 -3.14 26.09
N ASN C 119 30.27 -2.35 25.83
CA ASN C 119 31.15 -1.82 26.91
C ASN C 119 31.09 -0.29 26.95
N THR C 120 31.80 0.28 27.91
CA THR C 120 31.92 1.74 28.19
C THR C 120 32.40 2.50 26.96
N GLU C 121 33.42 1.97 26.28
CA GLU C 121 34.01 2.59 25.07
C GLU C 121 32.93 2.68 23.97
N ASP C 122 32.11 1.62 23.80
CA ASP C 122 31.01 1.60 22.82
C ASP C 122 30.00 2.72 23.13
N LEU C 123 29.72 2.98 24.42
CA LEU C 123 28.78 4.05 24.84
C LEU C 123 29.38 5.42 24.57
N ARG C 124 30.66 5.62 24.85
CA ARG C 124 31.33 6.96 24.75
C ARG C 124 31.13 7.54 23.35
N ALA C 125 31.23 6.72 22.31
CA ALA C 125 31.04 7.16 20.91
C ALA C 125 29.62 7.73 20.74
N ALA C 126 28.64 7.21 21.48
CA ALA C 126 27.22 7.64 21.39
C ALA C 126 26.97 8.87 22.25
N ALA C 127 27.99 9.48 22.86
CA ALA C 127 27.86 10.59 23.82
C ALA C 127 27.07 11.76 23.22
N ASN C 128 27.33 12.09 21.95
CA ASN C 128 26.70 13.26 21.28
C ASN C 128 25.21 12.97 21.11
N VAL C 129 24.88 11.79 20.62
CA VAL C 129 23.47 11.37 20.36
C VAL C 129 22.70 11.30 21.68
N ILE C 130 23.32 10.81 22.77
CA ILE C 130 22.67 10.73 24.11
C ILE C 130 22.40 12.15 24.60
N SER C 131 23.32 13.08 24.38
CA SER C 131 23.23 14.44 24.95
C SER C 131 22.17 15.26 24.20
N ARG C 132 21.75 14.83 23.02
CA ARG C 132 20.75 15.54 22.17
C ARG C 132 19.35 14.90 22.28
N ALA C 133 19.23 13.80 23.03
CA ALA C 133 17.96 13.04 23.15
C ALA C 133 17.07 13.66 24.24
N LYS C 134 15.79 13.30 24.25
CA LYS C 134 14.85 13.72 25.31
C LYS C 134 14.82 12.63 26.38
N VAL C 135 14.93 11.36 25.97
CA VAL C 135 14.74 10.21 26.91
C VAL C 135 15.77 9.13 26.59
N MET C 136 16.41 8.64 27.64
CA MET C 136 17.37 7.48 27.59
C MET C 136 16.68 6.33 28.32
N VAL C 137 16.60 5.19 27.65
CA VAL C 137 15.95 3.96 28.19
C VAL C 137 16.99 2.85 28.32
N CYS C 138 16.98 2.18 29.47
N CYS C 138 16.99 2.15 29.45
CA CYS C 138 17.92 1.07 29.80
CA CYS C 138 17.89 0.99 29.63
C CYS C 138 17.17 -0.05 30.52
C CYS C 138 17.21 -0.04 30.52
N GLN C 139 17.72 -1.28 30.45
CA GLN C 139 17.19 -2.45 31.17
C GLN C 139 18.39 -3.19 31.81
N LEU C 140 18.25 -4.46 32.18
CA LEU C 140 19.34 -5.25 32.79
C LEU C 140 19.60 -6.50 31.94
N GLU C 141 19.54 -6.40 30.62
CA GLU C 141 19.92 -7.52 29.72
C GLU C 141 21.29 -7.25 29.08
N ILE C 142 21.89 -6.07 29.29
CA ILE C 142 23.36 -5.89 29.07
C ILE C 142 24.05 -5.97 30.41
N THR C 143 25.38 -5.76 30.42
CA THR C 143 26.15 -5.65 31.69
C THR C 143 25.53 -4.56 32.53
N PRO C 144 25.20 -4.83 33.82
CA PRO C 144 24.74 -3.77 34.71
C PRO C 144 25.63 -2.51 34.68
N ALA C 145 26.94 -2.65 34.76
CA ALA C 145 27.89 -1.50 34.69
C ALA C 145 27.67 -0.63 33.43
N THR C 146 27.29 -1.21 32.31
CA THR C 146 27.08 -0.46 31.05
C THR C 146 25.76 0.31 31.12
N SER C 147 24.68 -0.29 31.62
CA SER C 147 23.41 0.42 31.88
C SER C 147 23.68 1.57 32.88
N LEU C 148 24.42 1.33 33.97
CA LEU C 148 24.72 2.41 34.96
C LEU C 148 25.44 3.56 34.25
N GLU C 149 26.43 3.25 33.39
CA GLU C 149 27.17 4.33 32.66
C GLU C 149 26.19 5.07 31.73
N ALA C 150 25.24 4.39 31.06
CA ALA C 150 24.29 5.06 30.16
C ALA C 150 23.44 6.05 30.95
N LEU C 151 22.96 5.62 32.13
CA LEU C 151 22.14 6.47 33.01
C LEU C 151 22.98 7.67 33.48
N THR C 152 24.22 7.45 33.89
CA THR C 152 25.13 8.53 34.34
C THR C 152 25.27 9.55 33.20
N MET C 153 25.56 9.10 31.98
CA MET C 153 25.78 10.03 30.84
C MET C 153 24.52 10.84 30.59
N ALA C 154 23.36 10.18 30.54
CA ALA C 154 22.08 10.85 30.32
C ALA C 154 21.82 11.86 31.44
N ARG C 155 21.98 11.48 32.70
CA ARG C 155 21.74 12.41 33.84
C ARG C 155 22.66 13.62 33.68
N ARG C 156 23.93 13.48 33.38
CA ARG C 156 24.78 14.69 33.37
C ARG C 156 24.48 15.58 32.12
N SER C 157 23.80 15.09 31.10
CA SER C 157 23.35 15.85 29.90
C SER C 157 21.92 16.39 30.11
N GLY C 158 21.30 16.18 31.27
CA GLY C 158 19.92 16.58 31.58
C GLY C 158 18.89 15.76 30.83
N VAL C 159 19.24 14.58 30.32
CA VAL C 159 18.33 13.73 29.52
C VAL C 159 17.50 12.90 30.50
N LYS C 160 16.21 12.80 30.25
CA LYS C 160 15.32 12.06 31.14
C LYS C 160 15.71 10.56 31.10
N THR C 161 15.83 9.95 32.28
CA THR C 161 16.19 8.52 32.41
C THR C 161 14.94 7.71 32.72
N LEU C 162 14.70 6.69 31.90
CA LEU C 162 13.67 5.67 32.08
C LEU C 162 14.41 4.31 32.21
N PHE C 163 14.37 3.75 33.41
CA PHE C 163 15.12 2.52 33.76
C PHE C 163 14.09 1.43 34.08
N ASN C 164 14.29 0.27 33.44
CA ASN C 164 13.43 -0.92 33.53
C ASN C 164 14.31 -2.04 34.10
N PRO C 165 14.27 -2.31 35.43
CA PRO C 165 15.22 -3.24 36.05
C PRO C 165 14.78 -4.67 35.74
N ALA C 166 14.98 -5.10 34.48
CA ALA C 166 14.41 -6.36 33.94
C ALA C 166 15.45 -7.07 33.10
N PRO C 167 15.71 -8.38 33.35
CA PRO C 167 15.19 -9.08 34.53
C PRO C 167 15.80 -8.52 35.81
N ALA C 168 15.12 -8.67 36.95
CA ALA C 168 15.51 -7.99 38.21
C ALA C 168 16.59 -8.81 38.92
N ILE C 169 17.48 -8.11 39.63
CA ILE C 169 18.53 -8.69 40.50
C ILE C 169 18.39 -7.97 41.84
N ALA C 170 18.43 -8.69 42.95
CA ALA C 170 18.40 -8.06 44.29
C ALA C 170 19.77 -7.38 44.43
N ASP C 171 19.90 -6.35 45.23
CA ASP C 171 21.21 -5.70 45.49
C ASP C 171 21.74 -5.01 44.23
N LEU C 172 20.89 -4.34 43.46
CA LEU C 172 21.30 -3.26 42.52
C LEU C 172 22.22 -2.27 43.24
N ASP C 173 23.28 -1.81 42.56
CA ASP C 173 24.03 -0.59 42.93
C ASP C 173 23.03 0.54 43.24
N PRO C 174 23.12 1.19 44.42
CA PRO C 174 22.09 2.17 44.84
C PRO C 174 21.93 3.35 43.86
N GLN C 175 22.95 3.60 43.02
CA GLN C 175 22.92 4.68 42.01
C GLN C 175 21.91 4.36 40.93
N PHE C 176 21.49 3.11 40.72
CA PHE C 176 20.43 2.84 39.70
C PHE C 176 19.15 3.57 40.11
N TYR C 177 18.90 3.71 41.41
CA TYR C 177 17.69 4.40 41.89
C TYR C 177 17.87 5.91 41.77
N THR C 178 19.00 6.45 42.26
CA THR C 178 19.22 7.92 42.31
C THR C 178 19.39 8.50 40.89
N LEU C 179 19.80 7.68 39.91
CA LEU C 179 19.94 8.10 38.50
C LEU C 179 18.66 7.87 37.69
N SER C 180 17.61 7.29 38.26
CA SER C 180 16.34 7.00 37.54
C SER C 180 15.33 8.14 37.74
N ASP C 181 14.96 8.84 36.68
CA ASP C 181 13.82 9.82 36.70
C ASP C 181 12.52 9.02 36.76
N VAL C 182 12.47 7.92 36.01
CA VAL C 182 11.28 7.04 35.93
C VAL C 182 11.80 5.61 36.03
N PHE C 183 11.32 4.90 37.03
CA PHE C 183 11.73 3.53 37.38
C PHE C 183 10.50 2.67 37.18
N CYS C 184 10.51 1.79 36.18
CA CYS C 184 9.31 1.01 35.75
C CYS C 184 9.63 -0.48 35.76
N CYS C 185 8.90 -1.26 36.55
CA CYS C 185 9.09 -2.74 36.65
C CYS C 185 7.72 -3.41 36.86
N ASN C 186 7.69 -4.73 36.80
CA ASN C 186 6.45 -5.52 37.00
C ASN C 186 6.40 -6.02 38.44
N GLU C 187 5.34 -6.73 38.76
CA GLU C 187 5.08 -7.19 40.14
C GLU C 187 6.21 -8.12 40.61
N SER C 188 6.59 -9.12 39.81
CA SER C 188 7.60 -10.11 40.29
C SER C 188 8.98 -9.41 40.44
N GLU C 189 9.30 -8.47 39.57
CA GLU C 189 10.56 -7.67 39.64
C GLU C 189 10.54 -6.82 40.92
N ALA C 190 9.40 -6.22 41.25
CA ALA C 190 9.22 -5.45 42.50
C ALA C 190 9.43 -6.37 43.70
N GLU C 191 8.93 -7.60 43.68
CA GLU C 191 9.15 -8.57 44.80
C GLU C 191 10.66 -8.80 44.95
N ILE C 192 11.37 -9.06 43.84
CA ILE C 192 12.83 -9.35 43.90
C ILE C 192 13.58 -8.13 44.46
N LEU C 193 13.20 -6.92 44.05
CA LEU C 193 13.94 -5.68 44.40
C LEU C 193 13.70 -5.27 45.86
N THR C 194 12.56 -5.65 46.47
CA THR C 194 12.10 -5.13 47.79
C THR C 194 11.99 -6.24 48.82
N GLY C 195 11.88 -7.50 48.38
CA GLY C 195 11.68 -8.67 49.27
C GLY C 195 10.28 -8.68 49.85
N LEU C 196 9.38 -7.83 49.35
CA LEU C 196 7.95 -7.78 49.76
C LEU C 196 7.11 -8.67 48.83
N THR C 197 5.94 -9.08 49.29
CA THR C 197 4.88 -9.77 48.52
C THR C 197 4.01 -8.73 47.81
N VAL C 198 3.67 -8.94 46.54
CA VAL C 198 2.73 -8.03 45.80
C VAL C 198 1.51 -8.85 45.35
N GLY C 199 0.42 -8.83 46.11
CA GLY C 199 -0.86 -9.48 45.74
C GLY C 199 -2.03 -8.56 45.38
N SER C 200 -1.83 -7.28 45.21
CA SER C 200 -2.93 -6.27 45.06
C SER C 200 -2.35 -4.91 44.69
N ALA C 201 -3.20 -3.98 44.25
CA ALA C 201 -2.78 -2.61 43.89
C ALA C 201 -2.15 -1.98 45.12
N ALA C 202 -2.79 -2.11 46.28
CA ALA C 202 -2.27 -1.60 47.56
C ALA C 202 -0.88 -2.17 47.83
N ASP C 203 -0.69 -3.49 47.67
CA ASP C 203 0.64 -4.11 47.95
C ASP C 203 1.67 -3.53 46.98
N ALA C 204 1.30 -3.34 45.71
CA ALA C 204 2.20 -2.76 44.72
C ALA C 204 2.57 -1.32 45.13
N GLY C 205 1.62 -0.57 45.65
CA GLY C 205 1.89 0.77 46.19
C GLY C 205 2.92 0.73 47.31
N GLU C 206 2.85 -0.24 48.22
CA GLU C 206 3.82 -0.38 49.33
C GLU C 206 5.21 -0.71 48.74
N ALA C 207 5.29 -1.59 47.75
CA ALA C 207 6.58 -1.92 47.11
C ALA C 207 7.14 -0.68 46.40
N ALA C 208 6.28 0.06 45.69
CA ALA C 208 6.67 1.28 44.96
C ALA C 208 7.25 2.30 45.92
N LEU C 209 6.66 2.46 47.10
CA LEU C 209 7.14 3.43 48.12
C LEU C 209 8.53 3.04 48.59
N VAL C 210 8.83 1.73 48.75
CA VAL C 210 10.22 1.30 49.11
C VAL C 210 11.16 1.78 48.01
N LEU C 211 10.79 1.56 46.74
CA LEU C 211 11.64 1.96 45.59
C LEU C 211 11.79 3.48 45.54
N LEU C 212 10.71 4.24 45.80
CA LEU C 212 10.76 5.73 45.78
C LEU C 212 11.79 6.24 46.79
N LYS C 213 11.78 5.69 47.99
CA LYS C 213 12.65 6.11 49.11
C LYS C 213 14.12 5.75 48.85
N ARG C 214 14.43 4.84 47.93
CA ARG C 214 15.84 4.57 47.54
C ARG C 214 16.31 5.67 46.57
N GLY C 215 15.44 6.60 46.17
CA GLY C 215 15.80 7.85 45.47
C GLY C 215 15.27 7.96 44.04
N CYS C 216 14.34 7.13 43.60
CA CYS C 216 13.69 7.30 42.26
C CYS C 216 12.81 8.56 42.31
N GLN C 217 12.62 9.25 41.19
CA GLN C 217 11.69 10.39 41.12
C GLN C 217 10.28 9.86 40.93
N VAL C 218 10.09 8.94 40.01
CA VAL C 218 8.81 8.28 39.68
C VAL C 218 9.00 6.77 39.75
N VAL C 219 8.06 6.02 40.31
CA VAL C 219 8.04 4.55 40.34
C VAL C 219 6.68 4.09 39.77
N ILE C 220 6.72 3.17 38.84
CA ILE C 220 5.58 2.53 38.16
C ILE C 220 5.77 1.03 38.35
N ILE C 221 4.78 0.37 38.90
CA ILE C 221 4.71 -1.11 38.93
C ILE C 221 3.56 -1.51 38.00
N THR C 222 3.88 -2.23 36.92
CA THR C 222 2.89 -2.83 36.00
C THR C 222 2.32 -4.08 36.66
N LEU C 223 1.03 -4.32 36.41
CA LEU C 223 0.21 -5.33 37.11
C LEU C 223 -0.55 -6.19 36.11
N GLY C 224 0.05 -6.46 34.94
CA GLY C 224 -0.61 -7.23 33.88
C GLY C 224 -2.00 -6.68 33.60
N ALA C 225 -3.01 -7.53 33.70
CA ALA C 225 -4.44 -7.23 33.43
C ALA C 225 -4.98 -6.22 34.44
N GLU C 226 -4.31 -5.97 35.57
CA GLU C 226 -4.76 -4.97 36.58
C GLU C 226 -4.23 -3.57 36.24
N GLY C 227 -3.50 -3.42 35.14
CA GLY C 227 -3.02 -2.12 34.65
C GLY C 227 -1.69 -1.74 35.29
N CYS C 228 -1.64 -0.64 36.03
CA CYS C 228 -0.35 -0.24 36.71
C CYS C 228 -0.65 0.62 37.94
N VAL C 229 0.36 0.80 38.77
CA VAL C 229 0.29 1.66 39.98
C VAL C 229 1.48 2.59 39.84
N VAL C 230 1.27 3.85 40.23
CA VAL C 230 2.32 4.89 40.09
C VAL C 230 2.38 5.72 41.38
N LEU C 231 3.57 6.17 41.72
CA LEU C 231 3.77 7.30 42.65
C LEU C 231 5.06 8.04 42.27
N SER C 232 5.27 9.19 42.89
CA SER C 232 6.38 10.10 42.61
C SER C 232 6.75 10.85 43.90
N GLN C 233 7.91 11.48 43.87
CA GLN C 233 8.38 12.32 45.00
C GLN C 233 7.35 13.44 45.22
N THR C 234 6.83 14.07 44.18
CA THR C 234 5.89 15.22 44.32
C THR C 234 4.48 14.68 44.67
N GLU C 235 4.12 13.46 44.25
CA GLU C 235 2.79 12.88 44.58
C GLU C 235 3.00 11.45 45.10
N PRO C 236 3.43 11.29 46.37
CA PRO C 236 3.82 9.99 46.90
C PRO C 236 2.65 9.05 47.23
N GLU C 237 1.39 9.50 47.14
CA GLU C 237 0.22 8.60 47.40
C GLU C 237 -0.04 7.81 46.12
N PRO C 238 0.05 6.46 46.15
CA PRO C 238 -0.05 5.69 44.92
C PRO C 238 -1.43 5.76 44.32
N LYS C 239 -1.46 5.82 42.97
CA LYS C 239 -2.66 5.75 42.11
C LYS C 239 -2.66 4.43 41.33
N HIS C 240 -3.83 3.78 41.29
CA HIS C 240 -4.11 2.56 40.48
C HIS C 240 -4.78 2.99 39.19
N ILE C 241 -4.15 2.69 38.06
CA ILE C 241 -4.65 2.97 36.70
C ILE C 241 -5.10 1.64 36.11
N PRO C 242 -6.38 1.30 36.20
CA PRO C 242 -6.87 0.05 35.65
C PRO C 242 -6.99 0.11 34.12
N THR C 243 -7.19 -1.07 33.51
CA THR C 243 -7.22 -1.26 32.05
C THR C 243 -8.36 -2.25 31.77
N GLU C 244 -9.08 -2.07 30.68
CA GLU C 244 -10.22 -2.91 30.30
C GLU C 244 -9.75 -4.36 30.02
N LYS C 245 -10.60 -5.30 30.43
CA LYS C 245 -10.51 -6.74 30.10
C LYS C 245 -10.27 -6.91 28.60
N VAL C 246 -9.20 -7.60 28.19
CA VAL C 246 -9.04 -8.15 26.81
C VAL C 246 -8.62 -9.62 26.92
N LYS C 247 -8.68 -10.35 25.79
CA LYS C 247 -8.31 -11.78 25.73
C LYS C 247 -6.84 -11.80 25.29
N ALA C 248 -5.93 -12.15 26.19
CA ALA C 248 -4.49 -12.22 25.88
C ALA C 248 -4.22 -13.49 25.03
N VAL C 249 -3.45 -13.31 23.96
CA VAL C 249 -2.86 -14.40 23.14
C VAL C 249 -1.39 -14.62 23.57
N ASP C 250 -0.64 -13.57 23.80
CA ASP C 250 0.80 -13.68 24.13
C ASP C 250 1.23 -12.39 24.81
N THR C 251 1.45 -12.44 26.12
CA THR C 251 1.82 -11.26 26.92
C THR C 251 3.35 -11.08 26.93
N THR C 252 4.12 -11.91 26.22
CA THR C 252 5.59 -11.72 26.13
C THR C 252 5.84 -10.29 25.64
N GLY C 253 6.68 -9.51 26.32
CA GLY C 253 7.06 -8.16 25.86
C GLY C 253 5.95 -7.13 26.08
N ALA C 254 4.94 -7.43 26.88
CA ALA C 254 3.84 -6.46 27.17
C ALA C 254 4.46 -5.28 27.89
N GLY C 255 5.28 -5.57 28.88
CA GLY C 255 6.03 -4.55 29.62
C GLY C 255 6.90 -3.71 28.70
N ASP C 256 7.51 -4.31 27.71
CA ASP C 256 8.36 -3.59 26.73
C ASP C 256 7.51 -2.61 25.92
N SER C 257 6.32 -3.04 25.49
CA SER C 257 5.38 -2.15 24.74
C SER C 257 5.02 -0.97 25.64
N PHE C 258 4.73 -1.26 26.91
CA PHE C 258 4.34 -0.24 27.90
C PHE C 258 5.48 0.80 28.04
N VAL C 259 6.69 0.33 28.19
CA VAL C 259 7.86 1.22 28.43
C VAL C 259 8.19 2.01 27.17
N GLY C 260 8.08 1.39 25.98
CA GLY C 260 8.34 2.08 24.72
C GLY C 260 7.31 3.17 24.49
N ALA C 261 6.05 2.87 24.79
CA ALA C 261 4.95 3.86 24.72
C ALA C 261 5.27 5.00 25.70
N LEU C 262 5.63 4.68 26.93
CA LEU C 262 5.93 5.70 27.96
C LEU C 262 7.09 6.58 27.47
N ALA C 263 8.13 6.01 26.89
CA ALA C 263 9.30 6.81 26.41
C ALA C 263 8.80 7.76 25.30
N PHE C 264 7.93 7.25 24.40
CA PHE C 264 7.34 8.07 23.33
C PHE C 264 6.61 9.27 23.94
N TYR C 265 5.77 9.05 24.95
CA TYR C 265 4.98 10.16 25.57
C TYR C 265 5.93 11.13 26.31
N LEU C 266 6.93 10.66 27.05
CA LEU C 266 7.86 11.57 27.78
C LEU C 266 8.62 12.47 26.79
N ALA C 267 8.92 11.96 25.60
CA ALA C 267 9.75 12.65 24.61
C ALA C 267 8.89 13.63 23.81
N TYR C 268 7.65 13.24 23.45
CA TYR C 268 6.85 13.99 22.43
C TYR C 268 5.59 14.59 23.05
N TYR C 269 5.12 14.15 24.23
CA TYR C 269 3.93 14.75 24.88
C TYR C 269 4.26 15.14 26.30
N PRO C 270 5.31 15.94 26.55
CA PRO C 270 5.82 16.15 27.89
C PRO C 270 4.82 16.81 28.83
N ASN C 271 3.83 17.57 28.31
CA ASN C 271 2.85 18.32 29.14
C ASN C 271 1.65 17.46 29.59
N LEU C 272 1.47 16.27 29.08
CA LEU C 272 0.41 15.34 29.58
C LEU C 272 0.67 15.01 31.06
N SER C 273 -0.37 14.83 31.86
CA SER C 273 -0.22 14.27 33.22
C SER C 273 0.45 12.90 33.09
N LEU C 274 1.13 12.48 34.15
CA LEU C 274 1.74 11.14 34.15
C LEU C 274 0.64 10.05 34.05
N GLU C 275 -0.49 10.26 34.70
CA GLU C 275 -1.56 9.23 34.72
C GLU C 275 -2.15 9.10 33.31
N ASP C 276 -2.27 10.20 32.57
CA ASP C 276 -2.72 10.22 31.16
C ASP C 276 -1.71 9.41 30.34
N MET C 277 -0.44 9.72 30.44
CA MET C 277 0.62 8.93 29.73
C MET C 277 0.50 7.44 30.02
N LEU C 278 0.30 7.07 31.29
CA LEU C 278 0.25 5.64 31.70
C LEU C 278 -1.04 4.99 31.19
N ASN C 279 -2.15 5.77 31.12
CA ASN C 279 -3.46 5.29 30.63
C ASN C 279 -3.29 4.97 29.14
N ARG C 280 -2.52 5.79 28.42
CA ARG C 280 -2.25 5.60 26.96
C ARG C 280 -1.35 4.39 26.80
N SER C 281 -0.32 4.32 27.62
CA SER C 281 0.67 3.23 27.61
C SER C 281 -0.01 1.86 27.89
N ASN C 282 -0.96 1.78 28.84
CA ASN C 282 -1.78 0.59 29.13
C ASN C 282 -2.51 0.17 27.85
N PHE C 283 -3.20 1.11 27.17
CA PHE C 283 -4.00 0.80 25.98
C PHE C 283 -3.08 0.16 24.93
N ILE C 284 -1.91 0.74 24.69
CA ILE C 284 -0.99 0.29 23.61
C ILE C 284 -0.47 -1.12 23.99
N ALA C 285 -0.06 -1.32 25.26
CA ALA C 285 0.49 -2.61 25.70
C ALA C 285 -0.62 -3.65 25.61
N ALA C 286 -1.88 -3.27 25.87
CA ALA C 286 -3.01 -4.24 25.83
C ALA C 286 -3.23 -4.67 24.38
N VAL C 287 -2.91 -3.80 23.41
CA VAL C 287 -3.03 -4.22 21.97
C VAL C 287 -1.97 -5.31 21.74
N SER C 288 -0.77 -5.13 22.29
CA SER C 288 0.34 -6.11 22.09
C SER C 288 0.00 -7.50 22.62
N VAL C 289 -0.69 -7.62 23.75
CA VAL C 289 -0.99 -8.95 24.38
C VAL C 289 -2.02 -9.70 23.53
N GLN C 290 -2.71 -9.02 22.62
CA GLN C 290 -3.79 -9.66 21.82
C GLN C 290 -3.22 -10.31 20.56
N ALA C 291 -1.91 -10.31 20.33
CA ALA C 291 -1.34 -11.05 19.17
C ALA C 291 0.01 -11.70 19.53
N ALA C 292 0.40 -12.70 18.75
CA ALA C 292 1.59 -13.56 19.00
C ALA C 292 2.88 -12.75 18.77
N GLY C 293 3.90 -13.06 19.57
CA GLY C 293 5.23 -12.43 19.51
C GLY C 293 5.34 -11.09 20.23
N THR C 294 6.56 -10.59 20.27
CA THR C 294 6.81 -9.25 20.85
C THR C 294 6.62 -8.25 19.70
N GLN C 295 7.68 -7.95 18.96
CA GLN C 295 7.67 -6.84 17.98
C GLN C 295 6.56 -7.05 16.95
N SER C 296 6.25 -8.30 16.55
CA SER C 296 5.21 -8.54 15.51
C SER C 296 3.85 -8.05 16.02
N SER C 297 3.64 -8.04 17.33
CA SER C 297 2.36 -7.68 17.96
C SER C 297 2.27 -6.15 18.25
N TYR C 298 3.37 -5.37 18.09
CA TYR C 298 3.40 -3.96 18.54
C TYR C 298 2.68 -3.12 17.47
N PRO C 299 1.64 -2.34 17.84
CA PRO C 299 0.96 -1.50 16.87
C PRO C 299 1.78 -0.28 16.44
N TYR C 300 1.53 0.17 15.22
CA TYR C 300 1.92 1.48 14.65
C TYR C 300 0.81 2.49 14.92
N LYS C 301 1.11 3.77 14.72
CA LYS C 301 0.10 4.82 14.84
C LYS C 301 -1.15 4.48 14.02
N LYS C 302 -0.97 4.03 12.79
CA LYS C 302 -2.08 3.77 11.84
C LYS C 302 -3.06 2.72 12.41
N ASP C 303 -2.60 1.89 13.34
CA ASP C 303 -3.37 0.75 13.89
C ASP C 303 -4.09 1.17 15.17
N LEU C 304 -3.93 2.42 15.63
CA LEU C 304 -4.37 2.88 16.97
C LEU C 304 -5.40 4.00 16.85
N PRO C 305 -6.31 4.16 17.83
CA PRO C 305 -7.22 5.31 17.88
C PRO C 305 -6.43 6.63 17.94
N LEU C 306 -6.93 7.65 17.23
CA LEU C 306 -6.19 8.93 17.08
C LEU C 306 -6.16 9.67 18.43
N THR C 307 -7.04 9.33 19.37
CA THR C 307 -7.14 9.96 20.70
C THR C 307 -5.87 9.70 21.47
N LEU C 308 -5.12 8.64 21.16
CA LEU C 308 -3.83 8.39 21.83
C LEU C 308 -2.77 9.47 21.48
N PHE C 309 -3.00 10.31 20.48
CA PHE C 309 -2.00 11.27 19.94
C PHE C 309 -2.52 12.70 20.09
N LEU C 310 -3.57 12.91 20.89
CA LEU C 310 -4.06 14.27 21.22
C LEU C 310 -3.08 14.97 22.20
N GLU C 311 -2.87 16.26 21.99
CA GLU C 311 -1.93 17.14 22.73
C GLU C 311 -2.52 17.47 24.12
N HIS C 312 -3.81 17.28 24.30
CA HIS C 312 -4.54 17.56 25.55
C HIS C 312 -5.00 16.23 26.16
N HIS C 313 -5.41 16.28 27.43
CA HIS C 313 -5.96 15.16 28.22
C HIS C 313 -7.12 14.54 27.47
N HIS C 314 -7.11 13.22 27.37
CA HIS C 314 -8.23 12.44 26.81
C HIS C 314 -8.23 11.06 27.46
N HIS C 315 -9.34 10.65 28.05
CA HIS C 315 -9.43 9.48 28.97
C HIS C 315 -9.75 8.23 28.16
N HIS C 316 -10.83 8.20 27.41
CA HIS C 316 -11.43 6.96 26.81
C HIS C 316 -10.90 6.76 25.37
N HIS C 317 -10.08 5.76 25.16
CA HIS C 317 -9.45 5.39 23.87
C HIS C 317 -10.21 4.23 23.23
N GLU D 1 25.98 -48.24 -5.59
CA GLU D 1 25.93 -47.40 -4.43
C GLU D 1 24.54 -47.51 -3.77
N VAL D 2 24.05 -48.74 -3.52
CA VAL D 2 22.69 -49.04 -2.95
C VAL D 2 22.67 -48.80 -1.43
N ALA D 3 21.68 -48.07 -0.91
CA ALA D 3 21.46 -47.93 0.56
C ALA D 3 21.05 -49.27 1.17
N ALA D 4 21.78 -49.74 2.17
CA ALA D 4 21.47 -51.00 2.91
C ALA D 4 20.60 -50.65 4.13
N VAL D 5 20.65 -49.43 4.64
CA VAL D 5 19.88 -49.00 5.82
C VAL D 5 19.01 -47.81 5.38
N VAL D 6 17.70 -47.94 5.52
CA VAL D 6 16.74 -46.84 5.24
C VAL D 6 16.13 -46.49 6.58
N VAL D 7 16.20 -45.22 6.95
CA VAL D 7 15.52 -44.70 8.17
C VAL D 7 14.36 -43.82 7.69
N VAL D 8 13.16 -44.19 8.08
CA VAL D 8 11.94 -43.36 7.87
C VAL D 8 11.58 -42.76 9.22
N GLY D 9 11.85 -41.49 9.41
CA GLY D 9 11.61 -40.84 10.72
C GLY D 9 11.93 -39.36 10.73
N SER D 10 12.38 -38.89 11.89
CA SER D 10 12.33 -37.49 12.33
C SER D 10 13.70 -36.81 12.21
N CYS D 11 13.67 -35.53 11.80
CA CYS D 11 14.75 -34.53 12.00
C CYS D 11 14.19 -33.40 12.85
N MET D 12 14.96 -33.01 13.86
CA MET D 12 14.61 -31.91 14.79
C MET D 12 15.86 -31.07 15.00
N THR D 13 15.68 -29.74 15.01
CA THR D 13 16.73 -28.82 15.49
C THR D 13 16.66 -28.76 17.00
N ASP D 14 17.75 -29.09 17.68
CA ASP D 14 17.90 -29.00 19.16
C ASP D 14 18.32 -27.57 19.50
N LEU D 15 17.50 -26.89 20.30
CA LEU D 15 17.70 -25.50 20.77
C LEU D 15 17.91 -25.62 22.29
N VAL D 16 19.17 -25.59 22.73
CA VAL D 16 19.55 -26.03 24.09
C VAL D 16 20.04 -24.83 24.89
N SER D 17 19.38 -24.54 26.02
CA SER D 17 19.78 -23.47 26.96
C SER D 17 20.18 -24.12 28.29
N LEU D 18 21.40 -23.88 28.75
CA LEU D 18 21.91 -24.33 30.07
C LEU D 18 21.66 -23.20 31.08
N THR D 19 21.11 -23.54 32.24
CA THR D 19 20.82 -22.61 33.35
C THR D 19 21.29 -23.21 34.67
N SER D 20 21.37 -22.41 35.74
CA SER D 20 21.72 -22.94 37.08
C SER D 20 20.45 -23.52 37.73
N ARG D 21 19.27 -22.90 37.50
CA ARG D 21 17.97 -23.52 37.87
C ARG D 21 16.98 -23.41 36.71
N LEU D 22 15.97 -24.28 36.74
CA LEU D 22 14.86 -24.27 35.79
C LEU D 22 13.92 -23.14 36.16
N PRO D 23 13.24 -22.52 35.19
CA PRO D 23 12.24 -21.50 35.50
C PRO D 23 10.90 -22.13 35.91
N LYS D 24 10.17 -21.45 36.82
CA LYS D 24 8.74 -21.70 37.16
C LYS D 24 7.84 -20.93 36.15
N THR D 25 6.57 -21.37 35.95
CA THR D 25 5.51 -20.62 35.21
C THR D 25 5.68 -19.12 35.49
N GLY D 26 5.67 -18.28 34.45
CA GLY D 26 5.66 -16.80 34.57
C GLY D 26 7.05 -16.19 34.74
N GLU D 27 8.10 -17.02 34.89
CA GLU D 27 9.46 -16.53 35.25
C GLU D 27 10.32 -16.27 34.00
N THR D 28 11.07 -15.16 34.01
CA THR D 28 12.17 -14.86 33.03
C THR D 28 13.49 -15.02 33.75
N ILE D 29 14.39 -15.91 33.30
CA ILE D 29 15.68 -16.19 34.01
C ILE D 29 16.83 -16.07 33.01
N HIS D 30 18.05 -15.86 33.50
CA HIS D 30 19.32 -15.91 32.72
C HIS D 30 19.86 -17.34 32.66
N GLY D 31 20.03 -17.91 31.46
CA GLY D 31 20.93 -19.06 31.26
C GLY D 31 22.33 -18.60 31.00
N HIS D 32 23.29 -19.51 30.92
CA HIS D 32 24.71 -19.13 30.76
C HIS D 32 25.25 -19.63 29.41
N LYS D 33 24.48 -20.49 28.72
CA LYS D 33 24.99 -21.01 27.43
C LYS D 33 23.80 -21.50 26.57
N PHE D 34 23.93 -21.24 25.26
CA PHE D 34 22.91 -21.64 24.26
C PHE D 34 23.65 -22.28 23.10
N PHE D 35 23.10 -23.39 22.57
CA PHE D 35 23.64 -23.98 21.31
C PHE D 35 22.52 -24.75 20.54
N ILE D 36 22.76 -24.72 19.22
CA ILE D 36 21.90 -25.33 18.17
C ILE D 36 22.56 -26.64 17.76
N GLY D 37 21.85 -27.76 17.91
CA GLY D 37 22.37 -29.09 17.55
C GLY D 37 21.40 -29.80 16.61
N PHE D 38 21.91 -30.75 15.86
CA PHE D 38 21.09 -31.58 14.94
C PHE D 38 20.58 -32.79 15.70
N GLY D 39 19.26 -32.95 15.83
CA GLY D 39 18.68 -34.11 16.54
C GLY D 39 17.52 -34.69 15.79
N GLY D 40 16.56 -35.24 16.52
CA GLY D 40 15.55 -36.16 15.97
C GLY D 40 16.07 -37.59 16.02
N LYS D 41 15.28 -38.48 16.61
CA LYS D 41 15.64 -39.91 16.76
C LYS D 41 16.01 -40.52 15.40
N GLY D 42 15.22 -40.23 14.36
CA GLY D 42 15.46 -40.82 13.04
C GLY D 42 16.84 -40.43 12.52
N ALA D 43 17.11 -39.15 12.44
CA ALA D 43 18.41 -38.68 11.91
C ALA D 43 19.56 -39.16 12.83
N ASN D 44 19.34 -39.19 14.15
CA ASN D 44 20.42 -39.61 15.09
C ASN D 44 20.82 -41.07 14.77
N GLN D 45 19.82 -41.95 14.62
CA GLN D 45 19.98 -43.38 14.30
C GLN D 45 20.71 -43.48 12.97
N CYS D 46 20.26 -42.71 11.99
CA CYS D 46 20.81 -42.74 10.61
C CYS D 46 22.30 -42.34 10.64
N VAL D 47 22.63 -41.29 11.41
CA VAL D 47 24.02 -40.75 11.51
C VAL D 47 24.93 -41.81 12.16
N GLN D 48 24.50 -42.45 13.25
CA GLN D 48 25.40 -43.43 13.90
C GLN D 48 25.68 -44.56 12.88
N ALA D 49 24.65 -45.07 12.18
CA ALA D 49 24.79 -46.16 11.21
C ALA D 49 25.77 -45.71 10.11
N ALA D 50 25.61 -44.51 9.60
CA ALA D 50 26.47 -43.96 8.52
C ALA D 50 27.91 -43.90 9.02
N ARG D 51 28.15 -43.47 10.25
CA ARG D 51 29.53 -43.27 10.73
C ARG D 51 30.26 -44.61 10.93
N LEU D 52 29.52 -45.70 11.11
CA LEU D 52 30.12 -47.05 11.25
C LEU D 52 30.47 -47.61 9.87
N GLY D 53 29.96 -46.96 8.80
CA GLY D 53 30.25 -47.30 7.39
C GLY D 53 29.00 -47.73 6.63
N ALA D 54 27.81 -47.70 7.20
CA ALA D 54 26.58 -48.09 6.46
C ALA D 54 26.29 -47.08 5.33
N MET D 55 25.84 -47.59 4.19
CA MET D 55 25.25 -46.77 3.11
C MET D 55 23.78 -46.56 3.49
N THR D 56 23.40 -45.32 3.80
CA THR D 56 22.08 -44.98 4.42
C THR D 56 21.30 -43.99 3.56
N SER D 57 19.99 -44.01 3.72
CA SER D 57 19.06 -43.05 3.10
C SER D 57 18.06 -42.61 4.17
N MET D 58 17.89 -41.28 4.29
CA MET D 58 17.02 -40.66 5.32
C MET D 58 15.77 -40.15 4.60
N VAL D 59 14.65 -40.81 4.88
CA VAL D 59 13.29 -40.45 4.41
C VAL D 59 12.69 -39.66 5.55
N CYS D 60 12.48 -38.37 5.32
CA CYS D 60 12.02 -37.42 6.37
C CYS D 60 11.54 -36.13 5.72
N LYS D 61 10.95 -35.26 6.52
CA LYS D 61 10.41 -33.97 6.05
C LYS D 61 10.82 -32.86 7.02
N VAL D 62 11.48 -31.84 6.47
CA VAL D 62 11.84 -30.59 7.21
C VAL D 62 11.13 -29.39 6.52
N GLY D 63 11.31 -28.21 7.09
CA GLY D 63 10.74 -26.96 6.56
C GLY D 63 11.59 -26.39 5.43
N LYS D 64 10.98 -25.51 4.65
CA LYS D 64 11.69 -24.61 3.71
C LYS D 64 12.16 -23.39 4.48
N ASP D 65 12.99 -23.62 5.50
CA ASP D 65 13.51 -22.60 6.44
C ASP D 65 15.01 -22.87 6.62
N SER D 66 15.73 -21.97 7.28
CA SER D 66 17.20 -22.06 7.47
C SER D 66 17.51 -23.34 8.22
N PHE D 67 16.75 -23.67 9.26
CA PHE D 67 16.94 -24.89 10.10
C PHE D 67 16.83 -26.14 9.20
N GLY D 68 15.86 -26.16 8.30
CA GLY D 68 15.69 -27.24 7.31
C GLY D 68 16.88 -27.35 6.33
N ASN D 69 17.30 -26.23 5.76
CA ASN D 69 18.47 -26.19 4.85
C ASN D 69 19.70 -26.70 5.60
N ASP D 70 19.88 -26.28 6.85
CA ASP D 70 21.06 -26.66 7.67
C ASP D 70 20.98 -28.16 7.91
N TYR D 71 19.78 -28.69 8.14
CA TYR D 71 19.63 -30.15 8.43
C TYR D 71 20.08 -30.96 7.21
N ILE D 72 19.61 -30.59 6.03
CA ILE D 72 19.97 -31.29 4.76
C ILE D 72 21.51 -31.29 4.65
N GLU D 73 22.17 -30.16 4.90
CA GLU D 73 23.66 -30.08 4.80
C GLU D 73 24.29 -31.02 5.83
N ASN D 74 23.75 -31.08 7.05
CA ASN D 74 24.21 -32.00 8.13
C ASN D 74 24.15 -33.44 7.62
N LEU D 75 23.04 -33.84 7.01
CA LEU D 75 22.87 -35.24 6.51
C LEU D 75 23.92 -35.49 5.43
N LYS D 76 24.08 -34.60 4.45
CA LYS D 76 25.09 -34.77 3.38
C LYS D 76 26.51 -34.81 3.97
N GLN D 77 26.81 -34.03 5.02
CA GLN D 77 28.14 -34.06 5.69
C GLN D 77 28.42 -35.42 6.32
N ASN D 78 27.37 -36.15 6.73
CA ASN D 78 27.50 -37.51 7.33
C ASN D 78 27.31 -38.57 6.23
N ASP D 79 27.39 -38.16 4.95
CA ASP D 79 27.32 -39.07 3.77
C ASP D 79 26.00 -39.85 3.75
N ILE D 80 24.93 -39.26 4.25
CA ILE D 80 23.55 -39.83 4.20
C ILE D 80 22.89 -39.33 2.91
N SER D 81 22.25 -40.24 2.17
N SER D 81 22.33 -40.22 2.08
CA SER D 81 21.45 -39.88 0.98
CA SER D 81 21.57 -39.76 0.90
C SER D 81 20.27 -39.03 1.44
C SER D 81 20.35 -39.03 1.41
N THR D 82 20.04 -37.88 0.79
CA THR D 82 18.87 -37.00 1.07
C THR D 82 17.91 -37.01 -0.13
N GLU D 83 17.97 -38.04 -0.98
CA GLU D 83 17.06 -38.27 -2.15
C GLU D 83 15.62 -38.09 -1.68
N PHE D 84 15.26 -38.59 -0.50
CA PHE D 84 13.87 -38.60 0.03
C PHE D 84 13.78 -37.79 1.33
N THR D 85 14.65 -36.80 1.46
CA THR D 85 14.55 -35.73 2.50
C THR D 85 13.75 -34.59 1.87
N TYR D 86 12.50 -34.44 2.29
CA TYR D 86 11.55 -33.47 1.68
C TYR D 86 11.56 -32.15 2.46
N GLN D 87 11.26 -31.07 1.75
CA GLN D 87 11.12 -29.71 2.35
C GLN D 87 9.71 -29.21 2.07
N THR D 88 9.01 -28.67 3.06
CA THR D 88 7.60 -28.21 2.90
C THR D 88 7.50 -26.75 3.37
N LYS D 89 6.71 -25.95 2.64
CA LYS D 89 6.37 -24.55 3.02
C LYS D 89 5.30 -24.58 4.13
N ASP D 90 4.66 -25.74 4.37
CA ASP D 90 3.40 -25.83 5.18
C ASP D 90 3.68 -26.04 6.66
N ALA D 91 4.94 -26.29 7.05
CA ALA D 91 5.32 -26.29 8.47
C ALA D 91 6.88 -26.04 8.61
N ALA D 92 7.22 -25.51 9.77
CA ALA D 92 8.63 -25.26 10.14
C ALA D 92 9.29 -26.63 10.40
N THR D 93 10.60 -26.70 10.21
CA THR D 93 11.43 -27.84 10.66
C THR D 93 11.08 -28.14 12.12
N GLY D 94 10.97 -29.41 12.48
CA GLY D 94 10.76 -29.82 13.88
C GLY D 94 11.81 -29.24 14.81
N THR D 95 11.38 -28.94 16.03
CA THR D 95 12.20 -28.31 17.08
C THR D 95 12.07 -29.18 18.34
N ALA D 96 13.19 -29.31 19.05
CA ALA D 96 13.23 -29.74 20.46
C ALA D 96 13.89 -28.62 21.28
N SER D 97 13.09 -27.83 22.01
CA SER D 97 13.61 -26.75 22.87
C SER D 97 13.89 -27.36 24.24
N ILE D 98 15.14 -27.31 24.69
CA ILE D 98 15.62 -28.03 25.90
C ILE D 98 16.25 -27.01 26.84
N ILE D 99 15.70 -26.88 28.05
CA ILE D 99 16.31 -26.10 29.15
C ILE D 99 16.84 -27.10 30.18
N VAL D 100 18.15 -27.06 30.44
CA VAL D 100 18.85 -28.05 31.31
C VAL D 100 19.51 -27.30 32.45
N ASN D 101 19.26 -27.69 33.71
CA ASN D 101 19.93 -27.05 34.88
C ASN D 101 21.27 -27.77 35.15
N ASN D 102 22.02 -27.27 36.14
CA ASN D 102 23.39 -27.76 36.47
C ASN D 102 23.35 -29.25 36.84
N GLU D 103 22.28 -29.64 37.56
CA GLU D 103 22.09 -30.99 38.14
C GLU D 103 21.55 -31.95 37.06
N GLY D 104 21.39 -31.51 35.81
CA GLY D 104 20.97 -32.36 34.68
C GLY D 104 19.46 -32.47 34.51
N GLN D 105 18.64 -31.86 35.37
CA GLN D 105 17.15 -31.91 35.28
C GLN D 105 16.71 -30.95 34.16
N ASN D 106 15.64 -31.28 33.43
CA ASN D 106 15.34 -30.49 32.20
C ASN D 106 13.82 -30.27 32.07
N ILE D 107 13.44 -29.29 31.26
CA ILE D 107 12.10 -29.20 30.63
C ILE D 107 12.29 -29.14 29.12
N ILE D 108 11.41 -29.83 28.40
CA ILE D 108 11.52 -30.07 26.94
C ILE D 108 10.17 -29.74 26.31
N VAL D 109 10.22 -28.93 25.26
CA VAL D 109 9.07 -28.69 24.37
C VAL D 109 9.48 -29.13 22.98
N ILE D 110 8.83 -30.17 22.50
CA ILE D 110 8.97 -30.70 21.11
C ILE D 110 7.84 -30.13 20.27
N VAL D 111 8.17 -29.55 19.12
CA VAL D 111 7.15 -29.13 18.13
C VAL D 111 7.50 -29.92 16.88
N ALA D 112 6.73 -30.97 16.58
CA ALA D 112 7.11 -31.97 15.55
C ALA D 112 7.16 -31.28 14.17
N GLY D 113 6.30 -30.28 13.97
CA GLY D 113 6.24 -29.48 12.74
C GLY D 113 6.21 -30.37 11.48
N ALA D 114 7.18 -30.14 10.57
CA ALA D 114 7.18 -30.75 9.21
C ALA D 114 7.26 -32.29 9.33
N ASN D 115 7.80 -32.80 10.45
CA ASN D 115 7.88 -34.28 10.69
C ASN D 115 6.48 -34.90 10.49
N LEU D 116 5.42 -34.23 10.93
CA LEU D 116 4.05 -34.81 10.90
C LEU D 116 3.47 -34.77 9.48
N LEU D 117 4.12 -34.08 8.56
CA LEU D 117 3.60 -33.94 7.17
C LEU D 117 4.27 -34.98 6.26
N LEU D 118 5.20 -35.80 6.76
CA LEU D 118 5.73 -36.95 5.99
C LEU D 118 4.61 -37.97 5.78
N ASN D 119 4.19 -38.22 4.53
CA ASN D 119 2.90 -38.89 4.21
C ASN D 119 3.16 -40.11 3.32
N THR D 120 2.07 -40.82 2.94
CA THR D 120 2.14 -42.06 2.12
C THR D 120 2.63 -41.73 0.71
N GLU D 121 2.29 -40.57 0.14
CA GLU D 121 2.82 -40.12 -1.19
C GLU D 121 4.35 -40.02 -1.14
N ASP D 122 4.88 -39.49 -0.04
CA ASP D 122 6.33 -39.30 0.15
C ASP D 122 7.01 -40.67 0.20
N LEU D 123 6.35 -41.66 0.82
CA LEU D 123 6.93 -43.04 0.93
C LEU D 123 6.90 -43.71 -0.43
N ARG D 124 5.83 -43.53 -1.22
CA ARG D 124 5.69 -44.21 -2.53
C ARG D 124 6.91 -43.94 -3.43
N ALA D 125 7.40 -42.71 -3.46
CA ALA D 125 8.60 -42.33 -4.27
C ALA D 125 9.80 -43.14 -3.80
N ALA D 126 9.89 -43.43 -2.50
CA ALA D 126 11.03 -44.15 -1.90
C ALA D 126 10.85 -45.66 -2.02
N ALA D 127 9.79 -46.15 -2.66
CA ALA D 127 9.41 -47.59 -2.64
C ALA D 127 10.54 -48.47 -3.19
N ASN D 128 11.23 -48.02 -4.24
CA ASN D 128 12.31 -48.82 -4.87
C ASN D 128 13.50 -48.93 -3.89
N VAL D 129 13.88 -47.82 -3.28
CA VAL D 129 15.02 -47.76 -2.32
C VAL D 129 14.70 -48.62 -1.09
N ILE D 130 13.46 -48.59 -0.59
CA ILE D 130 13.03 -49.40 0.59
C ILE D 130 13.09 -50.88 0.21
N SER D 131 12.69 -51.23 -1.01
CA SER D 131 12.61 -52.64 -1.44
C SER D 131 14.02 -53.23 -1.62
N ARG D 132 15.04 -52.40 -1.77
CA ARG D 132 16.44 -52.84 -2.06
C ARG D 132 17.33 -52.76 -0.81
N ALA D 133 16.78 -52.30 0.31
CA ALA D 133 17.53 -52.13 1.58
C ALA D 133 17.64 -53.46 2.33
N LYS D 134 18.51 -53.54 3.32
CA LYS D 134 18.61 -54.70 4.22
C LYS D 134 17.75 -54.43 5.46
N VAL D 135 17.71 -53.18 5.92
CA VAL D 135 17.06 -52.80 7.21
C VAL D 135 16.27 -51.49 7.03
N MET D 136 15.05 -51.50 7.55
CA MET D 136 14.16 -50.31 7.67
C MET D 136 14.07 -49.97 9.16
N VAL D 137 14.33 -48.72 9.51
CA VAL D 137 14.29 -48.23 10.93
C VAL D 137 13.21 -47.14 11.04
N CYS D 138 12.39 -47.23 12.08
CA CYS D 138 11.32 -46.25 12.39
C CYS D 138 11.27 -46.02 13.89
N GLN D 139 10.71 -44.87 14.27
CA GLN D 139 10.43 -44.46 15.67
C GLN D 139 8.99 -43.91 15.71
N LEU D 140 8.63 -43.17 16.75
CA LEU D 140 7.26 -42.59 16.88
C LEU D 140 7.35 -41.07 16.94
N GLU D 141 8.21 -40.47 16.12
CA GLU D 141 8.37 -39.00 16.06
C GLU D 141 7.77 -38.48 14.75
N ILE D 142 7.30 -39.33 13.84
CA ILE D 142 6.46 -38.89 12.69
C ILE D 142 5.04 -39.40 12.92
N THR D 143 4.14 -39.21 11.97
CA THR D 143 2.74 -39.73 12.05
C THR D 143 2.83 -41.25 12.21
N PRO D 144 2.20 -41.85 13.28
CA PRO D 144 2.20 -43.30 13.42
C PRO D 144 1.82 -44.03 12.12
N ALA D 145 0.76 -43.60 11.42
CA ALA D 145 0.29 -44.25 10.18
C ALA D 145 1.41 -44.29 9.12
N THR D 146 2.29 -43.29 9.08
CA THR D 146 3.41 -43.27 8.09
C THR D 146 4.47 -44.31 8.49
N SER D 147 4.84 -44.40 9.75
CA SER D 147 5.77 -45.45 10.23
C SER D 147 5.16 -46.84 9.94
N LEU D 148 3.86 -47.04 10.20
CA LEU D 148 3.17 -48.34 9.91
C LEU D 148 3.30 -48.67 8.42
N GLU D 149 3.09 -47.70 7.54
CA GLU D 149 3.19 -47.92 6.08
C GLU D 149 4.64 -48.25 5.72
N ALA D 150 5.63 -47.61 6.34
CA ALA D 150 7.06 -47.89 6.05
C ALA D 150 7.40 -49.37 6.43
N LEU D 151 6.89 -49.82 7.57
CA LEU D 151 7.10 -51.20 8.08
C LEU D 151 6.39 -52.19 7.13
N THR D 152 5.16 -51.86 6.69
CA THR D 152 4.40 -52.68 5.72
C THR D 152 5.22 -52.81 4.44
N MET D 153 5.74 -51.70 3.90
CA MET D 153 6.48 -51.73 2.61
C MET D 153 7.72 -52.62 2.76
N ALA D 154 8.46 -52.43 3.85
CA ALA D 154 9.67 -53.23 4.13
C ALA D 154 9.28 -54.72 4.22
N ARG D 155 8.25 -55.06 4.99
CA ARG D 155 7.81 -56.47 5.15
C ARG D 155 7.53 -57.09 3.79
N ARG D 156 6.83 -56.41 2.88
CA ARG D 156 6.51 -56.88 1.49
C ARG D 156 7.79 -57.34 0.75
N SER D 157 8.93 -56.67 0.96
CA SER D 157 10.19 -56.95 0.20
C SER D 157 11.12 -57.85 1.01
N GLY D 158 10.70 -58.36 2.15
CA GLY D 158 11.54 -59.16 3.07
C GLY D 158 12.64 -58.32 3.71
N VAL D 159 12.45 -57.00 3.82
CA VAL D 159 13.45 -56.09 4.43
C VAL D 159 13.25 -56.14 5.94
N LYS D 160 14.35 -56.25 6.67
CA LYS D 160 14.29 -56.44 8.13
C LYS D 160 13.76 -55.14 8.76
N THR D 161 12.82 -55.27 9.68
CA THR D 161 12.19 -54.13 10.37
C THR D 161 12.78 -53.99 11.78
N LEU D 162 13.30 -52.79 12.06
CA LEU D 162 13.79 -52.37 13.38
C LEU D 162 12.94 -51.18 13.82
N PHE D 163 12.12 -51.39 14.83
CA PHE D 163 11.17 -50.38 15.34
C PHE D 163 11.55 -50.00 16.77
N ASN D 164 11.61 -48.69 16.99
CA ASN D 164 11.96 -48.02 18.28
C ASN D 164 10.73 -47.22 18.73
N PRO D 165 9.85 -47.74 19.61
CA PRO D 165 8.59 -47.07 19.97
C PRO D 165 8.87 -45.91 20.92
N ALA D 166 9.45 -44.83 20.39
CA ALA D 166 10.01 -43.69 21.16
C ALA D 166 9.61 -42.39 20.48
N PRO D 167 9.05 -41.42 21.22
CA PRO D 167 8.59 -41.64 22.59
C PRO D 167 7.38 -42.62 22.60
N ALA D 168 7.16 -43.30 23.73
CA ALA D 168 6.14 -44.37 23.81
C ALA D 168 4.77 -43.76 24.10
N ILE D 169 3.72 -44.38 23.56
CA ILE D 169 2.28 -44.09 23.87
C ILE D 169 1.62 -45.41 24.26
N ALA D 170 0.78 -45.39 25.30
CA ALA D 170 -0.04 -46.56 25.69
C ALA D 170 -1.11 -46.73 24.61
N ASP D 171 -1.52 -47.96 24.33
CA ASP D 171 -2.47 -48.28 23.23
C ASP D 171 -1.81 -47.99 21.88
N LEU D 172 -0.50 -48.18 21.72
CA LEU D 172 0.20 -48.35 20.42
C LEU D 172 -0.59 -49.31 19.52
N ASP D 173 -0.77 -48.97 18.24
CA ASP D 173 -1.49 -49.83 17.26
C ASP D 173 -0.86 -51.22 17.28
N PRO D 174 -1.64 -52.31 17.47
CA PRO D 174 -1.09 -53.67 17.58
C PRO D 174 -0.20 -54.11 16.40
N GLN D 175 -0.36 -53.48 15.23
CA GLN D 175 0.43 -53.83 14.02
C GLN D 175 1.91 -53.45 14.23
N PHE D 176 2.23 -52.51 15.11
CA PHE D 176 3.64 -52.17 15.37
C PHE D 176 4.35 -53.40 15.96
N TYR D 177 3.65 -54.27 16.67
CA TYR D 177 4.30 -55.49 17.23
C TYR D 177 4.49 -56.52 16.11
N THR D 178 3.41 -56.81 15.37
CA THR D 178 3.39 -57.92 14.38
C THR D 178 4.27 -57.55 13.17
N LEU D 179 4.52 -56.27 12.90
CA LEU D 179 5.38 -55.83 11.78
C LEU D 179 6.85 -55.65 12.22
N SER D 180 7.17 -55.80 13.51
CA SER D 180 8.55 -55.60 14.04
C SER D 180 9.33 -56.92 14.05
N ASP D 181 10.40 -57.01 13.26
CA ASP D 181 11.41 -58.12 13.36
C ASP D 181 12.21 -57.90 14.65
N VAL D 182 12.55 -56.65 14.92
CA VAL D 182 13.32 -56.26 16.13
C VAL D 182 12.62 -55.02 16.70
N PHE D 183 12.20 -55.15 17.94
CA PHE D 183 11.43 -54.14 18.70
C PHE D 183 12.33 -53.71 19.85
N CYS D 184 12.83 -52.49 19.83
CA CYS D 184 13.85 -52.00 20.79
C CYS D 184 13.36 -50.72 21.48
N CYS D 185 13.25 -50.75 22.81
CA CYS D 185 12.83 -49.56 23.62
C CYS D 185 13.63 -49.53 24.93
N ASN D 186 13.48 -48.44 25.69
CA ASN D 186 14.18 -48.28 26.99
C ASN D 186 13.21 -48.67 28.12
N GLU D 187 13.70 -48.59 29.36
CA GLU D 187 12.96 -49.01 30.57
C GLU D 187 11.63 -48.25 30.69
N SER D 188 11.67 -46.93 30.58
CA SER D 188 10.47 -46.11 30.85
C SER D 188 9.45 -46.32 29.71
N GLU D 189 9.92 -46.52 28.47
CA GLU D 189 9.04 -46.81 27.31
C GLU D 189 8.37 -48.17 27.53
N ALA D 190 9.13 -49.17 28.00
CA ALA D 190 8.60 -50.50 28.36
C ALA D 190 7.49 -50.35 29.43
N GLU D 191 7.70 -49.49 30.43
CA GLU D 191 6.65 -49.25 31.46
C GLU D 191 5.38 -48.73 30.78
N ILE D 192 5.51 -47.73 29.91
CA ILE D 192 4.33 -47.09 29.27
C ILE D 192 3.60 -48.13 28.41
N LEU D 193 4.34 -49.00 27.71
CA LEU D 193 3.74 -49.96 26.74
C LEU D 193 3.07 -51.15 27.46
N THR D 194 3.50 -51.49 28.68
CA THR D 194 3.02 -52.71 29.41
C THR D 194 2.26 -52.36 30.69
N GLY D 195 2.44 -51.15 31.22
CA GLY D 195 1.87 -50.71 32.51
C GLY D 195 2.52 -51.41 33.69
N LEU D 196 3.64 -52.10 33.46
CA LEU D 196 4.47 -52.75 34.51
C LEU D 196 5.56 -51.77 34.97
N THR D 197 6.05 -51.92 36.20
CA THR D 197 7.20 -51.14 36.73
C THR D 197 8.50 -51.85 36.34
N VAL D 198 9.51 -51.11 35.86
CA VAL D 198 10.82 -51.71 35.44
C VAL D 198 11.93 -51.12 36.31
N GLY D 199 12.27 -51.80 37.42
CA GLY D 199 13.35 -51.37 38.33
C GLY D 199 14.49 -52.36 38.44
N SER D 200 14.72 -53.23 37.45
CA SER D 200 15.76 -54.29 37.48
C SER D 200 15.76 -55.06 36.17
N ALA D 201 16.85 -55.79 35.92
CA ALA D 201 17.01 -56.67 34.75
C ALA D 201 15.84 -57.65 34.73
N ALA D 202 15.53 -58.28 35.88
CA ALA D 202 14.40 -59.23 36.02
C ALA D 202 13.08 -58.54 35.60
N ASP D 203 12.83 -57.32 36.08
CA ASP D 203 11.58 -56.60 35.74
C ASP D 203 11.54 -56.37 34.22
N ALA D 204 12.66 -55.98 33.63
CA ALA D 204 12.75 -55.71 32.18
C ALA D 204 12.46 -57.01 31.42
N GLY D 205 12.95 -58.15 31.91
CA GLY D 205 12.66 -59.47 31.31
C GLY D 205 11.16 -59.71 31.25
N GLU D 206 10.45 -59.41 32.34
CA GLU D 206 8.98 -59.65 32.42
C GLU D 206 8.27 -58.73 31.44
N ALA D 207 8.67 -57.45 31.35
CA ALA D 207 8.05 -56.50 30.39
C ALA D 207 8.32 -56.99 28.96
N ALA D 208 9.55 -57.42 28.65
CA ALA D 208 9.94 -57.87 27.30
C ALA D 208 9.07 -59.07 26.89
N LEU D 209 8.81 -59.99 27.82
CA LEU D 209 7.99 -61.19 27.51
C LEU D 209 6.56 -60.75 27.16
N VAL D 210 5.99 -59.74 27.82
CA VAL D 210 4.65 -59.21 27.46
C VAL D 210 4.71 -58.72 26.00
N LEU D 211 5.74 -57.97 25.64
CA LEU D 211 5.93 -57.40 24.29
C LEU D 211 6.11 -58.55 23.28
N LEU D 212 6.87 -59.59 23.62
CA LEU D 212 7.10 -60.74 22.70
C LEU D 212 5.76 -61.40 22.32
N LYS D 213 4.90 -61.62 23.31
CA LYS D 213 3.59 -62.29 23.13
C LYS D 213 2.62 -61.43 22.32
N ARG D 214 2.82 -60.12 22.20
CA ARG D 214 1.98 -59.27 21.31
C ARG D 214 2.42 -59.45 19.86
N GLY D 215 3.48 -60.22 19.59
CA GLY D 215 3.85 -60.68 18.24
C GLY D 215 5.18 -60.15 17.69
N CYS D 216 6.04 -59.56 18.52
CA CYS D 216 7.42 -59.19 18.09
C CYS D 216 8.23 -60.46 17.81
N GLN D 217 9.21 -60.40 16.92
CA GLN D 217 10.13 -61.55 16.69
C GLN D 217 11.21 -61.47 17.77
N VAL D 218 11.80 -60.29 17.95
CA VAL D 218 12.89 -60.02 18.94
C VAL D 218 12.47 -58.78 19.74
N VAL D 219 12.65 -58.81 21.07
CA VAL D 219 12.43 -57.63 21.96
C VAL D 219 13.73 -57.35 22.70
N ILE D 220 14.15 -56.09 22.67
CA ILE D 220 15.36 -55.56 23.37
C ILE D 220 14.88 -54.41 24.25
N ILE D 221 15.17 -54.48 25.54
CA ILE D 221 14.95 -53.34 26.47
C ILE D 221 16.32 -52.84 26.91
N THR D 222 16.66 -51.59 26.55
CA THR D 222 17.90 -50.91 26.97
C THR D 222 17.74 -50.42 28.42
N LEU D 223 18.83 -50.49 29.18
CA LEU D 223 18.86 -50.32 30.65
C LEU D 223 19.97 -49.35 31.06
N GLY D 224 20.26 -48.33 30.24
CA GLY D 224 21.34 -47.36 30.52
C GLY D 224 22.64 -48.08 30.85
N ALA D 225 23.20 -47.79 32.03
CA ALA D 225 24.49 -48.34 32.51
C ALA D 225 24.42 -49.86 32.71
N GLU D 226 23.23 -50.45 32.75
CA GLU D 226 23.05 -51.92 32.98
C GLU D 226 23.03 -52.64 31.63
N GLY D 227 23.19 -51.93 30.51
CA GLY D 227 23.31 -52.54 29.18
C GLY D 227 21.96 -52.75 28.53
N CYS D 228 21.58 -54.00 28.26
CA CYS D 228 20.25 -54.32 27.69
C CYS D 228 19.84 -55.75 28.03
N VAL D 229 18.56 -56.04 27.80
CA VAL D 229 17.97 -57.39 27.96
C VAL D 229 17.34 -57.71 26.63
N VAL D 230 17.45 -58.97 26.22
CA VAL D 230 16.92 -59.42 24.92
C VAL D 230 16.19 -60.75 25.11
N LEU D 231 15.12 -60.94 24.36
CA LEU D 231 14.54 -62.28 24.13
C LEU D 231 13.91 -62.31 22.73
N SER D 232 13.52 -63.50 22.29
CA SER D 232 13.09 -63.77 20.90
C SER D 232 12.10 -64.94 20.88
N GLN D 233 11.41 -65.09 19.75
CA GLN D 233 10.47 -66.22 19.49
C GLN D 233 11.23 -67.54 19.73
N THR D 234 12.44 -67.70 19.19
CA THR D 234 13.19 -68.99 19.27
C THR D 234 13.85 -69.11 20.65
N GLU D 235 14.20 -68.00 21.30
CA GLU D 235 14.82 -68.07 22.66
C GLU D 235 14.10 -67.11 23.58
N PRO D 236 12.89 -67.46 24.10
CA PRO D 236 12.09 -66.54 24.91
C PRO D 236 12.60 -66.31 26.35
N GLU D 237 13.64 -67.02 26.77
CA GLU D 237 14.27 -66.84 28.11
C GLU D 237 15.12 -65.57 28.05
N PRO D 238 14.83 -64.55 28.90
CA PRO D 238 15.53 -63.28 28.79
C PRO D 238 17.02 -63.44 29.11
N LYS D 239 17.87 -62.75 28.34
CA LYS D 239 19.34 -62.66 28.55
C LYS D 239 19.67 -61.20 28.88
N HIS D 240 20.46 -60.99 29.94
CA HIS D 240 21.02 -59.68 30.34
C HIS D 240 22.42 -59.55 29.76
N ILE D 241 22.61 -58.55 28.91
CA ILE D 241 23.88 -58.24 28.21
C ILE D 241 24.41 -56.98 28.89
N PRO D 242 25.30 -57.15 29.88
CA PRO D 242 25.85 -56.01 30.61
C PRO D 242 26.83 -55.22 29.73
N THR D 243 27.24 -54.07 30.25
CA THR D 243 28.25 -53.21 29.61
C THR D 243 29.20 -52.79 30.72
N GLU D 244 30.49 -52.73 30.42
CA GLU D 244 31.53 -52.36 31.42
C GLU D 244 31.29 -50.90 31.84
N LYS D 245 31.53 -50.64 33.13
CA LYS D 245 31.54 -49.30 33.76
C LYS D 245 32.39 -48.36 32.87
N VAL D 246 31.81 -47.23 32.46
CA VAL D 246 32.62 -46.09 31.94
C VAL D 246 32.20 -44.81 32.68
N LYS D 247 32.95 -43.72 32.51
CA LYS D 247 32.58 -42.41 33.09
C LYS D 247 31.72 -41.69 32.05
N ALA D 248 30.41 -41.63 32.29
CA ALA D 248 29.44 -40.91 31.44
C ALA D 248 29.68 -39.40 31.58
N VAL D 249 29.80 -38.70 30.46
CA VAL D 249 29.86 -37.22 30.38
C VAL D 249 28.46 -36.69 30.00
N ASP D 250 27.80 -37.34 29.05
CA ASP D 250 26.49 -36.89 28.52
C ASP D 250 25.86 -38.09 27.81
N THR D 251 24.81 -38.66 28.40
CA THR D 251 24.13 -39.87 27.85
C THR D 251 23.08 -39.50 26.80
N THR D 252 22.87 -38.20 26.53
CA THR D 252 21.84 -37.75 25.57
C THR D 252 22.10 -38.47 24.22
N GLY D 253 21.07 -39.07 23.65
CA GLY D 253 21.15 -39.69 22.31
C GLY D 253 21.76 -41.08 22.38
N ALA D 254 22.00 -41.64 23.58
CA ALA D 254 22.67 -42.95 23.73
C ALA D 254 21.79 -44.01 23.06
N GLY D 255 20.49 -43.98 23.31
CA GLY D 255 19.58 -44.98 22.71
C GLY D 255 19.64 -44.96 21.18
N ASP D 256 19.74 -43.77 20.61
CA ASP D 256 19.78 -43.59 19.14
C ASP D 256 21.09 -44.17 18.60
N SER D 257 22.20 -43.96 19.31
CA SER D 257 23.52 -44.56 18.97
C SER D 257 23.36 -46.09 18.97
N PHE D 258 22.72 -46.63 20.01
CA PHE D 258 22.52 -48.08 20.17
C PHE D 258 21.75 -48.62 18.96
N VAL D 259 20.65 -47.96 18.62
CA VAL D 259 19.74 -48.44 17.54
C VAL D 259 20.41 -48.29 16.16
N GLY D 260 21.13 -47.22 15.93
CA GLY D 260 21.86 -47.05 14.67
C GLY D 260 22.99 -48.06 14.56
N ALA D 261 23.71 -48.35 15.64
CA ALA D 261 24.71 -49.45 15.66
C ALA D 261 24.00 -50.78 15.34
N LEU D 262 22.86 -51.04 15.97
CA LEU D 262 22.15 -52.32 15.75
C LEU D 262 21.72 -52.41 14.27
N ALA D 263 21.27 -51.31 13.68
CA ALA D 263 20.86 -51.30 12.24
C ALA D 263 22.09 -51.64 11.40
N PHE D 264 23.23 -51.06 11.74
CA PHE D 264 24.51 -51.30 11.03
C PHE D 264 24.81 -52.81 11.08
N TYR D 265 24.72 -53.46 12.25
CA TYR D 265 25.07 -54.88 12.38
C TYR D 265 24.06 -55.75 11.64
N LEU D 266 22.75 -55.44 11.71
CA LEU D 266 21.71 -56.25 11.02
C LEU D 266 21.98 -56.23 9.51
N ALA D 267 22.42 -55.09 8.99
CA ALA D 267 22.55 -54.85 7.54
C ALA D 267 23.88 -55.44 7.03
N TYR D 268 24.96 -55.32 7.80
CA TYR D 268 26.34 -55.62 7.30
C TYR D 268 26.97 -56.86 7.95
N TYR D 269 26.48 -57.33 9.09
CA TYR D 269 27.00 -58.52 9.80
C TYR D 269 25.86 -59.46 10.07
N PRO D 270 25.14 -59.94 9.04
CA PRO D 270 24.00 -60.84 9.25
C PRO D 270 24.40 -62.18 9.92
N ASN D 271 25.66 -62.58 9.86
CA ASN D 271 26.10 -63.89 10.44
C ASN D 271 26.42 -63.79 11.94
N LEU D 272 26.57 -62.58 12.52
CA LEU D 272 26.77 -62.44 13.99
C LEU D 272 25.52 -62.90 14.72
N SER D 273 25.71 -63.54 15.87
CA SER D 273 24.61 -63.82 16.82
C SER D 273 23.98 -62.47 17.21
N LEU D 274 22.77 -62.52 17.68
CA LEU D 274 22.08 -61.36 18.27
C LEU D 274 22.87 -60.85 19.50
N GLU D 275 23.39 -61.76 20.32
CA GLU D 275 24.14 -61.39 21.55
C GLU D 275 25.39 -60.58 21.15
N ASP D 276 26.08 -61.01 20.09
CA ASP D 276 27.30 -60.34 19.57
C ASP D 276 26.88 -58.94 19.11
N MET D 277 25.84 -58.85 18.29
CA MET D 277 25.36 -57.53 17.79
C MET D 277 25.08 -56.60 18.97
N LEU D 278 24.40 -57.09 20.00
CA LEU D 278 23.96 -56.21 21.13
C LEU D 278 25.17 -55.83 21.99
N ASN D 279 26.13 -56.75 22.12
CA ASN D 279 27.40 -56.48 22.87
C ASN D 279 28.11 -55.34 22.15
N ARG D 280 28.17 -55.36 20.83
CA ARG D 280 28.91 -54.33 20.05
C ARG D 280 28.09 -53.05 20.06
N SER D 281 26.76 -53.13 19.96
CA SER D 281 25.87 -51.96 20.03
C SER D 281 25.99 -51.24 21.38
N ASN D 282 26.04 -51.99 22.48
CA ASN D 282 26.33 -51.45 23.84
C ASN D 282 27.67 -50.71 23.83
N PHE D 283 28.74 -51.34 23.31
CA PHE D 283 30.09 -50.73 23.31
C PHE D 283 30.04 -49.39 22.57
N ILE D 284 29.40 -49.34 21.41
CA ILE D 284 29.37 -48.10 20.57
C ILE D 284 28.54 -47.04 21.30
N ALA D 285 27.39 -47.39 21.86
CA ALA D 285 26.54 -46.40 22.60
C ALA D 285 27.34 -45.91 23.82
N ALA D 286 28.12 -46.79 24.46
CA ALA D 286 28.93 -46.44 25.65
C ALA D 286 30.03 -45.47 25.23
N VAL D 287 30.51 -45.53 23.99
CA VAL D 287 31.49 -44.50 23.52
C VAL D 287 30.77 -43.15 23.45
N SER D 288 29.53 -43.14 22.97
CA SER D 288 28.73 -41.89 22.81
C SER D 288 28.53 -41.22 24.18
N VAL D 289 28.29 -41.97 25.26
CA VAL D 289 28.02 -41.38 26.61
C VAL D 289 29.29 -40.73 27.17
N GLN D 290 30.47 -41.02 26.61
CA GLN D 290 31.75 -40.46 27.13
C GLN D 290 32.05 -39.11 26.48
N ALA D 291 31.15 -38.51 25.69
CA ALA D 291 31.40 -37.16 25.12
C ALA D 291 30.10 -36.36 25.03
N ALA D 292 30.23 -35.03 25.01
CA ALA D 292 29.07 -34.12 24.92
C ALA D 292 28.52 -34.12 23.49
N GLY D 293 27.21 -33.87 23.35
CA GLY D 293 26.62 -33.22 22.16
C GLY D 293 25.88 -34.14 21.19
N THR D 294 25.35 -35.27 21.64
CA THR D 294 24.41 -36.13 20.85
C THR D 294 25.08 -36.63 19.55
N GLN D 295 24.71 -36.11 18.38
CA GLN D 295 25.30 -36.56 17.09
C GLN D 295 26.81 -36.34 17.12
N SER D 296 27.27 -35.24 17.75
N SER D 296 27.26 -35.23 17.71
CA SER D 296 28.70 -34.87 17.84
CA SER D 296 28.69 -34.91 17.76
C SER D 296 29.48 -35.97 18.57
C SER D 296 29.47 -35.98 18.55
N SER D 297 28.81 -36.71 19.47
CA SER D 297 29.43 -37.75 20.32
C SER D 297 29.47 -39.13 19.61
N TYR D 298 28.81 -39.30 18.47
CA TYR D 298 28.69 -40.64 17.83
C TYR D 298 30.00 -41.00 17.13
N PRO D 299 30.67 -42.12 17.49
CA PRO D 299 32.01 -42.39 16.96
C PRO D 299 31.98 -42.88 15.52
N TYR D 300 33.05 -42.58 14.78
CA TYR D 300 33.28 -43.14 13.41
C TYR D 300 34.06 -44.46 13.52
N LYS D 301 33.91 -45.29 12.49
CA LYS D 301 34.60 -46.59 12.43
C LYS D 301 36.10 -46.42 12.69
N LYS D 302 36.72 -45.41 12.07
CA LYS D 302 38.20 -45.24 12.14
C LYS D 302 38.63 -45.03 13.58
N ASP D 303 37.74 -44.57 14.46
CA ASP D 303 38.08 -44.19 15.86
C ASP D 303 37.72 -45.32 16.84
N LEU D 304 37.31 -46.47 16.33
CA LEU D 304 36.79 -47.59 17.17
C LEU D 304 37.69 -48.80 17.05
N PRO D 305 37.73 -49.69 18.09
CA PRO D 305 38.57 -50.89 18.04
C PRO D 305 38.18 -51.79 16.85
N LEU D 306 39.17 -52.40 16.19
CA LEU D 306 38.98 -53.24 14.98
C LEU D 306 38.12 -54.47 15.32
N THR D 307 38.10 -54.91 16.59
CA THR D 307 37.35 -56.10 17.06
C THR D 307 35.85 -55.87 16.91
N LEU D 308 35.39 -54.62 16.83
CA LEU D 308 33.95 -54.39 16.55
C LEU D 308 33.53 -54.79 15.13
N PHE D 309 34.51 -55.01 14.24
CA PHE D 309 34.26 -55.23 12.79
C PHE D 309 34.77 -56.63 12.37
N LEU D 310 35.24 -57.44 13.32
CA LEU D 310 35.79 -58.79 13.05
C LEU D 310 34.67 -59.81 13.17
N GLU D 311 34.78 -60.94 12.45
CA GLU D 311 33.86 -62.10 12.57
C GLU D 311 33.98 -62.74 14.00
N HIS D 312 32.90 -63.41 14.41
CA HIS D 312 32.94 -64.41 15.51
C HIS D 312 33.01 -65.77 14.83
N HIS D 313 34.21 -66.34 14.77
CA HIS D 313 34.40 -67.66 14.11
C HIS D 313 33.62 -68.81 14.92
N HIS D 314 32.91 -69.62 14.15
CA HIS D 314 31.98 -70.63 14.69
C HIS D 314 31.78 -71.79 13.71
N HIS D 315 31.45 -72.98 14.25
CA HIS D 315 30.98 -74.17 13.50
C HIS D 315 29.46 -74.12 13.22
N HIS D 316 28.92 -75.07 12.43
CA HIS D 316 27.46 -75.25 12.09
C HIS D 316 26.65 -73.98 12.41
PG ACP E . -9.85 17.55 -4.40
O1G ACP E . -9.90 19.00 -4.03
O2G ACP E . -8.70 17.35 -5.57
O3G ACP E . -11.28 16.85 -4.75
PB ACP E . -8.89 14.95 -3.27
O1B ACP E . -10.23 14.14 -3.48
O2B ACP E . -7.90 14.93 -4.50
C3B ACP E . -9.28 16.68 -2.89
PA ACP E . -7.22 14.60 -1.03
O1A ACP E . -7.84 14.43 0.35
O2A ACP E . -6.62 15.95 -1.31
O3A ACP E . -8.39 14.13 -1.93
O5' ACP E . -6.06 13.47 -1.24
C5' ACP E . -6.45 12.11 -1.35
C4' ACP E . -5.27 11.23 -0.96
O4' ACP E . -4.18 11.59 -1.81
C3' ACP E . -4.75 11.49 0.44
O3' ACP E . -5.47 10.80 1.45
C2' ACP E . -3.29 11.10 0.31
O2' ACP E . -3.15 9.66 0.35
C1' ACP E . -2.96 11.66 -1.05
N9 ACP E . -2.41 13.05 -1.03
C8 ACP E . -3.06 14.17 -1.43
N7 ACP E . -2.28 15.27 -1.29
C5 ACP E . -1.09 14.84 -0.77
C6 ACP E . 0.20 15.48 -0.41
N6 ACP E . 0.32 16.82 -0.56
N1 ACP E . 1.23 14.72 0.07
C2 ACP E . 1.06 13.40 0.21
N3 ACP E . -0.08 12.75 -0.14
C4 ACP E . -1.18 13.39 -0.63
NA NA F . -0.63 14.24 -9.96
NA NA G . -11.95 12.76 -4.76
O5 RIB H . -16.81 36.11 -32.78
C5 RIB H . -17.00 34.71 -32.41
C4 RIB H . -15.67 33.95 -32.49
O4 RIB H . -14.70 34.55 -31.65
C3 RIB H . -15.80 32.51 -32.06
O3 RIB H . -16.06 31.69 -33.19
C2 RIB H . -14.49 32.16 -31.36
O2 RIB H . -13.64 31.25 -32.11
C1 RIB H . -13.87 33.53 -31.08
O1 RIB H . -12.69 33.70 -31.75
PG ACP I . -20.00 39.81 -28.49
PG ACP I . -21.66 37.37 -28.98
O1G ACP I . -20.60 38.46 -28.46
O1G ACP I . -20.62 36.51 -29.60
O2G ACP I . -20.13 40.53 -27.07
O2G ACP I . -22.68 36.52 -28.09
O3G ACP I . -18.48 39.69 -29.01
O3G ACP I . -20.99 38.51 -28.05
PB ACP I . -21.06 40.37 -31.32
PB ACP I . -21.78 39.62 -31.08
O1B ACP I . -19.94 41.03 -32.02
O1B ACP I . -20.86 40.38 -30.19
O2B ACP I . -20.94 38.78 -31.63
O2B ACP I . -21.01 38.95 -32.33
C3B ACP I . -21.03 40.86 -29.57
C3B ACP I . -22.58 38.19 -30.31
PA ACP I . -23.19 42.25 -31.74
PA ACP I . -22.94 42.19 -31.89
O1A ACP I . -22.32 43.46 -31.87
O1A ACP I . -23.30 43.01 -30.70
O2A ACP I . -23.87 41.94 -30.43
O2A ACP I . -21.62 42.42 -32.60
O3A ACP I . -22.34 40.94 -32.12
O3A ACP I . -23.00 40.61 -31.54
O5' ACP I . -24.24 42.10 -32.92
O5' ACP I . -24.10 42.28 -32.97
C5' ACP I . -23.79 41.99 -34.25
C5' ACP I . -23.84 41.81 -34.27
C4' ACP I . -24.99 42.21 -35.13
C4' ACP I . -25.01 42.14 -35.15
O4' ACP I . -25.77 41.04 -35.05
O4' ACP I . -25.85 41.00 -35.17
C3' ACP I . -25.92 43.36 -34.76
C3' ACP I . -25.90 43.29 -34.70
O3' ACP I . -25.54 44.58 -35.37
O3' ACP I . -25.41 44.56 -35.14
C2' ACP I . -27.27 42.87 -35.26
C2' ACP I . -27.24 42.90 -35.29
O2' ACP I . -27.46 43.12 -36.67
O2' ACP I . -27.35 43.20 -36.69
C1' ACP I . -27.16 41.36 -35.09
C1' ACP I . -27.23 41.40 -35.15
N9 ACP I . -27.75 40.98 -33.79
N9 ACP I . -27.79 41.01 -33.85
C8 ACP I . -27.07 40.72 -32.64
C8 ACP I . -27.09 40.76 -32.70
N7 ACP I . -27.92 40.43 -31.63
N7 ACP I . -27.93 40.45 -31.69
C5 ACP I . -29.15 40.49 -32.16
C5 ACP I . -29.17 40.51 -32.21
C6 ACP I . -30.50 40.28 -31.66
C6 ACP I . -30.52 40.27 -31.69
N6 ACP I . -30.70 39.94 -30.37
N6 ACP I . -30.70 39.94 -30.40
N1 ACP I . -31.52 40.45 -32.53
N1 ACP I . -31.54 40.43 -32.55
C2 ACP I . -31.33 40.78 -33.81
C2 ACP I . -31.37 40.77 -33.84
N3 ACP I . -30.12 40.98 -34.35
N3 ACP I . -30.15 40.98 -34.39
C4 ACP I . -29.04 40.85 -33.57
C4 ACP I . -29.07 40.87 -33.61
NA NA J . -25.92 31.90 -34.16
NA NA K . -17.21 40.43 -33.15
O5 RIB L . 10.24 -8.72 27.56
C5 RIB L . 10.20 -9.87 26.68
C4 RIB L . 11.60 -10.12 26.11
O4 RIB L . 12.46 -10.60 27.16
C3 RIB L . 11.65 -11.14 24.95
O3 RIB L . 11.61 -10.48 23.67
C2 RIB L . 13.02 -11.86 25.19
O2 RIB L . 13.96 -11.60 24.14
C1 RIB L . 13.55 -11.25 26.49
O1 RIB L . 14.50 -10.24 26.19
PG ACP M . 6.65 -10.61 32.37
O1G ACP M . 6.17 -11.00 31.00
O2G ACP M . 8.19 -10.11 32.16
O3G ACP M . 6.49 -11.74 33.50
PB ACP M . 5.57 -7.79 32.01
O1B ACP M . 6.91 -7.13 32.28
O2B ACP M . 5.56 -8.04 30.41
C3B ACP M . 5.43 -9.34 32.96
PA ACP M . 3.05 -6.87 33.01
O1A ACP M . 2.90 -6.24 34.37
O2A ACP M . 2.51 -8.28 32.87
O3A ACP M . 4.51 -6.65 32.51
O5' ACP M . 2.30 -6.08 31.82
C5' ACP M . 2.75 -4.84 31.28
C4' ACP M . 1.59 -3.97 30.85
O4' ACP M . 0.99 -4.58 29.71
C3' ACP M . 0.44 -3.77 31.84
O3' ACP M . 0.65 -2.70 32.76
C2' ACP M . -0.72 -3.48 30.92
O2' ACP M . -0.69 -2.10 30.48
C1' ACP M . -0.41 -4.42 29.77
N9 ACP M . -0.98 -5.76 29.94
C8 ACP M . -0.28 -6.90 30.25
N7 ACP M . -1.12 -7.97 30.32
C5 ACP M . -2.35 -7.49 30.05
C6 ACP M . -3.69 -8.08 29.88
N6 ACP M . -3.83 -9.41 30.11
N1 ACP M . -4.74 -7.28 29.56
C2 ACP M . -4.59 -5.98 29.38
N3 ACP M . -3.38 -5.37 29.45
C4 ACP M . -2.25 -6.06 29.78
NA NA N . 2.26 -9.98 22.19
NA NA O . 9.12 -6.28 31.41
PG ACP P . 16.39 -41.42 27.28
O1G ACP P . 15.77 -41.33 25.93
O2G ACP P . 15.25 -41.14 28.36
O3G ACP P . 17.66 -40.39 27.42
PB ACP P . 18.16 -43.54 26.26
O1B ACP P . 17.26 -44.06 25.15
O2B ACP P . 19.17 -42.37 25.81
C3B ACP P . 17.02 -43.10 27.59
PA ACP P . 19.00 -46.00 27.40
O1A ACP P . 17.98 -46.60 26.47
O2A ACP P . 18.80 -45.95 28.89
O3A ACP P . 19.29 -44.53 26.83
O5' ACP P . 20.46 -46.60 27.13
C5' ACP P . 20.91 -46.69 25.77
C4' ACP P . 22.18 -47.51 25.62
O4' ACP P . 23.30 -46.64 25.71
C3' ACP P . 22.38 -48.61 26.67
O3' ACP P . 21.73 -49.82 26.28
C2' ACP P . 23.88 -48.72 26.75
O2' ACP P . 24.44 -49.59 25.74
C1' ACP P . 24.33 -47.27 26.51
N9 ACP P . 24.49 -46.50 27.77
C8 ACP P . 23.63 -45.58 28.24
N7 ACP P . 24.06 -45.04 29.40
C5 ACP P . 25.23 -45.62 29.70
C6 ACP P . 26.21 -45.51 30.80
N6 ACP P . 26.00 -44.64 31.82
N1 ACP P . 27.31 -46.30 30.74
C2 ACP P . 27.51 -47.16 29.73
N3 ACP P . 26.65 -47.32 28.70
C4 ACP P . 25.52 -46.59 28.63
NA NA Q . 26.88 -38.44 24.38
NA NA R . 15.83 -44.10 23.15
#